data_9BT4
#
_entry.id   9BT4
#
_cell.length_a   79.121
_cell.length_b   79.121
_cell.length_c   496.524
_cell.angle_alpha   90.000
_cell.angle_beta   90.000
_cell.angle_gamma   120.000
#
_symmetry.space_group_name_H-M   'P 65'
#
loop_
_entity.id
_entity.type
_entity.pdbx_description
1 polymer 'Pyruvate:Ferredoxin Oxidoreductase, subunit alpha'
2 polymer 'Pyruvate:Ferredoxin Oxidoreductase, subunit beta'
3 polymer 'Pyruvate:Ferredoxin Oxidoreductase, subunit delta'
4 polymer 'Pyruvate:Ferredoxin Oxidoreductase, subunit gamma'
5 non-polymer 'IRON/SULFUR CLUSTER'
6 non-polymer 'THIAMINE DIPHOSPHATE'
7 non-polymer 'MAGNESIUM ION'
8 water water
#
loop_
_entity_poly.entity_id
_entity_poly.type
_entity_poly.pdbx_seq_one_letter_code
_entity_poly.pdbx_strand_id
1 'polypeptide(L)'
;MPLNSADKAKMVVVEGSYAVAHAAKVSRPNVISAYPITPQTHIVEDLSQFMADGEIPNCEYINVESEFSAISALVGASAV
GARTYSATTSQGLLLMHEVLFNAAGMRLPIVMTVANRAVSAPINIWNDHQDSIAQRDTGWLQLYAEDVQEAADMVPQIFK
IAEDKDVLLPGMACMDGFILSHVYEPVVLLEQDLTDEFLPKYEPEYVLDPKNPLTFGAFADPSTYTEFRYLQEKAMQAAL
PKIEAVSKEFAEIYGRDHGGLIDGYQLEDAEVVIMAMGSLVGTLKDVVDRYRAKGEKIGILKVRSFRPFPKMQIRKALAN
ANAVVVLDKNISIGTNEGALFTETKACMYNSRCDIPIIGYTLNHGGRDVSVQLVEKIIEETKKVAKSGITVESQFADVKE
ELL
;
B,A
2 'polypeptide(L)'
;MSKPAPKTYLSPGHRGCAGCCDALASKFMLMGAGPDTIVINPTGCLEVMTTPFPESAWQVPWIHSLFENGGAVASGVEAA
LKALGRKGNTRVIGVGGDGSTMDIGIRSLSGAFERGHDITYVCVDNEAYMNTGIQRSSGTPFDASTTTSPAGKVSFGNPR
PKKDMPAIMAAHGSPYVATTSIGFPRDMMRKVKKATEIVGPTYIHSHAPCPTGWGFDGSKTIEIAKLAVETCLWPMYEME
NGEITQVRKVKDSRPVEEYLRAQKRFKHLFTMEGGEEEIAKIQAAADWNIKHYGLQ
;
C,D
3 'polypeptide(L)'
;AVPIGGTCEPGSTLANKTGGWRNFRPVYIYEKCTKCGICQIVCPDMSVLPREDGFFEYNYDYCKGCGICANECPADAIEM
ILEEK
;
G,H
4 'polypeptide(L)'
;MKEIRIHGRGGQGSVTAAEMLSVAAFEDGKFSQAFPAFGVERRGAPVQAFTRLSDSPIRLRSQIYTPDYVIVQDATLLET
VNVASGIKDDGIIIINTKEKPEDLKLDTKARVMTVDATKVAMDIIGLPIVNTVLLGAFAGATGEINVESIKKAVKDRFSG
KVADKNAQAIQKAYELIRGEEA
;
E,F
#
loop_
_chem_comp.id
_chem_comp.type
_chem_comp.name
_chem_comp.formula
MG non-polymer 'MAGNESIUM ION' 'Mg 2'
SF4 non-polymer 'IRON/SULFUR CLUSTER' 'Fe4 S4'
TPP non-polymer 'THIAMINE DIPHOSPHATE' 'C12 H19 N4 O7 P2 S 1'
#
# COMPACT_ATOMS: atom_id res chain seq x y z
N PRO A 2 -15.35 10.39 -28.88
CA PRO A 2 -16.54 9.86 -28.24
C PRO A 2 -17.45 9.18 -29.26
N LEU A 3 -18.66 8.82 -28.84
CA LEU A 3 -19.61 8.11 -29.68
C LEU A 3 -19.89 8.93 -30.95
N ASN A 4 -19.96 8.23 -32.09
CA ASN A 4 -20.24 8.83 -33.37
C ASN A 4 -21.66 8.42 -33.78
N SER A 5 -22.56 9.40 -33.88
CA SER A 5 -23.98 9.15 -34.15
C SER A 5 -24.18 8.45 -35.50
N ALA A 6 -23.22 8.64 -36.42
CA ALA A 6 -23.25 8.05 -37.75
C ALA A 6 -23.15 6.52 -37.68
N ASP A 7 -22.77 5.99 -36.51
CA ASP A 7 -22.50 4.57 -36.32
C ASP A 7 -23.72 3.84 -35.78
N LYS A 8 -24.88 4.50 -35.80
CA LYS A 8 -26.07 4.05 -35.09
C LYS A 8 -26.42 2.59 -35.42
N ALA A 9 -26.31 2.23 -36.71
CA ALA A 9 -26.74 0.93 -37.20
C ALA A 9 -25.84 -0.19 -36.66
N LYS A 10 -24.65 0.17 -36.18
CA LYS A 10 -23.66 -0.81 -35.73
C LYS A 10 -23.65 -0.91 -34.21
N MET A 11 -24.47 -0.11 -33.54
CA MET A 11 -24.42 0.00 -32.09
C MET A 11 -25.31 -1.06 -31.44
N VAL A 12 -24.94 -1.42 -30.20
CA VAL A 12 -25.77 -2.24 -29.33
C VAL A 12 -25.80 -1.57 -27.96
N VAL A 13 -26.89 -1.80 -27.21
CA VAL A 13 -27.00 -1.28 -25.85
C VAL A 13 -26.48 -2.33 -24.88
N VAL A 14 -25.37 -2.03 -24.21
CA VAL A 14 -24.78 -2.89 -23.20
C VAL A 14 -24.30 -2.03 -22.03
N GLU A 15 -23.96 -2.67 -20.91
CA GLU A 15 -23.41 -1.96 -19.76
C GLU A 15 -22.00 -1.50 -20.10
N GLY A 16 -21.64 -0.32 -19.60
CA GLY A 16 -20.30 0.24 -19.79
C GLY A 16 -19.21 -0.77 -19.43
N SER A 17 -19.38 -1.44 -18.28
CA SER A 17 -18.45 -2.43 -17.79
C SER A 17 -18.34 -3.60 -18.78
N TYR A 18 -19.46 -3.94 -19.41
CA TYR A 18 -19.47 -5.01 -20.41
C TYR A 18 -18.64 -4.58 -21.61
N ALA A 19 -18.88 -3.36 -22.10
CA ALA A 19 -18.17 -2.86 -23.27
C ALA A 19 -16.67 -2.86 -23.04
N VAL A 20 -16.25 -2.50 -21.82
CA VAL A 20 -14.85 -2.41 -21.45
C VAL A 20 -14.24 -3.82 -21.32
N ALA A 21 -14.96 -4.74 -20.67
CA ALA A 21 -14.50 -6.11 -20.51
C ALA A 21 -14.34 -6.76 -21.88
N HIS A 22 -15.33 -6.56 -22.75
CA HIS A 22 -15.31 -7.02 -24.13
C HIS A 22 -14.05 -6.48 -24.84
N ALA A 23 -13.77 -5.19 -24.68
CA ALA A 23 -12.64 -4.56 -25.35
C ALA A 23 -11.33 -5.16 -24.87
N ALA A 24 -11.25 -5.43 -23.56
CA ALA A 24 -10.09 -6.07 -22.98
C ALA A 24 -9.86 -7.46 -23.58
N LYS A 25 -10.92 -8.27 -23.63
CA LYS A 25 -10.86 -9.60 -24.24
C LYS A 25 -10.33 -9.51 -25.68
N VAL A 26 -10.93 -8.61 -26.48
CA VAL A 26 -10.59 -8.47 -27.89
C VAL A 26 -9.15 -7.99 -28.06
N SER A 27 -8.59 -7.35 -27.03
CA SER A 27 -7.21 -6.87 -27.01
C SER A 27 -6.23 -8.00 -26.69
N ARG A 28 -6.76 -9.20 -26.40
CA ARG A 28 -5.97 -10.43 -26.27
C ARG A 28 -4.89 -10.31 -25.19
N PRO A 29 -5.26 -10.08 -23.89
CA PRO A 29 -4.28 -10.15 -22.82
C PRO A 29 -3.88 -11.62 -22.61
N ASN A 30 -2.72 -11.84 -21.98
CA ASN A 30 -2.26 -13.18 -21.67
C ASN A 30 -2.39 -13.44 -20.18
N VAL A 31 -2.38 -12.38 -19.37
CA VAL A 31 -2.61 -12.52 -17.93
C VAL A 31 -3.55 -11.40 -17.49
N ILE A 32 -4.67 -11.80 -16.87
CA ILE A 32 -5.59 -10.90 -16.20
C ILE A 32 -5.53 -11.21 -14.71
N SER A 33 -5.36 -10.17 -13.90
CA SER A 33 -5.49 -10.28 -12.46
C SER A 33 -6.69 -9.46 -12.02
N ALA A 34 -7.33 -9.89 -10.93
CA ALA A 34 -8.59 -9.28 -10.54
C ALA A 34 -8.74 -9.28 -9.02
N TYR A 35 -9.07 -8.09 -8.49
CA TYR A 35 -9.54 -7.96 -7.12
C TYR A 35 -10.78 -7.08 -7.12
N PRO A 36 -11.90 -7.51 -6.48
CA PRO A 36 -13.15 -6.75 -6.55
C PRO A 36 -13.16 -5.51 -5.68
N ILE A 37 -13.79 -4.45 -6.20
CA ILE A 37 -14.09 -3.22 -5.47
C ILE A 37 -15.11 -2.41 -6.27
N THR A 38 -16.20 -2.02 -5.60
CA THR A 38 -17.22 -1.16 -6.18
C THR A 38 -16.58 0.16 -6.56
N PRO A 39 -16.89 0.75 -7.76
CA PRO A 39 -17.75 0.14 -8.76
C PRO A 39 -17.06 -0.49 -9.98
N GLN A 40 -15.91 -1.13 -9.74
CA GLN A 40 -15.13 -1.78 -10.78
C GLN A 40 -15.62 -3.21 -11.04
N THR A 41 -16.44 -3.77 -10.14
CA THR A 41 -16.67 -5.21 -10.05
C THR A 41 -17.20 -5.81 -11.36
N HIS A 42 -18.09 -5.09 -12.05
CA HIS A 42 -18.76 -5.65 -13.23
C HIS A 42 -17.72 -5.95 -14.32
N ILE A 43 -16.65 -5.17 -14.40
CA ILE A 43 -15.61 -5.40 -15.39
C ILE A 43 -15.00 -6.78 -15.19
N VAL A 44 -14.57 -7.08 -13.96
CA VAL A 44 -13.85 -8.32 -13.71
C VAL A 44 -14.81 -9.51 -13.67
N GLU A 45 -16.07 -9.27 -13.27
CA GLU A 45 -17.09 -10.31 -13.29
C GLU A 45 -17.32 -10.76 -14.73
N ASP A 46 -17.40 -9.80 -15.66
CA ASP A 46 -17.63 -10.06 -17.06
C ASP A 46 -16.46 -10.83 -17.66
N LEU A 47 -15.23 -10.42 -17.29
CA LEU A 47 -14.01 -11.09 -17.73
C LEU A 47 -13.99 -12.53 -17.22
N SER A 48 -14.40 -12.74 -15.97
CA SER A 48 -14.36 -14.07 -15.38
C SER A 48 -15.36 -15.00 -16.08
N GLN A 49 -16.48 -14.42 -16.54
CA GLN A 49 -17.49 -15.20 -17.26
C GLN A 49 -16.93 -15.62 -18.62
N PHE A 50 -16.23 -14.70 -19.31
CA PHE A 50 -15.58 -15.00 -20.57
C PHE A 50 -14.60 -16.15 -20.39
N MET A 51 -13.84 -16.11 -19.28
CA MET A 51 -12.90 -17.18 -18.95
C MET A 51 -13.64 -18.48 -18.68
N ALA A 52 -14.78 -18.39 -17.97
CA ALA A 52 -15.56 -19.56 -17.59
C ALA A 52 -16.14 -20.26 -18.82
N ASP A 53 -16.30 -19.50 -19.91
CA ASP A 53 -16.87 -20.00 -21.16
C ASP A 53 -15.77 -20.30 -22.17
N GLY A 54 -14.50 -20.10 -21.77
CA GLY A 54 -13.33 -20.43 -22.57
C GLY A 54 -13.15 -19.49 -23.76
N GLU A 55 -13.56 -18.23 -23.60
CA GLU A 55 -13.62 -17.30 -24.72
C GLU A 55 -12.29 -16.60 -24.94
N ILE A 56 -11.38 -16.64 -23.96
CA ILE A 56 -10.12 -15.91 -24.09
C ILE A 56 -8.97 -16.92 -24.21
N PRO A 57 -8.43 -17.16 -25.44
CA PRO A 57 -7.31 -18.08 -25.62
C PRO A 57 -6.00 -17.47 -25.11
N ASN A 58 -5.02 -18.34 -24.84
CA ASN A 58 -3.66 -17.96 -24.46
C ASN A 58 -3.71 -16.96 -23.30
N CYS A 59 -4.54 -17.24 -22.29
CA CYS A 59 -4.76 -16.29 -21.21
C CYS A 59 -5.06 -17.03 -19.91
N GLU A 60 -4.45 -16.53 -18.82
CA GLU A 60 -4.71 -16.98 -17.47
C GLU A 60 -5.33 -15.84 -16.69
N TYR A 61 -6.31 -16.17 -15.85
CA TYR A 61 -7.01 -15.20 -15.02
C TYR A 61 -6.80 -15.55 -13.55
N ILE A 62 -6.35 -14.58 -12.74
CA ILE A 62 -6.00 -14.82 -11.36
C ILE A 62 -6.91 -14.00 -10.44
N ASN A 63 -7.70 -14.69 -9.61
CA ASN A 63 -8.43 -14.10 -8.51
C ASN A 63 -7.49 -14.00 -7.31
N VAL A 64 -6.83 -12.84 -7.17
CA VAL A 64 -5.82 -12.62 -6.14
C VAL A 64 -6.51 -12.27 -4.82
N GLU A 65 -5.70 -12.06 -3.77
CA GLU A 65 -6.18 -11.82 -2.41
C GLU A 65 -6.06 -10.35 -2.02
N SER A 66 -5.49 -9.52 -2.90
CA SER A 66 -5.38 -8.08 -2.65
C SER A 66 -5.03 -7.35 -3.94
N GLU A 67 -5.25 -6.04 -3.97
CA GLU A 67 -4.86 -5.23 -5.12
C GLU A 67 -3.34 -5.19 -5.24
N PHE A 68 -2.65 -5.22 -4.09
CA PHE A 68 -1.19 -5.23 -4.10
C PHE A 68 -0.71 -6.42 -4.93
N SER A 69 -1.34 -7.58 -4.74
CA SER A 69 -1.00 -8.77 -5.48
C SER A 69 -1.52 -8.72 -6.93
N ALA A 70 -2.62 -8.00 -7.16
CA ALA A 70 -3.17 -7.87 -8.51
C ALA A 70 -2.12 -7.27 -9.45
N ILE A 71 -1.61 -6.10 -9.06
CA ILE A 71 -0.63 -5.39 -9.88
C ILE A 71 0.72 -6.12 -9.86
N SER A 72 1.08 -6.72 -8.72
CA SER A 72 2.38 -7.36 -8.56
C SER A 72 2.49 -8.59 -9.45
N ALA A 73 1.40 -9.35 -9.57
CA ALA A 73 1.36 -10.48 -10.47
C ALA A 73 1.60 -10.02 -11.92
N LEU A 74 1.05 -8.85 -12.27
CA LEU A 74 1.18 -8.34 -13.63
C LEU A 74 2.62 -7.88 -13.91
N VAL A 75 3.34 -7.47 -12.86
CA VAL A 75 4.76 -7.13 -12.98
C VAL A 75 5.52 -8.39 -13.39
N GLY A 76 5.28 -9.49 -12.67
CA GLY A 76 5.90 -10.77 -12.98
C GLY A 76 5.54 -11.23 -14.39
N ALA A 77 4.25 -11.12 -14.72
CA ALA A 77 3.72 -11.65 -15.97
C ALA A 77 4.25 -10.82 -17.15
N SER A 78 4.30 -9.50 -16.98
CA SER A 78 4.75 -8.60 -18.04
C SER A 78 6.20 -8.90 -18.40
N ALA A 79 7.01 -9.16 -17.37
CA ALA A 79 8.44 -9.38 -17.51
C ALA A 79 8.74 -10.71 -18.21
N VAL A 80 7.76 -11.64 -18.20
CA VAL A 80 7.86 -12.88 -18.94
C VAL A 80 7.51 -12.64 -20.41
N GLY A 81 6.74 -11.57 -20.68
CA GLY A 81 6.39 -11.21 -22.04
C GLY A 81 4.87 -11.22 -22.30
N ALA A 82 4.07 -11.44 -21.25
CA ALA A 82 2.62 -11.43 -21.38
C ALA A 82 2.09 -10.02 -21.54
N ARG A 83 1.07 -9.87 -22.40
CA ARG A 83 0.22 -8.69 -22.34
C ARG A 83 -0.63 -8.79 -21.08
N THR A 84 -0.69 -7.70 -20.30
CA THR A 84 -1.27 -7.74 -18.96
C THR A 84 -2.41 -6.73 -18.81
N TYR A 85 -3.45 -7.12 -18.07
CA TYR A 85 -4.60 -6.27 -17.85
C TYR A 85 -5.18 -6.46 -16.45
N SER A 86 -5.59 -5.34 -15.83
CA SER A 86 -6.45 -5.38 -14.66
C SER A 86 -7.39 -4.19 -14.67
N ALA A 87 -8.23 -4.10 -13.64
CA ALA A 87 -9.07 -2.93 -13.42
C ALA A 87 -9.18 -2.72 -11.91
N THR A 88 -9.23 -1.46 -11.50
CA THR A 88 -9.27 -1.13 -10.08
C THR A 88 -9.91 0.25 -9.90
N THR A 89 -9.86 0.77 -8.67
CA THR A 89 -10.42 2.06 -8.32
C THR A 89 -10.12 2.36 -6.85
N SER A 90 -10.16 3.64 -6.49
CA SER A 90 -10.36 4.05 -5.11
C SER A 90 -9.34 3.40 -4.18
N GLN A 91 -9.82 2.77 -3.11
CA GLN A 91 -9.00 2.15 -2.09
C GLN A 91 -8.02 1.16 -2.72
N GLY A 92 -8.49 0.49 -3.78
CA GLY A 92 -7.68 -0.52 -4.46
C GLY A 92 -6.46 0.12 -5.12
N LEU A 93 -6.70 1.21 -5.83
CA LEU A 93 -5.65 1.94 -6.53
C LEU A 93 -4.66 2.54 -5.52
N LEU A 94 -5.17 3.01 -4.37
CA LEU A 94 -4.34 3.60 -3.34
C LEU A 94 -3.38 2.56 -2.77
N LEU A 95 -3.88 1.34 -2.55
CA LEU A 95 -3.07 0.26 -2.01
C LEU A 95 -1.92 -0.06 -2.98
N MET A 96 -2.20 0.06 -4.28
CA MET A 96 -1.23 -0.26 -5.34
C MET A 96 -0.10 0.77 -5.43
N HIS A 97 -0.25 1.93 -4.78
CA HIS A 97 0.60 3.11 -4.96
C HIS A 97 2.07 2.75 -5.15
N GLU A 98 2.61 1.96 -4.22
CA GLU A 98 4.02 1.60 -4.23
C GLU A 98 4.37 0.81 -5.48
N VAL A 99 3.47 -0.10 -5.88
CA VAL A 99 3.71 -0.95 -7.04
C VAL A 99 3.55 -0.13 -8.32
N LEU A 100 2.75 0.94 -8.27
CA LEU A 100 2.59 1.80 -9.44
C LEU A 100 3.94 2.42 -9.80
N PHE A 101 4.64 2.99 -8.81
CA PHE A 101 5.98 3.52 -8.97
C PHE A 101 6.93 2.45 -9.51
N ASN A 102 6.84 1.24 -8.95
CA ASN A 102 7.73 0.14 -9.28
C ASN A 102 7.55 -0.27 -10.75
N ALA A 103 6.29 -0.44 -11.16
CA ALA A 103 5.97 -0.91 -12.50
C ALA A 103 6.44 0.08 -13.58
N ALA A 104 6.19 1.38 -13.33
CA ALA A 104 6.61 2.41 -14.28
C ALA A 104 8.13 2.49 -14.36
N GLY A 105 8.80 2.29 -13.21
CA GLY A 105 10.26 2.30 -13.16
C GLY A 105 10.87 1.06 -13.80
N MET A 106 10.11 -0.05 -13.82
CA MET A 106 10.53 -1.27 -14.48
C MET A 106 10.24 -1.19 -15.98
N ARG A 107 9.51 -0.15 -16.39
CA ARG A 107 9.19 0.12 -17.78
C ARG A 107 8.38 -1.02 -18.37
N LEU A 108 7.37 -1.48 -17.61
CA LEU A 108 6.53 -2.59 -18.01
C LEU A 108 5.17 -2.07 -18.44
N PRO A 109 4.73 -2.34 -19.68
CA PRO A 109 3.52 -1.75 -20.24
C PRO A 109 2.20 -2.40 -19.82
N ILE A 110 1.99 -2.48 -18.50
CA ILE A 110 0.77 -2.98 -17.88
C ILE A 110 -0.34 -1.96 -18.09
N VAL A 111 -1.54 -2.44 -18.45
CA VAL A 111 -2.69 -1.59 -18.65
C VAL A 111 -3.77 -1.93 -17.62
N MET A 112 -4.39 -0.88 -17.06
CA MET A 112 -5.52 -1.04 -16.17
C MET A 112 -6.60 -0.01 -16.52
N THR A 113 -7.87 -0.45 -16.46
CA THR A 113 -8.99 0.47 -16.42
C THR A 113 -9.20 0.90 -14.97
N VAL A 114 -9.35 2.21 -14.77
CA VAL A 114 -9.71 2.73 -13.46
C VAL A 114 -11.14 3.28 -13.53
N ALA A 115 -12.01 2.77 -12.64
CA ALA A 115 -13.38 3.22 -12.54
C ALA A 115 -13.48 4.19 -11.36
N ASN A 116 -13.11 5.45 -11.61
CA ASN A 116 -12.81 6.45 -10.61
C ASN A 116 -13.85 6.51 -9.50
N ARG A 117 -13.38 6.45 -8.25
CA ARG A 117 -14.21 6.55 -7.06
C ARG A 117 -13.46 7.26 -5.95
N ALA A 118 -14.22 7.94 -5.08
CA ALA A 118 -13.70 8.72 -3.97
C ALA A 118 -12.93 7.85 -2.98
N VAL A 119 -12.11 8.50 -2.15
CA VAL A 119 -11.20 7.81 -1.24
C VAL A 119 -11.53 8.16 0.21
N SER A 120 -11.30 7.15 1.07
CA SER A 120 -11.51 7.20 2.51
C SER A 120 -10.42 8.04 3.17
N ALA A 121 -10.72 8.74 4.28
CA ALA A 121 -11.98 8.71 4.99
C ALA A 121 -12.69 10.05 4.87
N PRO A 122 -14.04 10.09 5.05
CA PRO A 122 -14.82 8.86 5.26
C PRO A 122 -14.98 8.04 3.98
N ILE A 123 -15.18 6.73 4.15
CA ILE A 123 -15.40 5.84 3.02
C ILE A 123 -16.65 6.28 2.26
N ASN A 124 -16.62 6.09 0.93
CA ASN A 124 -17.62 6.60 0.00
C ASN A 124 -17.38 5.86 -1.32
N ILE A 125 -18.46 5.34 -1.91
CA ILE A 125 -18.34 4.40 -3.02
C ILE A 125 -18.61 5.07 -4.37
N TRP A 126 -18.76 6.41 -4.38
CA TRP A 126 -19.22 7.10 -5.57
C TRP A 126 -18.07 7.85 -6.27
N ASN A 127 -18.38 8.44 -7.43
CA ASN A 127 -17.39 8.95 -8.36
C ASN A 127 -16.71 10.21 -7.84
N ASP A 128 -15.40 10.26 -8.12
CA ASP A 128 -14.45 11.28 -7.72
C ASP A 128 -13.14 10.88 -8.40
N HIS A 129 -12.32 11.85 -8.83
CA HIS A 129 -11.08 11.53 -9.54
C HIS A 129 -9.89 11.49 -8.60
N GLN A 130 -10.15 11.55 -7.28
CA GLN A 130 -9.07 11.66 -6.30
C GLN A 130 -8.13 10.46 -6.39
N ASP A 131 -8.70 9.28 -6.69
CA ASP A 131 -7.95 8.03 -6.68
C ASP A 131 -6.79 8.08 -7.69
N SER A 132 -7.09 8.37 -8.95
CA SER A 132 -6.08 8.37 -10.01
C SER A 132 -5.21 9.63 -9.95
N ILE A 133 -5.82 10.77 -9.63
CA ILE A 133 -5.11 12.05 -9.56
C ILE A 133 -4.00 11.97 -8.51
N ALA A 134 -4.27 11.27 -7.40
CA ALA A 134 -3.30 11.09 -6.33
C ALA A 134 -2.10 10.25 -6.79
N GLN A 135 -2.22 9.61 -7.97
CA GLN A 135 -1.16 8.79 -8.53
C GLN A 135 -0.36 9.54 -9.59
N ARG A 136 -0.44 10.87 -9.62
CA ARG A 136 0.07 11.63 -10.77
C ARG A 136 1.61 11.67 -10.81
N ASP A 137 2.28 11.09 -9.81
CA ASP A 137 3.74 11.05 -9.80
C ASP A 137 4.27 9.65 -10.13
N THR A 138 3.38 8.65 -10.26
CA THR A 138 3.79 7.25 -10.29
C THR A 138 4.44 6.87 -11.61
N GLY A 139 4.27 7.71 -12.65
CA GLY A 139 4.90 7.47 -13.93
C GLY A 139 4.02 6.66 -14.89
N TRP A 140 2.73 6.53 -14.53
CA TRP A 140 1.76 5.88 -15.41
C TRP A 140 1.13 6.89 -16.36
N LEU A 141 0.85 6.42 -17.58
CA LEU A 141 -0.04 7.14 -18.50
C LEU A 141 -1.40 7.23 -17.83
N GLN A 142 -2.06 8.40 -17.97
CA GLN A 142 -3.42 8.57 -17.50
C GLN A 142 -4.25 9.24 -18.61
N LEU A 143 -5.20 8.48 -19.17
CA LEU A 143 -6.16 9.04 -20.10
C LEU A 143 -7.55 8.96 -19.47
N TYR A 144 -8.38 9.99 -19.74
CA TYR A 144 -9.72 10.09 -19.15
C TYR A 144 -10.78 10.06 -20.24
N ALA A 145 -11.65 9.04 -20.18
CA ALA A 145 -12.68 8.83 -21.19
C ALA A 145 -13.97 9.56 -20.81
N GLU A 146 -14.70 10.00 -21.84
CA GLU A 146 -15.91 10.81 -21.69
C GLU A 146 -17.17 9.95 -21.73
N ASP A 147 -17.15 8.86 -22.50
CA ASP A 147 -18.34 8.03 -22.63
C ASP A 147 -17.92 6.55 -22.71
N VAL A 148 -18.92 5.67 -22.88
CA VAL A 148 -18.66 4.24 -22.93
C VAL A 148 -17.87 3.89 -24.18
N GLN A 149 -18.22 4.48 -25.34
CA GLN A 149 -17.49 4.22 -26.57
C GLN A 149 -16.01 4.48 -26.37
N GLU A 150 -15.70 5.65 -25.79
CA GLU A 150 -14.32 6.09 -25.62
C GLU A 150 -13.60 5.20 -24.62
N ALA A 151 -14.31 4.82 -23.55
CA ALA A 151 -13.72 4.04 -22.46
C ALA A 151 -13.29 2.66 -22.96
N ALA A 152 -14.14 2.05 -23.79
CA ALA A 152 -13.85 0.73 -24.33
C ALA A 152 -12.72 0.81 -25.37
N ASP A 153 -12.82 1.78 -26.29
CA ASP A 153 -11.84 1.99 -27.34
C ASP A 153 -10.48 2.36 -26.74
N MET A 154 -10.50 2.91 -25.53
CA MET A 154 -9.28 3.39 -24.87
C MET A 154 -8.38 2.21 -24.51
N VAL A 155 -8.95 1.02 -24.33
CA VAL A 155 -8.21 -0.15 -23.92
C VAL A 155 -7.20 -0.56 -25.01
N PRO A 156 -7.61 -0.87 -26.26
CA PRO A 156 -6.63 -1.16 -27.32
C PRO A 156 -5.67 0.01 -27.61
N GLN A 157 -6.18 1.24 -27.52
CA GLN A 157 -5.35 2.41 -27.79
C GLN A 157 -4.19 2.44 -26.79
N ILE A 158 -4.52 2.27 -25.50
CA ILE A 158 -3.52 2.44 -24.45
C ILE A 158 -2.52 1.28 -24.46
N PHE A 159 -2.97 0.07 -24.85
CA PHE A 159 -2.06 -1.04 -25.06
C PHE A 159 -1.04 -0.67 -26.13
N LYS A 160 -1.50 -0.03 -27.21
CA LYS A 160 -0.62 0.29 -28.34
C LYS A 160 0.39 1.36 -27.95
N ILE A 161 -0.08 2.36 -27.18
CA ILE A 161 0.79 3.42 -26.72
C ILE A 161 1.83 2.84 -25.76
N ALA A 162 1.36 2.16 -24.71
CA ALA A 162 2.19 1.70 -23.61
C ALA A 162 3.28 0.77 -24.12
N GLU A 163 2.90 -0.13 -25.04
CA GLU A 163 3.79 -1.21 -25.48
C GLU A 163 4.78 -0.71 -26.53
N ASP A 164 4.59 0.52 -27.03
CA ASP A 164 5.49 1.07 -28.04
C ASP A 164 6.91 1.14 -27.47
N LYS A 165 7.90 0.77 -28.29
CA LYS A 165 9.31 0.68 -27.89
C LYS A 165 9.84 2.01 -27.34
N ASP A 166 9.28 3.13 -27.80
CA ASP A 166 9.72 4.45 -27.38
C ASP A 166 9.02 4.90 -26.11
N VAL A 167 8.04 4.12 -25.65
CA VAL A 167 7.24 4.51 -24.49
C VAL A 167 7.54 3.54 -23.34
N LEU A 168 7.01 2.32 -23.44
CA LEU A 168 7.22 1.30 -22.42
C LEU A 168 6.95 1.88 -21.03
N LEU A 169 5.73 2.40 -20.86
CA LEU A 169 5.23 2.84 -19.57
C LEU A 169 3.87 2.18 -19.36
N PRO A 170 3.51 1.80 -18.12
CA PRO A 170 2.16 1.31 -17.85
C PRO A 170 1.14 2.45 -17.99
N GLY A 171 -0.13 2.10 -18.16
CA GLY A 171 -1.15 3.11 -18.42
C GLY A 171 -2.48 2.81 -17.74
N MET A 172 -3.17 3.89 -17.32
CA MET A 172 -4.52 3.84 -16.76
C MET A 172 -5.50 4.45 -17.74
N ALA A 173 -6.52 3.66 -18.10
CA ALA A 173 -7.68 4.14 -18.85
C ALA A 173 -8.80 4.44 -17.85
N CYS A 174 -9.03 5.73 -17.59
CA CYS A 174 -9.90 6.15 -16.50
C CYS A 174 -11.30 6.43 -17.03
N MET A 175 -12.31 5.94 -16.28
CA MET A 175 -13.72 6.14 -16.60
C MET A 175 -14.49 6.33 -15.29
N ASP A 176 -15.49 7.22 -15.29
CA ASP A 176 -16.17 7.57 -14.06
C ASP A 176 -16.93 6.37 -13.48
N GLY A 177 -16.63 6.06 -12.21
CA GLY A 177 -17.29 5.00 -11.47
C GLY A 177 -18.80 5.26 -11.37
N PHE A 178 -19.58 4.19 -11.63
CA PHE A 178 -21.03 4.22 -11.71
C PHE A 178 -21.48 4.92 -12.98
N ILE A 179 -21.11 6.20 -13.13
CA ILE A 179 -21.57 7.03 -14.23
C ILE A 179 -21.34 6.30 -15.57
N LEU A 180 -20.14 5.72 -15.73
CA LEU A 180 -19.79 5.05 -16.97
C LEU A 180 -19.78 3.53 -16.80
N SER A 181 -19.47 3.05 -15.59
CA SER A 181 -19.31 1.63 -15.38
C SER A 181 -20.67 0.91 -15.37
N HIS A 182 -21.71 1.61 -14.88
CA HIS A 182 -22.99 0.98 -14.56
C HIS A 182 -24.10 1.45 -15.50
N VAL A 183 -23.77 2.32 -16.44
CA VAL A 183 -24.72 2.84 -17.41
C VAL A 183 -24.86 1.83 -18.57
N TYR A 184 -26.08 1.76 -19.11
CA TYR A 184 -26.35 1.07 -20.38
C TYR A 184 -26.62 2.14 -21.43
N GLU A 185 -25.87 2.08 -22.54
CA GLU A 185 -26.04 3.04 -23.61
C GLU A 185 -25.57 2.42 -24.93
N PRO A 186 -26.01 2.94 -26.09
CA PRO A 186 -25.55 2.44 -27.38
C PRO A 186 -24.04 2.61 -27.52
N VAL A 187 -23.39 1.57 -28.03
CA VAL A 187 -21.95 1.58 -28.24
C VAL A 187 -21.61 0.59 -29.36
N VAL A 188 -20.54 0.89 -30.10
CA VAL A 188 -20.00 -0.07 -31.05
C VAL A 188 -18.96 -0.92 -30.31
N LEU A 189 -19.31 -2.20 -30.11
CA LEU A 189 -18.43 -3.18 -29.45
C LEU A 189 -17.17 -3.35 -30.29
N LEU A 190 -16.04 -3.55 -29.60
CA LEU A 190 -14.73 -3.57 -30.25
C LEU A 190 -14.65 -4.74 -31.22
N GLU A 191 -14.13 -4.46 -32.43
CA GLU A 191 -14.15 -5.41 -33.53
C GLU A 191 -12.85 -6.22 -33.50
N GLN A 192 -12.99 -7.56 -33.53
CA GLN A 192 -11.89 -8.48 -33.30
C GLN A 192 -10.85 -8.40 -34.42
N ASP A 193 -11.31 -8.48 -35.67
CA ASP A 193 -10.41 -8.54 -36.81
C ASP A 193 -9.70 -7.20 -37.00
N LEU A 194 -10.42 -6.11 -36.75
CA LEU A 194 -9.83 -4.77 -36.82
C LEU A 194 -8.72 -4.65 -35.78
N THR A 195 -8.99 -5.14 -34.56
CA THR A 195 -8.06 -4.99 -33.45
C THR A 195 -6.81 -5.84 -33.69
N ASP A 196 -6.99 -7.02 -34.30
CA ASP A 196 -5.89 -7.90 -34.61
C ASP A 196 -4.93 -7.25 -35.59
N GLU A 197 -5.42 -6.27 -36.36
CA GLU A 197 -4.58 -5.56 -37.31
C GLU A 197 -4.06 -4.26 -36.69
N PHE A 198 -4.88 -3.63 -35.85
CA PHE A 198 -4.52 -2.34 -35.28
C PHE A 198 -3.45 -2.51 -34.19
N LEU A 199 -3.63 -3.55 -33.35
CA LEU A 199 -2.81 -3.73 -32.16
C LEU A 199 -1.87 -4.91 -32.36
N PRO A 200 -0.57 -4.65 -32.66
CA PRO A 200 0.41 -5.71 -32.85
C PRO A 200 0.57 -6.48 -31.54
N LYS A 201 0.81 -7.79 -31.65
CA LYS A 201 1.13 -8.61 -30.50
C LYS A 201 2.31 -8.00 -29.76
N TYR A 202 2.28 -8.04 -28.43
CA TYR A 202 3.37 -7.52 -27.62
C TYR A 202 4.60 -8.38 -27.88
N GLU A 203 5.67 -7.75 -28.40
CA GLU A 203 6.89 -8.46 -28.69
C GLU A 203 8.07 -7.76 -28.01
N PRO A 204 8.25 -7.96 -26.68
CA PRO A 204 9.35 -7.32 -25.95
C PRO A 204 10.71 -7.88 -26.37
N GLU A 205 11.73 -7.02 -26.36
CA GLU A 205 13.09 -7.42 -26.73
C GLU A 205 13.70 -8.34 -25.68
N TYR A 206 13.42 -8.08 -24.39
CA TYR A 206 14.07 -8.81 -23.31
C TYR A 206 13.02 -9.28 -22.30
N VAL A 207 13.07 -10.57 -21.98
CA VAL A 207 12.10 -11.17 -21.07
C VAL A 207 12.83 -12.14 -20.15
N LEU A 208 12.12 -12.59 -19.12
CA LEU A 208 12.55 -13.70 -18.29
C LEU A 208 12.41 -14.98 -19.12
N ASP A 209 13.56 -15.65 -19.32
CA ASP A 209 13.67 -16.77 -20.22
C ASP A 209 14.94 -17.56 -19.89
N PRO A 210 14.83 -18.82 -19.40
CA PRO A 210 16.00 -19.61 -19.04
C PRO A 210 17.04 -19.81 -20.14
N LYS A 211 16.59 -19.71 -21.40
CA LYS A 211 17.47 -19.87 -22.56
C LYS A 211 18.25 -18.58 -22.84
N ASN A 212 17.78 -17.47 -22.27
CA ASN A 212 18.46 -16.18 -22.42
C ASN A 212 18.41 -15.44 -21.09
N PRO A 213 19.15 -15.92 -20.07
CA PRO A 213 19.05 -15.38 -18.71
C PRO A 213 19.43 -13.90 -18.61
N LEU A 214 18.54 -13.12 -17.98
CA LEU A 214 18.77 -11.69 -17.73
C LEU A 214 18.22 -11.35 -16.36
N THR A 215 18.69 -10.20 -15.82
CA THR A 215 18.31 -9.70 -14.51
C THR A 215 17.47 -8.43 -14.66
N PHE A 216 16.31 -8.40 -14.00
CA PHE A 216 15.36 -7.29 -14.06
C PHE A 216 15.11 -6.80 -12.63
N GLY A 217 15.16 -5.48 -12.43
CA GLY A 217 14.89 -4.89 -11.13
C GLY A 217 16.15 -4.74 -10.27
N ALA A 218 17.27 -4.42 -10.94
CA ALA A 218 18.55 -4.21 -10.29
C ALA A 218 18.52 -2.93 -9.44
N PHE A 219 19.57 -2.76 -8.63
CA PHE A 219 19.71 -1.68 -7.66
C PHE A 219 20.57 -0.58 -8.27
N ALA A 220 20.05 0.66 -8.26
CA ALA A 220 20.76 1.78 -8.87
C ALA A 220 21.27 2.74 -7.81
N ASP A 221 22.59 2.98 -7.81
CA ASP A 221 23.19 3.93 -6.89
C ASP A 221 23.08 5.33 -7.46
N PRO A 222 23.55 6.39 -6.74
CA PRO A 222 23.47 7.76 -7.24
C PRO A 222 24.09 8.03 -8.61
N SER A 223 24.98 7.15 -9.07
CA SER A 223 25.70 7.38 -10.31
C SER A 223 24.87 7.03 -11.56
N THR A 224 23.70 6.39 -11.38
CA THR A 224 22.88 6.00 -12.52
C THR A 224 21.38 6.31 -12.33
N TYR A 225 20.93 6.51 -11.07
CA TYR A 225 19.51 6.64 -10.80
C TYR A 225 18.89 7.79 -11.60
N THR A 226 19.58 8.94 -11.65
CA THR A 226 19.08 10.12 -12.34
C THR A 226 18.69 9.77 -13.78
N GLU A 227 19.51 8.96 -14.44
CA GLU A 227 19.34 8.66 -15.87
C GLU A 227 18.10 7.81 -16.10
N PHE A 228 17.77 6.92 -15.15
CA PHE A 228 16.54 6.13 -15.20
C PHE A 228 15.33 7.06 -15.18
N ARG A 229 15.36 8.03 -14.27
CA ARG A 229 14.27 8.98 -14.10
C ARG A 229 14.15 9.84 -15.36
N TYR A 230 15.29 10.25 -15.91
CA TYR A 230 15.33 11.08 -17.11
C TYR A 230 14.65 10.35 -18.27
N LEU A 231 14.91 9.03 -18.37
CA LEU A 231 14.40 8.23 -19.48
C LEU A 231 12.89 8.00 -19.33
N GLN A 232 12.40 7.92 -18.09
CA GLN A 232 10.97 7.87 -17.85
C GLN A 232 10.29 9.13 -18.39
N GLU A 233 10.89 10.28 -18.06
CA GLU A 233 10.37 11.56 -18.53
C GLU A 233 10.40 11.60 -20.06
N LYS A 234 11.51 11.12 -20.64
CA LYS A 234 11.68 11.08 -22.09
C LYS A 234 10.61 10.20 -22.72
N ALA A 235 10.26 9.10 -22.06
CA ALA A 235 9.23 8.18 -22.51
C ALA A 235 7.86 8.86 -22.51
N MET A 236 7.59 9.70 -21.50
CA MET A 236 6.37 10.49 -21.43
C MET A 236 6.31 11.49 -22.58
N GLN A 237 7.46 12.11 -22.88
CA GLN A 237 7.60 13.03 -24.00
C GLN A 237 7.25 12.33 -25.32
N ALA A 238 7.74 11.10 -25.49
CA ALA A 238 7.49 10.30 -26.68
C ALA A 238 6.01 9.94 -26.78
N ALA A 239 5.36 9.78 -25.62
CA ALA A 239 3.97 9.37 -25.56
C ALA A 239 3.04 10.49 -26.05
N LEU A 240 3.51 11.75 -26.01
CA LEU A 240 2.71 12.87 -26.47
C LEU A 240 2.30 12.68 -27.92
N PRO A 241 3.24 12.60 -28.90
CA PRO A 241 2.88 12.35 -30.30
C PRO A 241 2.32 10.94 -30.55
N LYS A 242 2.69 9.99 -29.70
CA LYS A 242 2.19 8.63 -29.81
C LYS A 242 0.69 8.61 -29.58
N ILE A 243 0.23 9.36 -28.56
CA ILE A 243 -1.19 9.42 -28.22
C ILE A 243 -1.98 10.02 -29.38
N GLU A 244 -1.42 11.05 -30.02
CA GLU A 244 -2.03 11.68 -31.18
C GLU A 244 -2.08 10.71 -32.36
N ALA A 245 -0.95 10.01 -32.58
CA ALA A 245 -0.81 9.13 -33.73
C ALA A 245 -1.75 7.94 -33.62
N VAL A 246 -1.86 7.36 -32.43
CA VAL A 246 -2.67 6.18 -32.20
C VAL A 246 -4.15 6.55 -32.32
N SER A 247 -4.51 7.73 -31.80
CA SER A 247 -5.88 8.22 -31.90
C SER A 247 -6.28 8.38 -33.36
N LYS A 248 -5.36 8.96 -34.17
CA LYS A 248 -5.60 9.19 -35.58
C LYS A 248 -5.70 7.85 -36.31
N GLU A 249 -4.81 6.91 -35.96
CA GLU A 249 -4.78 5.60 -36.61
C GLU A 249 -6.06 4.83 -36.29
N PHE A 250 -6.54 4.97 -35.05
CA PHE A 250 -7.78 4.34 -34.62
C PHE A 250 -8.93 4.92 -35.45
N ALA A 251 -8.93 6.24 -35.62
CA ALA A 251 -9.96 6.91 -36.41
C ALA A 251 -10.00 6.34 -37.82
N GLU A 252 -8.82 6.07 -38.40
CA GLU A 252 -8.68 5.62 -39.77
C GLU A 252 -9.16 4.18 -39.92
N ILE A 253 -8.95 3.37 -38.89
CA ILE A 253 -9.25 1.95 -38.98
C ILE A 253 -10.69 1.69 -38.56
N TYR A 254 -11.15 2.36 -37.49
CA TYR A 254 -12.43 2.05 -36.87
C TYR A 254 -13.49 3.08 -37.24
N GLY A 255 -13.06 4.26 -37.71
CA GLY A 255 -13.98 5.35 -38.00
C GLY A 255 -14.49 6.03 -36.73
N ARG A 256 -13.69 5.97 -35.66
CA ARG A 256 -14.04 6.61 -34.40
C ARG A 256 -12.87 7.46 -33.93
N ASP A 257 -13.11 8.77 -33.76
CA ASP A 257 -12.08 9.75 -33.47
C ASP A 257 -12.25 10.24 -32.03
N HIS A 258 -11.26 9.91 -31.19
CA HIS A 258 -11.34 10.22 -29.76
C HIS A 258 -10.51 11.45 -29.43
N GLY A 259 -9.83 12.03 -30.43
CA GLY A 259 -9.32 13.39 -30.32
C GLY A 259 -7.91 13.53 -29.73
N GLY A 260 -7.25 12.43 -29.37
CA GLY A 260 -5.84 12.49 -29.01
C GLY A 260 -5.61 13.06 -27.60
N LEU A 261 -4.81 14.14 -27.52
CA LEU A 261 -4.38 14.68 -26.22
C LEU A 261 -5.48 15.55 -25.59
N ILE A 262 -6.05 16.45 -26.38
CA ILE A 262 -7.09 17.36 -25.90
C ILE A 262 -8.18 17.44 -26.97
N ASP A 263 -9.36 17.95 -26.59
CA ASP A 263 -10.49 18.01 -27.51
C ASP A 263 -11.32 19.25 -27.20
N GLY A 264 -11.39 20.17 -28.18
CA GLY A 264 -12.16 21.39 -28.03
C GLY A 264 -13.61 21.18 -28.49
N TYR A 265 -14.54 21.85 -27.80
CA TYR A 265 -15.93 21.87 -28.22
C TYR A 265 -16.39 23.32 -28.24
N GLN A 266 -16.63 23.85 -29.45
CA GLN A 266 -16.98 25.25 -29.65
C GLN A 266 -15.91 26.14 -29.02
N LEU A 267 -14.63 25.78 -29.24
CA LEU A 267 -13.52 26.32 -28.47
C LEU A 267 -12.94 27.57 -29.15
N GLU A 268 -12.90 27.58 -30.49
CA GLU A 268 -12.11 28.51 -31.27
C GLU A 268 -12.46 29.97 -30.94
N ASP A 269 -13.76 30.28 -30.78
CA ASP A 269 -14.23 31.64 -30.59
C ASP A 269 -14.78 31.84 -29.18
N ALA A 270 -14.53 30.88 -28.29
CA ALA A 270 -15.03 30.92 -26.93
C ALA A 270 -14.40 32.08 -26.17
N GLU A 271 -15.24 32.87 -25.48
CA GLU A 271 -14.81 33.89 -24.55
C GLU A 271 -14.54 33.24 -23.19
N VAL A 272 -15.45 32.36 -22.77
CA VAL A 272 -15.30 31.58 -21.55
C VAL A 272 -15.00 30.13 -21.94
N VAL A 273 -13.88 29.60 -21.44
CA VAL A 273 -13.50 28.22 -21.71
C VAL A 273 -13.62 27.42 -20.41
N ILE A 274 -14.35 26.30 -20.48
CA ILE A 274 -14.44 25.35 -19.39
C ILE A 274 -13.47 24.19 -19.67
N MET A 275 -12.60 23.91 -18.71
CA MET A 275 -11.69 22.77 -18.79
C MET A 275 -12.17 21.68 -17.82
N ALA A 276 -12.12 20.43 -18.28
CA ALA A 276 -12.55 19.28 -17.49
C ALA A 276 -12.02 17.99 -18.10
N MET A 277 -12.16 16.88 -17.34
CA MET A 277 -11.76 15.57 -17.81
C MET A 277 -12.87 14.56 -17.50
N GLY A 278 -13.07 13.60 -18.39
CA GLY A 278 -13.98 12.49 -18.15
C GLY A 278 -15.43 12.80 -18.51
N SER A 279 -16.36 12.03 -17.92
CA SER A 279 -17.76 11.97 -18.32
C SER A 279 -18.47 13.32 -18.16
N LEU A 280 -17.95 14.17 -17.27
CA LEU A 280 -18.53 15.48 -17.01
C LEU A 280 -18.67 16.28 -18.31
N VAL A 281 -17.75 16.03 -19.26
CA VAL A 281 -17.71 16.75 -20.53
C VAL A 281 -19.03 16.58 -21.28
N GLY A 282 -19.67 15.42 -21.14
CA GLY A 282 -20.97 15.18 -21.74
C GLY A 282 -22.02 16.18 -21.26
N THR A 283 -22.13 16.35 -19.94
CA THR A 283 -23.06 17.29 -19.35
C THR A 283 -22.70 18.70 -19.82
N LEU A 284 -21.40 19.01 -19.82
CA LEU A 284 -20.88 20.32 -20.22
C LEU A 284 -21.30 20.65 -21.65
N LYS A 285 -21.25 19.64 -22.54
CA LYS A 285 -21.59 19.85 -23.95
C LYS A 285 -23.04 20.28 -24.10
N ASP A 286 -23.93 19.65 -23.33
CA ASP A 286 -25.35 19.96 -23.35
C ASP A 286 -25.60 21.38 -22.87
N VAL A 287 -24.87 21.80 -21.83
CA VAL A 287 -25.05 23.13 -21.25
C VAL A 287 -24.51 24.17 -22.22
N VAL A 288 -23.35 23.87 -22.83
CA VAL A 288 -22.71 24.77 -23.78
C VAL A 288 -23.65 25.01 -24.96
N ASP A 289 -24.32 23.95 -25.42
CA ASP A 289 -25.28 24.04 -26.52
C ASP A 289 -26.40 25.03 -26.18
N ARG A 290 -26.87 24.97 -24.92
CA ARG A 290 -27.92 25.86 -24.45
C ARG A 290 -27.43 27.31 -24.46
N TYR A 291 -26.19 27.53 -24.04
CA TYR A 291 -25.59 28.85 -24.03
C TYR A 291 -25.39 29.35 -25.46
N ARG A 292 -24.92 28.43 -26.32
CA ARG A 292 -24.68 28.68 -27.73
C ARG A 292 -25.98 29.03 -28.45
N ALA A 293 -27.08 28.39 -28.02
CA ALA A 293 -28.39 28.65 -28.59
C ALA A 293 -28.83 30.09 -28.32
N LYS A 294 -28.31 30.69 -27.23
CA LYS A 294 -28.61 32.05 -26.84
C LYS A 294 -27.48 32.99 -27.24
N GLY A 295 -26.57 32.51 -28.09
CA GLY A 295 -25.52 33.32 -28.70
C GLY A 295 -24.39 33.69 -27.74
N GLU A 296 -24.19 32.88 -26.69
CA GLU A 296 -23.12 33.14 -25.74
C GLU A 296 -21.90 32.28 -26.05
N LYS A 297 -20.73 32.92 -26.14
CA LYS A 297 -19.51 32.27 -26.62
C LYS A 297 -18.86 31.49 -25.48
N ILE A 298 -19.47 30.35 -25.14
CA ILE A 298 -18.94 29.43 -24.15
C ILE A 298 -18.40 28.23 -24.91
N GLY A 299 -17.25 27.70 -24.45
CA GLY A 299 -16.68 26.50 -25.04
C GLY A 299 -16.06 25.60 -23.99
N ILE A 300 -15.62 24.42 -24.42
CA ILE A 300 -14.99 23.42 -23.56
C ILE A 300 -13.64 23.07 -24.15
N LEU A 301 -12.65 22.92 -23.26
CA LEU A 301 -11.39 22.26 -23.58
C LEU A 301 -11.31 20.99 -22.74
N LYS A 302 -11.59 19.85 -23.38
CA LYS A 302 -11.46 18.56 -22.71
C LYS A 302 -9.99 18.15 -22.70
N VAL A 303 -9.49 17.80 -21.52
CA VAL A 303 -8.17 17.20 -21.40
C VAL A 303 -8.34 15.69 -21.34
N ARG A 304 -7.87 15.01 -22.38
CA ARG A 304 -7.99 13.56 -22.48
C ARG A 304 -6.77 12.90 -21.84
N SER A 305 -5.57 13.36 -22.23
CA SER A 305 -4.33 12.88 -21.65
C SER A 305 -3.92 13.78 -20.48
N PHE A 306 -3.88 13.21 -19.27
CA PHE A 306 -3.46 13.97 -18.11
C PHE A 306 -1.98 13.70 -17.84
N ARG A 307 -1.55 12.46 -18.08
CA ARG A 307 -0.16 12.07 -18.07
C ARG A 307 0.10 11.27 -19.36
N PRO A 308 0.95 11.76 -20.29
CA PRO A 308 1.69 13.03 -20.13
C PRO A 308 0.78 14.26 -20.17
N PHE A 309 1.24 15.34 -19.54
CA PHE A 309 0.47 16.56 -19.49
C PHE A 309 0.73 17.37 -20.76
N PRO A 310 -0.32 17.65 -21.58
CA PRO A 310 -0.14 18.31 -22.87
C PRO A 310 -0.01 19.84 -22.79
N LYS A 311 1.10 20.30 -22.19
CA LYS A 311 1.31 21.70 -21.87
C LYS A 311 1.21 22.60 -23.10
N MET A 312 1.94 22.23 -24.17
CA MET A 312 2.04 23.06 -25.36
C MET A 312 0.68 23.14 -26.05
N GLN A 313 -0.03 22.00 -26.07
CA GLN A 313 -1.33 21.89 -26.70
C GLN A 313 -2.34 22.77 -25.95
N ILE A 314 -2.32 22.72 -24.61
CA ILE A 314 -3.23 23.49 -23.78
C ILE A 314 -2.97 24.98 -23.98
N ARG A 315 -1.68 25.36 -23.95
CA ARG A 315 -1.28 26.76 -24.08
C ARG A 315 -1.81 27.35 -25.39
N LYS A 316 -1.69 26.59 -26.48
CA LYS A 316 -2.11 27.06 -27.79
C LYS A 316 -3.64 27.17 -27.84
N ALA A 317 -4.32 26.20 -27.21
CA ALA A 317 -5.77 26.07 -27.30
C ALA A 317 -6.48 27.18 -26.53
N LEU A 318 -5.82 27.75 -25.51
CA LEU A 318 -6.40 28.75 -24.64
C LEU A 318 -6.08 30.17 -25.11
N ALA A 319 -5.39 30.29 -26.25
CA ALA A 319 -4.78 31.55 -26.67
C ALA A 319 -5.80 32.67 -26.88
N ASN A 320 -7.04 32.33 -27.24
CA ASN A 320 -8.03 33.33 -27.59
C ASN A 320 -9.06 33.55 -26.49
N ALA A 321 -8.96 32.80 -25.39
CA ALA A 321 -9.95 32.87 -24.31
C ALA A 321 -9.83 34.18 -23.54
N ASN A 322 -10.96 34.63 -22.97
CA ASN A 322 -11.00 35.83 -22.15
C ASN A 322 -10.94 35.45 -20.67
N ALA A 323 -11.43 34.25 -20.35
CA ALA A 323 -11.39 33.69 -19.01
C ALA A 323 -11.50 32.17 -19.09
N VAL A 324 -10.82 31.48 -18.16
CA VAL A 324 -10.84 30.03 -18.13
C VAL A 324 -11.34 29.58 -16.75
N VAL A 325 -12.28 28.63 -16.76
CA VAL A 325 -12.74 27.97 -15.55
C VAL A 325 -12.36 26.50 -15.61
N VAL A 326 -11.63 26.04 -14.59
CA VAL A 326 -11.15 24.66 -14.54
C VAL A 326 -11.97 23.90 -13.49
N LEU A 327 -12.55 22.77 -13.92
CA LEU A 327 -13.33 21.92 -13.05
C LEU A 327 -12.52 20.67 -12.69
N ASP A 328 -12.37 20.43 -11.38
CA ASP A 328 -11.65 19.28 -10.88
C ASP A 328 -12.54 18.46 -9.96
N LYS A 329 -12.54 17.14 -10.16
CA LYS A 329 -13.19 16.19 -9.26
C LYS A 329 -12.16 15.67 -8.25
N ASN A 330 -11.41 16.60 -7.67
CA ASN A 330 -10.32 16.27 -6.75
C ASN A 330 -9.85 17.56 -6.09
N ILE A 331 -9.01 17.42 -5.05
CA ILE A 331 -8.44 18.56 -4.37
C ILE A 331 -7.16 18.11 -3.66
N SER A 332 -6.11 18.94 -3.75
CA SER A 332 -4.91 18.72 -2.97
C SER A 332 -5.09 19.45 -1.63
N ILE A 333 -5.55 18.71 -0.62
CA ILE A 333 -5.84 19.26 0.70
C ILE A 333 -4.61 20.03 1.20
N GLY A 334 -4.80 21.33 1.43
CA GLY A 334 -3.70 22.19 1.82
C GLY A 334 -3.39 23.26 0.78
N THR A 335 -4.03 23.14 -0.41
CA THR A 335 -3.84 24.10 -1.48
C THR A 335 -5.17 24.70 -1.91
N ASN A 336 -6.27 24.02 -1.55
CA ASN A 336 -7.62 24.40 -1.94
C ASN A 336 -7.80 24.30 -3.46
N GLU A 337 -6.90 23.57 -4.13
CA GLU A 337 -6.94 23.53 -5.60
C GLU A 337 -6.97 22.09 -6.10
N GLY A 338 -7.72 21.87 -7.18
CA GLY A 338 -7.63 20.64 -7.95
C GLY A 338 -6.39 20.63 -8.83
N ALA A 339 -5.96 19.44 -9.26
CA ALA A 339 -4.67 19.26 -9.92
C ALA A 339 -4.67 19.84 -11.34
N LEU A 340 -5.81 19.76 -12.03
CA LEU A 340 -5.88 20.31 -13.38
C LEU A 340 -5.76 21.83 -13.32
N PHE A 341 -6.39 22.44 -12.31
CA PHE A 341 -6.35 23.90 -12.14
C PHE A 341 -4.90 24.33 -11.90
N THR A 342 -4.24 23.65 -10.95
CA THR A 342 -2.87 23.94 -10.58
C THR A 342 -1.96 23.83 -11.80
N GLU A 343 -2.11 22.73 -12.56
CA GLU A 343 -1.22 22.45 -13.67
C GLU A 343 -1.51 23.35 -14.87
N THR A 344 -2.78 23.75 -15.05
CA THR A 344 -3.13 24.66 -16.13
C THR A 344 -2.46 26.01 -15.89
N LYS A 345 -2.59 26.54 -14.67
CA LYS A 345 -1.94 27.79 -14.29
C LYS A 345 -0.43 27.68 -14.49
N ALA A 346 0.14 26.53 -14.12
CA ALA A 346 1.59 26.32 -14.17
C ALA A 346 2.08 26.38 -15.62
N CYS A 347 1.33 25.75 -16.54
CA CYS A 347 1.74 25.71 -17.94
C CYS A 347 1.51 27.05 -18.61
N MET A 348 0.61 27.87 -18.04
CA MET A 348 0.26 29.15 -18.64
C MET A 348 1.14 30.28 -18.09
N TYR A 349 1.84 30.03 -16.97
CA TYR A 349 2.52 31.08 -16.22
C TYR A 349 3.53 31.83 -17.09
N ASN A 350 4.46 31.10 -17.73
CA ASN A 350 5.56 31.72 -18.44
C ASN A 350 5.16 32.07 -19.87
N SER A 351 3.86 32.10 -20.16
CA SER A 351 3.40 32.54 -21.47
C SER A 351 2.96 33.99 -21.39
N ARG A 352 2.74 34.62 -22.55
CA ARG A 352 2.40 36.02 -22.62
C ARG A 352 0.92 36.22 -22.28
N CYS A 353 0.14 35.12 -22.33
CA CYS A 353 -1.28 35.14 -22.06
C CYS A 353 -1.51 35.20 -20.55
N ASP A 354 -2.14 36.30 -20.09
CA ASP A 354 -2.31 36.55 -18.66
C ASP A 354 -3.78 36.63 -18.28
N ILE A 355 -4.64 35.91 -19.00
CA ILE A 355 -6.08 35.93 -18.78
C ILE A 355 -6.41 35.27 -17.43
N PRO A 356 -7.51 35.68 -16.76
CA PRO A 356 -7.90 35.05 -15.49
C PRO A 356 -8.26 33.58 -15.66
N ILE A 357 -7.70 32.74 -14.78
CA ILE A 357 -8.06 31.34 -14.71
C ILE A 357 -8.53 31.05 -13.29
N ILE A 358 -9.75 30.51 -13.17
CA ILE A 358 -10.34 30.18 -11.88
C ILE A 358 -10.61 28.68 -11.79
N GLY A 359 -10.78 28.20 -10.56
CA GLY A 359 -11.00 26.78 -10.30
C GLY A 359 -12.23 26.53 -9.44
N TYR A 360 -12.95 25.46 -9.76
CA TYR A 360 -14.00 24.91 -8.92
C TYR A 360 -13.71 23.43 -8.71
N THR A 361 -13.73 22.98 -7.45
CA THR A 361 -13.72 21.56 -7.17
C THR A 361 -15.16 21.09 -6.91
N LEU A 362 -15.51 19.93 -7.47
CA LEU A 362 -16.89 19.48 -7.48
C LEU A 362 -16.93 17.97 -7.64
N ASN A 363 -18.13 17.39 -7.44
CA ASN A 363 -18.38 15.98 -7.63
C ASN A 363 -17.61 15.18 -6.57
N HIS A 364 -17.28 15.82 -5.43
CA HIS A 364 -16.61 15.12 -4.34
C HIS A 364 -17.56 14.07 -3.80
N GLY A 365 -17.05 12.84 -3.63
CA GLY A 365 -17.82 11.75 -3.08
C GLY A 365 -19.13 11.53 -3.84
N GLY A 366 -19.09 11.77 -5.16
CA GLY A 366 -20.19 11.43 -6.07
C GLY A 366 -21.31 12.46 -6.11
N ARG A 367 -21.12 13.63 -5.46
CA ARG A 367 -22.17 14.63 -5.44
C ARG A 367 -22.48 15.07 -6.86
N ASP A 368 -23.75 14.97 -7.25
CA ASP A 368 -24.16 15.10 -8.64
C ASP A 368 -23.84 16.50 -9.15
N VAL A 369 -23.32 16.56 -10.38
CA VAL A 369 -23.14 17.83 -11.08
C VAL A 369 -24.31 18.00 -12.04
N SER A 370 -25.23 18.90 -11.66
CA SER A 370 -26.43 19.15 -12.44
C SER A 370 -26.16 20.24 -13.48
N VAL A 371 -27.05 20.31 -14.47
CA VAL A 371 -27.03 21.36 -15.48
C VAL A 371 -27.06 22.72 -14.79
N GLN A 372 -27.84 22.84 -13.71
CA GLN A 372 -28.04 24.11 -13.02
C GLN A 372 -26.76 24.54 -12.32
N LEU A 373 -26.02 23.58 -11.76
CA LEU A 373 -24.73 23.90 -11.14
C LEU A 373 -23.74 24.39 -12.20
N VAL A 374 -23.74 23.73 -13.36
CA VAL A 374 -22.87 24.14 -14.45
C VAL A 374 -23.22 25.56 -14.87
N GLU A 375 -24.52 25.86 -14.95
CA GLU A 375 -24.97 27.19 -15.33
C GLU A 375 -24.46 28.24 -14.36
N LYS A 376 -24.57 27.94 -13.05
CA LYS A 376 -24.09 28.83 -12.00
C LYS A 376 -22.60 29.14 -12.21
N ILE A 377 -21.82 28.09 -12.49
CA ILE A 377 -20.38 28.24 -12.65
C ILE A 377 -20.06 29.11 -13.86
N ILE A 378 -20.79 28.90 -14.96
CA ILE A 378 -20.59 29.67 -16.18
C ILE A 378 -20.89 31.15 -15.92
N GLU A 379 -21.99 31.42 -15.21
CA GLU A 379 -22.39 32.79 -14.92
C GLU A 379 -21.30 33.50 -14.12
N GLU A 380 -20.73 32.80 -13.13
CA GLU A 380 -19.70 33.37 -12.28
C GLU A 380 -18.46 33.69 -13.11
N THR A 381 -18.13 32.81 -14.07
CA THR A 381 -16.93 32.96 -14.89
C THR A 381 -17.13 34.10 -15.90
N LYS A 382 -18.38 34.28 -16.35
CA LYS A 382 -18.72 35.39 -17.24
C LYS A 382 -18.41 36.72 -16.55
N LYS A 383 -18.75 36.80 -15.25
CA LYS A 383 -18.49 37.97 -14.43
C LYS A 383 -16.98 38.20 -14.30
N VAL A 384 -16.22 37.11 -14.13
CA VAL A 384 -14.77 37.18 -14.04
C VAL A 384 -14.19 37.75 -15.33
N ALA A 385 -14.66 37.26 -16.47
CA ALA A 385 -14.23 37.73 -17.79
C ALA A 385 -14.41 39.24 -17.92
N LYS A 386 -15.46 39.76 -17.29
CA LYS A 386 -15.83 41.17 -17.47
C LYS A 386 -15.21 42.04 -16.38
N SER A 387 -14.98 41.47 -15.19
CA SER A 387 -14.79 42.29 -14.00
C SER A 387 -13.60 41.83 -13.15
N GLY A 388 -13.11 40.60 -13.37
CA GLY A 388 -11.93 40.11 -12.68
C GLY A 388 -12.27 39.06 -11.63
N ILE A 389 -11.24 38.44 -11.05
CA ILE A 389 -11.38 37.35 -10.09
C ILE A 389 -11.87 37.90 -8.76
N THR A 390 -12.86 37.21 -8.17
CA THR A 390 -13.31 37.44 -6.81
C THR A 390 -12.72 36.33 -5.92
N VAL A 391 -12.99 35.08 -6.29
CA VAL A 391 -12.49 33.91 -5.58
C VAL A 391 -11.75 33.03 -6.57
N GLU A 392 -10.46 32.79 -6.32
CA GLU A 392 -9.61 32.08 -7.27
C GLU A 392 -10.02 30.61 -7.37
N SER A 393 -10.18 29.96 -6.20
CA SER A 393 -10.54 28.55 -6.13
C SER A 393 -11.55 28.34 -5.01
N GLN A 394 -12.51 27.44 -5.22
CA GLN A 394 -13.54 27.16 -4.24
C GLN A 394 -14.22 25.82 -4.54
N PHE A 395 -14.85 25.24 -3.52
CA PHE A 395 -15.79 24.15 -3.68
C PHE A 395 -17.06 24.71 -4.31
N ALA A 396 -17.55 24.05 -5.37
CA ALA A 396 -18.68 24.55 -6.12
C ALA A 396 -20.00 24.40 -5.36
N ASP A 397 -20.11 23.36 -4.52
CA ASP A 397 -21.40 23.00 -3.94
C ASP A 397 -21.22 22.43 -2.53
N VAL A 398 -20.81 23.28 -1.58
CA VAL A 398 -20.73 22.91 -0.18
C VAL A 398 -22.06 23.30 0.47
N LYS A 399 -22.52 22.47 1.42
CA LYS A 399 -23.74 22.75 2.17
C LYS A 399 -23.38 23.42 3.50
N GLU A 400 -23.57 24.74 3.53
CA GLU A 400 -23.15 25.58 4.65
C GLU A 400 -23.97 25.26 5.91
N GLU A 401 -25.09 24.56 5.74
CA GLU A 401 -25.94 24.17 6.86
C GLU A 401 -25.25 23.09 7.70
N LEU A 402 -24.47 22.23 7.03
CA LEU A 402 -23.72 21.17 7.69
C LEU A 402 -22.38 21.73 8.20
N LEU A 403 -21.99 22.90 7.67
CA LEU A 403 -20.70 23.54 7.92
C LEU A 403 -19.59 22.73 7.23
N PRO B 2 16.66 27.24 12.19
CA PRO B 2 17.82 26.36 12.23
C PRO B 2 18.67 26.60 13.47
N LEU B 3 19.86 26.00 13.50
CA LEU B 3 20.77 26.09 14.63
C LEU B 3 21.14 27.55 14.87
N ASN B 4 21.21 27.92 16.15
CA ASN B 4 21.58 29.27 16.58
C ASN B 4 22.96 29.20 17.23
N SER B 5 23.95 29.86 16.62
CA SER B 5 25.33 29.80 17.07
C SER B 5 25.49 30.33 18.48
N ALA B 6 24.56 31.20 18.92
CA ALA B 6 24.59 31.77 20.26
C ALA B 6 24.37 30.70 21.32
N ASP B 7 23.92 29.51 20.90
CA ASP B 7 23.58 28.42 21.81
C ASP B 7 24.76 27.48 22.00
N LYS B 8 25.95 27.89 21.54
CA LYS B 8 27.10 27.01 21.42
C LYS B 8 27.38 26.24 22.71
N ALA B 9 27.28 26.93 23.85
CA ALA B 9 27.66 26.37 25.15
C ALA B 9 26.68 25.29 25.60
N LYS B 10 25.52 25.20 24.94
CA LYS B 10 24.46 24.30 25.35
C LYS B 10 24.40 23.09 24.41
N MET B 11 25.24 23.09 23.38
CA MET B 11 25.15 22.09 22.32
C MET B 11 25.96 20.85 22.69
N VAL B 12 25.53 19.71 22.13
CA VAL B 12 26.26 18.46 22.19
C VAL B 12 26.34 17.90 20.77
N VAL B 13 27.37 17.09 20.49
CA VAL B 13 27.49 16.46 19.19
C VAL B 13 26.88 15.06 19.28
N VAL B 14 25.76 14.87 18.56
CA VAL B 14 25.08 13.59 18.50
C VAL B 14 24.62 13.34 17.06
N GLU B 15 24.20 12.11 16.77
CA GLU B 15 23.67 11.76 15.46
C GLU B 15 22.30 12.41 15.29
N GLY B 16 21.99 12.85 14.06
CA GLY B 16 20.70 13.45 13.76
C GLY B 16 19.53 12.58 14.21
N SER B 17 19.62 11.27 13.94
CA SER B 17 18.60 10.31 14.33
C SER B 17 18.45 10.26 15.85
N TYR B 18 19.56 10.43 16.57
CA TYR B 18 19.52 10.45 18.03
C TYR B 18 18.78 11.70 18.50
N ALA B 19 19.12 12.86 17.94
CA ALA B 19 18.49 14.11 18.34
C ALA B 19 16.98 14.04 18.13
N VAL B 20 16.56 13.41 17.03
CA VAL B 20 15.15 13.28 16.69
C VAL B 20 14.46 12.27 17.61
N ALA B 21 15.09 11.12 17.83
CA ALA B 21 14.55 10.11 18.74
C ALA B 21 14.38 10.68 20.15
N HIS B 22 15.39 11.41 20.62
CA HIS B 22 15.36 12.09 21.90
C HIS B 22 14.16 13.04 21.97
N ALA B 23 13.96 13.83 20.90
CA ALA B 23 12.90 14.82 20.86
C ALA B 23 11.53 14.14 20.93
N ALA B 24 11.40 13.02 20.22
CA ALA B 24 10.18 12.22 20.27
C ALA B 24 9.90 11.75 21.70
N LYS B 25 10.92 11.18 22.35
CA LYS B 25 10.81 10.73 23.74
C LYS B 25 10.33 11.88 24.64
N VAL B 26 11.00 13.03 24.53
CA VAL B 26 10.72 14.19 25.37
C VAL B 26 9.30 14.70 25.11
N SER B 27 8.75 14.40 23.92
CA SER B 27 7.40 14.81 23.54
C SER B 27 6.33 13.87 24.12
N ARG B 28 6.77 12.82 24.83
CA ARG B 28 5.89 11.96 25.62
C ARG B 28 4.81 11.30 24.74
N PRO B 29 5.18 10.47 23.75
CA PRO B 29 4.18 9.68 23.02
C PRO B 29 3.65 8.58 23.95
N ASN B 30 2.46 8.05 23.64
CA ASN B 30 1.91 6.95 24.40
C ASN B 30 2.01 5.66 23.59
N VAL B 31 2.02 5.78 22.26
CA VAL B 31 2.20 4.63 21.39
C VAL B 31 3.19 4.98 20.28
N ILE B 32 4.28 4.20 20.22
CA ILE B 32 5.23 4.26 19.12
C ILE B 32 5.10 2.96 18.34
N SER B 33 4.98 3.08 17.01
CA SER B 33 5.07 1.92 16.14
C SER B 33 6.32 2.06 15.28
N ALA B 34 6.91 0.93 14.89
CA ALA B 34 8.19 0.96 14.20
C ALA B 34 8.26 -0.15 13.18
N TYR B 35 8.65 0.23 11.95
CA TYR B 35 9.08 -0.71 10.93
C TYR B 35 10.38 -0.18 10.32
N PRO B 36 11.44 -1.02 10.23
CA PRO B 36 12.75 -0.54 9.77
C PRO B 36 12.84 -0.35 8.25
N ILE B 37 13.52 0.73 7.85
CA ILE B 37 13.88 0.99 6.47
C ILE B 37 14.97 2.06 6.45
N THR B 38 16.06 1.79 5.72
CA THR B 38 17.15 2.73 5.51
C THR B 38 16.61 3.95 4.78
N PRO B 39 17.00 5.20 5.15
CA PRO B 39 17.83 5.48 6.33
C PRO B 39 17.13 5.99 7.59
N GLN B 40 15.93 5.44 7.87
CA GLN B 40 15.15 5.80 9.04
C GLN B 40 15.57 4.98 10.28
N THR B 41 16.34 3.90 10.09
CA THR B 41 16.46 2.85 11.09
C THR B 41 17.02 3.36 12.43
N HIS B 42 17.95 4.32 12.38
CA HIS B 42 18.62 4.77 13.61
C HIS B 42 17.63 5.42 14.56
N ILE B 43 16.59 6.07 14.00
CA ILE B 43 15.56 6.72 14.81
C ILE B 43 14.84 5.68 15.67
N VAL B 44 14.34 4.61 15.04
CA VAL B 44 13.54 3.63 15.75
C VAL B 44 14.42 2.74 16.63
N GLU B 45 15.69 2.57 16.24
CA GLU B 45 16.65 1.82 17.05
C GLU B 45 16.89 2.56 18.36
N ASP B 46 17.02 3.89 18.29
CA ASP B 46 17.28 4.74 19.44
C ASP B 46 16.08 4.71 20.39
N LEU B 47 14.86 4.83 19.83
CA LEU B 47 13.62 4.78 20.57
C LEU B 47 13.49 3.42 21.27
N SER B 48 13.85 2.37 20.54
CA SER B 48 13.80 1.00 21.04
C SER B 48 14.71 0.82 22.26
N GLN B 49 15.88 1.47 22.24
CA GLN B 49 16.85 1.39 23.33
C GLN B 49 16.29 2.14 24.55
N PHE B 50 15.66 3.29 24.30
CA PHE B 50 15.02 4.08 25.36
C PHE B 50 13.99 3.21 26.07
N MET B 51 13.19 2.46 25.28
CA MET B 51 12.18 1.55 25.80
C MET B 51 12.83 0.43 26.60
N ALA B 52 13.96 -0.08 26.10
CA ALA B 52 14.67 -1.20 26.71
C ALA B 52 15.23 -0.79 28.08
N ASP B 53 15.49 0.51 28.26
CA ASP B 53 16.02 1.05 29.50
C ASP B 53 14.92 1.66 30.35
N GLY B 54 13.66 1.55 29.89
CA GLY B 54 12.49 2.01 30.63
C GLY B 54 12.45 3.53 30.79
N GLU B 55 12.89 4.25 29.74
CA GLU B 55 13.07 5.68 29.83
C GLU B 55 11.81 6.44 29.39
N ILE B 56 10.85 5.76 28.75
CA ILE B 56 9.66 6.42 28.27
C ILE B 56 8.44 5.92 29.06
N PRO B 57 7.93 6.68 30.05
CA PRO B 57 6.77 6.25 30.83
C PRO B 57 5.48 6.38 30.02
N ASN B 58 4.45 5.65 30.45
CA ASN B 58 3.11 5.72 29.87
C ASN B 58 3.17 5.51 28.35
N CYS B 59 3.97 4.53 27.90
CA CYS B 59 4.21 4.39 26.47
C CYS B 59 4.43 2.92 26.13
N GLU B 60 3.77 2.48 25.05
CA GLU B 60 3.99 1.16 24.48
C GLU B 60 4.66 1.33 23.12
N TYR B 61 5.59 0.43 22.81
CA TYR B 61 6.32 0.41 21.55
C TYR B 61 6.01 -0.90 20.83
N ILE B 62 5.65 -0.82 19.54
CA ILE B 62 5.24 -1.99 18.78
C ILE B 62 6.16 -2.15 17.56
N ASN B 63 6.93 -3.25 17.54
CA ASN B 63 7.64 -3.71 16.34
C ASN B 63 6.66 -4.47 15.46
N VAL B 64 6.08 -3.77 14.47
CA VAL B 64 5.06 -4.33 13.61
C VAL B 64 5.72 -5.11 12.46
N GLU B 65 4.88 -5.68 11.57
CA GLU B 65 5.33 -6.56 10.51
C GLU B 65 5.31 -5.85 9.15
N SER B 66 4.80 -4.60 9.11
CA SER B 66 4.80 -3.80 7.88
C SER B 66 4.53 -2.33 8.21
N GLU B 67 4.88 -1.43 7.29
CA GLU B 67 4.54 -0.03 7.46
C GLU B 67 3.02 0.16 7.46
N PHE B 68 2.32 -0.68 6.69
CA PHE B 68 0.86 -0.61 6.66
C PHE B 68 0.34 -0.74 8.10
N SER B 69 0.89 -1.71 8.85
CA SER B 69 0.49 -1.93 10.23
C SER B 69 1.03 -0.84 11.16
N ALA B 70 2.18 -0.24 10.83
CA ALA B 70 2.77 0.78 11.67
C ALA B 70 1.79 1.94 11.84
N ILE B 71 1.33 2.48 10.71
CA ILE B 71 0.44 3.64 10.70
C ILE B 71 -0.97 3.22 11.15
N SER B 72 -1.38 1.99 10.81
CA SER B 72 -2.71 1.49 11.14
C SER B 72 -2.86 1.32 12.66
N ALA B 73 -1.80 0.86 13.32
CA ALA B 73 -1.83 0.75 14.77
C ALA B 73 -1.97 2.14 15.39
N LEU B 74 -1.38 3.16 14.75
CA LEU B 74 -1.44 4.51 15.27
C LEU B 74 -2.84 5.11 15.11
N VAL B 75 -3.55 4.68 14.06
CA VAL B 75 -4.95 5.08 13.87
C VAL B 75 -5.77 4.59 15.06
N GLY B 76 -5.62 3.29 15.40
CA GLY B 76 -6.30 2.70 16.54
C GLY B 76 -5.93 3.42 17.83
N ALA B 77 -4.63 3.64 18.05
CA ALA B 77 -4.11 4.19 19.28
C ALA B 77 -4.57 5.64 19.45
N SER B 78 -4.53 6.41 18.35
CA SER B 78 -4.90 7.81 18.38
C SER B 78 -6.36 7.96 18.79
N ALA B 79 -7.22 7.08 18.26
CA ALA B 79 -8.66 7.13 18.48
C ALA B 79 -9.01 6.78 19.93
N VAL B 80 -8.11 6.06 20.61
CA VAL B 80 -8.27 5.75 22.03
C VAL B 80 -7.85 6.98 22.85
N GLY B 81 -7.00 7.84 22.26
CA GLY B 81 -6.60 9.08 22.90
C GLY B 81 -5.09 9.16 23.17
N ALA B 82 -4.32 8.20 22.63
CA ALA B 82 -2.87 8.21 22.77
C ALA B 82 -2.26 9.26 21.85
N ARG B 83 -1.21 9.93 22.34
CA ARG B 83 -0.26 10.61 21.47
C ARG B 83 0.53 9.54 20.72
N THR B 84 0.66 9.70 19.39
CA THR B 84 1.21 8.66 18.54
C THR B 84 2.38 9.17 17.71
N TYR B 85 3.38 8.31 17.52
CA TYR B 85 4.59 8.65 16.79
C TYR B 85 5.10 7.44 16.01
N SER B 86 5.56 7.70 14.78
CA SER B 86 6.39 6.76 14.05
C SER B 86 7.40 7.52 13.20
N ALA B 87 8.22 6.78 12.46
CA ALA B 87 9.13 7.34 11.48
C ALA B 87 9.21 6.37 10.31
N THR B 88 9.35 6.92 9.09
CA THR B 88 9.36 6.11 7.89
C THR B 88 10.06 6.87 6.77
N THR B 89 9.99 6.31 5.55
CA THR B 89 10.64 6.87 4.39
C THR B 89 10.30 5.99 3.17
N SER B 90 10.44 6.58 1.98
CA SER B 90 10.62 5.83 0.74
C SER B 90 9.54 4.77 0.58
N GLN B 91 9.95 3.52 0.35
CA GLN B 91 9.05 2.41 0.07
C GLN B 91 8.01 2.29 1.19
N GLY B 92 8.45 2.57 2.42
CA GLY B 92 7.61 2.45 3.60
C GLY B 92 6.45 3.45 3.57
N LEU B 93 6.78 4.71 3.24
CA LEU B 93 5.79 5.76 3.14
C LEU B 93 4.82 5.49 1.99
N LEU B 94 5.34 4.91 0.90
CA LEU B 94 4.53 4.57 -0.27
C LEU B 94 3.50 3.49 0.08
N LEU B 95 3.94 2.48 0.86
CA LEU B 95 3.04 1.42 1.28
C LEU B 95 1.91 2.03 2.12
N MET B 96 2.23 3.09 2.88
CA MET B 96 1.27 3.70 3.81
C MET B 96 0.20 4.53 3.10
N HIS B 97 0.42 4.85 1.81
CA HIS B 97 -0.36 5.81 1.04
C HIS B 97 -1.85 5.79 1.39
N GLU B 98 -2.47 4.61 1.33
CA GLU B 98 -3.90 4.47 1.55
C GLU B 98 -4.28 4.89 2.97
N VAL B 99 -3.44 4.49 3.95
CA VAL B 99 -3.71 4.80 5.34
C VAL B 99 -3.45 6.27 5.61
N LEU B 100 -2.58 6.91 4.83
CA LEU B 100 -2.33 8.33 4.99
C LEU B 100 -3.63 9.10 4.74
N PHE B 101 -4.31 8.80 3.63
CA PHE B 101 -5.61 9.37 3.30
C PHE B 101 -6.63 9.10 4.42
N ASN B 102 -6.63 7.87 4.94
CA ASN B 102 -7.58 7.45 5.95
C ASN B 102 -7.37 8.24 7.23
N ALA B 103 -6.10 8.34 7.69
CA ALA B 103 -5.78 8.98 8.95
C ALA B 103 -6.16 10.46 8.94
N ALA B 104 -5.88 11.15 7.83
CA ALA B 104 -6.20 12.56 7.71
C ALA B 104 -7.71 12.77 7.65
N GLY B 105 -8.42 11.84 7.02
CA GLY B 105 -9.87 11.90 6.93
C GLY B 105 -10.54 11.58 8.28
N MET B 106 -9.85 10.78 9.10
CA MET B 106 -10.32 10.47 10.44
C MET B 106 -9.96 11.61 11.40
N ARG B 107 -9.18 12.57 10.90
CA ARG B 107 -8.80 13.77 11.65
C ARG B 107 -8.02 13.38 12.90
N LEU B 108 -7.08 12.44 12.75
CA LEU B 108 -6.31 11.93 13.87
C LEU B 108 -4.91 12.53 13.81
N PRO B 109 -4.46 13.24 14.87
CA PRO B 109 -3.18 13.97 14.85
C PRO B 109 -1.93 13.13 15.09
N ILE B 110 -1.76 12.09 14.26
CA ILE B 110 -0.59 11.23 14.27
C ILE B 110 0.59 12.00 13.67
N VAL B 111 1.77 11.82 14.28
CA VAL B 111 2.99 12.49 13.83
C VAL B 111 4.02 11.44 13.41
N MET B 112 4.68 11.69 12.26
CA MET B 112 5.79 10.87 11.82
C MET B 112 6.94 11.75 11.34
N THR B 113 8.16 11.32 11.65
CA THR B 113 9.36 11.83 10.99
C THR B 113 9.54 11.05 9.69
N VAL B 114 9.78 11.77 8.58
CA VAL B 114 10.11 11.13 7.33
C VAL B 114 11.57 11.45 7.00
N ALA B 115 12.39 10.40 6.87
CA ALA B 115 13.78 10.55 6.48
C ALA B 115 13.91 10.33 4.97
N ASN B 116 13.63 11.41 4.21
CA ASN B 116 13.36 11.36 2.77
C ASN B 116 14.39 10.51 2.02
N ARG B 117 13.87 9.55 1.24
CA ARG B 117 14.68 8.69 0.38
C ARG B 117 13.92 8.41 -0.92
N ALA B 118 14.70 8.23 -2.00
CA ALA B 118 14.21 7.95 -3.35
C ALA B 118 13.38 6.67 -3.40
N VAL B 119 12.59 6.54 -4.47
CA VAL B 119 11.60 5.48 -4.59
C VAL B 119 11.89 4.60 -5.82
N SER B 120 11.54 3.32 -5.68
CA SER B 120 11.71 2.28 -6.68
C SER B 120 10.65 2.43 -7.78
N ALA B 121 10.96 2.03 -9.02
CA ALA B 121 12.21 1.40 -9.43
C ALA B 121 13.02 2.35 -10.31
N PRO B 122 14.36 2.15 -10.43
CA PRO B 122 15.05 1.11 -9.66
C PRO B 122 15.22 1.50 -8.20
N ILE B 123 15.33 0.50 -7.33
CA ILE B 123 15.53 0.71 -5.91
C ILE B 123 16.83 1.50 -5.69
N ASN B 124 16.80 2.40 -4.70
CA ASN B 124 17.84 3.36 -4.39
C ASN B 124 17.62 3.82 -2.95
N ILE B 125 18.69 3.82 -2.14
CA ILE B 125 18.54 4.03 -0.70
C ILE B 125 18.88 5.46 -0.28
N TRP B 126 19.13 6.34 -1.26
CA TRP B 126 19.67 7.66 -0.95
C TRP B 126 18.59 8.74 -1.02
N ASN B 127 18.96 9.98 -0.68
CA ASN B 127 18.00 11.07 -0.46
C ASN B 127 17.42 11.59 -1.77
N ASP B 128 16.08 11.70 -1.79
CA ASP B 128 15.33 12.66 -2.58
C ASP B 128 13.99 12.86 -1.87
N HIS B 129 13.13 13.74 -2.42
CA HIS B 129 11.89 14.11 -1.73
C HIS B 129 10.69 13.43 -2.38
N GLN B 130 10.92 12.52 -3.33
CA GLN B 130 9.83 11.93 -4.10
C GLN B 130 8.83 11.23 -3.17
N ASP B 131 9.34 10.64 -2.07
CA ASP B 131 8.52 9.84 -1.18
C ASP B 131 7.38 10.68 -0.58
N SER B 132 7.74 11.79 0.09
CA SER B 132 6.75 12.63 0.76
C SER B 132 5.97 13.48 -0.24
N ILE B 133 6.64 13.97 -1.29
CA ILE B 133 6.01 14.82 -2.28
C ILE B 133 4.86 14.06 -2.96
N ALA B 134 5.05 12.75 -3.17
CA ALA B 134 4.03 11.90 -3.76
C ALA B 134 2.80 11.78 -2.85
N GLN B 135 2.91 12.23 -1.60
CA GLN B 135 1.81 12.14 -0.65
C GLN B 135 1.08 13.48 -0.50
N ARG B 136 1.28 14.40 -1.45
CA ARG B 136 0.84 15.78 -1.26
C ARG B 136 -0.69 15.93 -1.33
N ASP B 137 -1.42 14.84 -1.61
CA ASP B 137 -2.88 14.88 -1.64
C ASP B 137 -3.48 14.23 -0.39
N THR B 138 -2.66 13.57 0.44
CA THR B 138 -3.15 12.68 1.48
C THR B 138 -3.79 13.44 2.64
N GLY B 139 -3.54 14.76 2.73
CA GLY B 139 -4.15 15.58 3.76
C GLY B 139 -3.28 15.69 5.01
N TRP B 140 -2.01 15.30 4.89
CA TRP B 140 -1.07 15.42 5.99
C TRP B 140 -0.34 16.77 5.93
N LEU B 141 -0.10 17.35 7.12
CA LEU B 141 0.86 18.42 7.30
C LEU B 141 2.21 17.94 6.77
N GLN B 142 2.92 18.83 6.06
CA GLN B 142 4.27 18.51 5.59
C GLN B 142 5.20 19.69 5.85
N LEU B 143 6.13 19.50 6.78
CA LEU B 143 7.16 20.48 7.10
C LEU B 143 8.53 19.88 6.78
N TYR B 144 9.44 20.70 6.24
CA TYR B 144 10.74 20.25 5.78
C TYR B 144 11.83 20.99 6.57
N ALA B 145 12.66 20.21 7.30
CA ALA B 145 13.70 20.75 8.16
C ALA B 145 15.02 20.87 7.41
N GLU B 146 15.81 21.88 7.79
CA GLU B 146 17.06 22.24 7.13
C GLU B 146 18.26 21.63 7.83
N ASP B 147 18.18 21.45 9.15
CA ASP B 147 19.32 20.94 9.91
C ASP B 147 18.82 20.03 11.03
N VAL B 148 19.77 19.50 11.82
CA VAL B 148 19.42 18.58 12.89
C VAL B 148 18.61 19.31 13.97
N GLN B 149 19.03 20.54 14.31
CA GLN B 149 18.33 21.31 15.32
C GLN B 149 16.86 21.45 14.95
N GLU B 150 16.60 21.83 13.69
CA GLU B 150 15.25 22.07 13.22
C GLU B 150 14.47 20.77 13.15
N ALA B 151 15.13 19.69 12.72
CA ALA B 151 14.48 18.39 12.55
C ALA B 151 13.96 17.88 13.89
N ALA B 152 14.78 18.05 14.95
CA ALA B 152 14.41 17.57 16.27
C ALA B 152 13.34 18.45 16.87
N ASP B 153 13.54 19.78 16.81
CA ASP B 153 12.60 20.76 17.35
C ASP B 153 11.25 20.63 16.65
N MET B 154 11.25 20.11 15.42
CA MET B 154 10.05 20.02 14.61
C MET B 154 9.06 19.01 15.19
N VAL B 155 9.57 18.04 15.96
CA VAL B 155 8.74 16.99 16.52
C VAL B 155 7.74 17.58 17.52
N PRO B 156 8.16 18.28 18.59
CA PRO B 156 7.19 18.94 19.48
C PRO B 156 6.33 19.99 18.79
N GLN B 157 6.90 20.69 17.81
CA GLN B 157 6.15 21.72 17.09
C GLN B 157 4.98 21.08 16.35
N ILE B 158 5.24 19.98 15.62
CA ILE B 158 4.21 19.35 14.80
C ILE B 158 3.14 18.72 15.68
N PHE B 159 3.54 18.11 16.81
CA PHE B 159 2.57 17.63 17.79
C PHE B 159 1.63 18.77 18.18
N LYS B 160 2.18 19.96 18.45
CA LYS B 160 1.37 21.07 18.94
C LYS B 160 0.39 21.52 17.86
N ILE B 161 0.87 21.61 16.62
CA ILE B 161 0.04 22.02 15.49
C ILE B 161 -1.05 20.98 15.24
N ALA B 162 -0.62 19.72 15.04
CA ALA B 162 -1.51 18.64 14.63
C ALA B 162 -2.66 18.49 15.62
N GLU B 163 -2.33 18.54 16.92
CA GLU B 163 -3.28 18.22 17.98
C GLU B 163 -4.19 19.39 18.31
N ASP B 164 -3.90 20.58 17.77
CA ASP B 164 -4.73 21.75 18.01
C ASP B 164 -6.15 21.47 17.51
N LYS B 165 -7.16 21.88 18.30
CA LYS B 165 -8.56 21.57 18.07
C LYS B 165 -9.07 22.13 16.74
N ASP B 166 -8.41 23.18 16.23
CA ASP B 166 -8.79 23.78 14.96
C ASP B 166 -8.09 23.10 13.78
N VAL B 167 -7.17 22.18 14.07
CA VAL B 167 -6.39 21.53 13.03
C VAL B 167 -6.77 20.06 12.95
N LEU B 168 -6.31 19.26 13.93
CA LEU B 168 -6.61 17.84 14.00
C LEU B 168 -6.36 17.20 12.63
N LEU B 169 -5.11 17.33 12.17
CA LEU B 169 -4.62 16.66 10.98
C LEU B 169 -3.31 16.00 11.36
N PRO B 170 -2.99 14.81 10.80
CA PRO B 170 -1.69 14.19 11.01
C PRO B 170 -0.61 15.00 10.30
N GLY B 171 0.66 14.79 10.70
CA GLY B 171 1.74 15.60 10.17
C GLY B 171 3.02 14.80 9.95
N MET B 172 3.76 15.19 8.90
CA MET B 172 5.08 14.66 8.60
C MET B 172 6.13 15.75 8.85
N ALA B 173 7.11 15.40 9.69
CA ALA B 173 8.32 16.18 9.87
C ALA B 173 9.43 15.58 9.01
N CYS B 174 9.75 16.25 7.89
CA CYS B 174 10.61 15.65 6.88
C CYS B 174 12.04 16.14 7.06
N MET B 175 12.99 15.21 6.92
CA MET B 175 14.41 15.48 7.06
C MET B 175 15.17 14.59 6.07
N ASP B 176 16.19 15.15 5.43
CA ASP B 176 16.90 14.45 4.36
C ASP B 176 17.56 13.18 4.88
N GLY B 177 17.21 12.06 4.24
CA GLY B 177 17.77 10.75 4.56
C GLY B 177 19.28 10.74 4.35
N PHE B 178 19.99 10.17 5.34
CA PHE B 178 21.45 10.16 5.41
C PHE B 178 21.97 11.55 5.74
N ILE B 179 21.67 12.53 4.88
CA ILE B 179 22.22 13.87 5.03
C ILE B 179 21.98 14.38 6.45
N LEU B 180 20.76 14.19 6.98
CA LEU B 180 20.42 14.68 8.31
C LEU B 180 20.28 13.52 9.31
N SER B 181 19.93 12.34 8.82
CA SER B 181 19.67 11.22 9.73
C SER B 181 20.98 10.64 10.27
N HIS B 182 22.05 10.69 9.46
CA HIS B 182 23.27 9.94 9.75
C HIS B 182 24.44 10.87 10.08
N VAL B 183 24.21 12.18 10.02
CA VAL B 183 25.22 13.18 10.32
C VAL B 183 25.34 13.34 11.83
N TYR B 184 26.57 13.63 12.29
CA TYR B 184 26.82 14.07 13.66
C TYR B 184 27.17 15.55 13.61
N GLU B 185 26.42 16.37 14.36
CA GLU B 185 26.68 17.80 14.41
C GLU B 185 26.23 18.34 15.76
N PRO B 186 26.78 19.50 16.19
CA PRO B 186 26.32 20.18 17.40
C PRO B 186 24.84 20.49 17.34
N VAL B 187 24.13 20.21 18.44
CA VAL B 187 22.70 20.49 18.55
C VAL B 187 22.35 20.66 20.03
N VAL B 188 21.32 21.47 20.29
CA VAL B 188 20.73 21.55 21.62
C VAL B 188 19.61 20.50 21.70
N LEU B 189 19.85 19.48 22.52
CA LEU B 189 18.88 18.40 22.74
C LEU B 189 17.64 18.97 23.39
N LEU B 190 16.48 18.38 23.06
CA LEU B 190 15.20 18.91 23.48
C LEU B 190 15.08 18.86 25.00
N GLU B 191 14.63 19.99 25.58
CA GLU B 191 14.58 20.18 27.02
C GLU B 191 13.25 19.68 27.55
N GLN B 192 13.31 18.79 28.55
CA GLN B 192 12.14 18.06 29.05
C GLN B 192 11.14 19.01 29.73
N ASP B 193 11.65 19.86 30.63
CA ASP B 193 10.78 20.70 31.44
C ASP B 193 10.17 21.81 30.59
N LEU B 194 10.94 22.32 29.62
CA LEU B 194 10.45 23.29 28.67
C LEU B 194 9.31 22.68 27.85
N THR B 195 9.50 21.43 27.40
CA THR B 195 8.55 20.77 26.51
C THR B 195 7.26 20.46 27.26
N ASP B 196 7.38 20.11 28.55
CA ASP B 196 6.23 19.79 29.37
C ASP B 196 5.32 21.01 29.52
N GLU B 197 5.89 22.21 29.35
CA GLU B 197 5.13 23.45 29.46
C GLU B 197 4.70 23.94 28.08
N PHE B 198 5.51 23.65 27.06
CA PHE B 198 5.23 24.13 25.71
C PHE B 198 4.14 23.28 25.07
N LEU B 199 4.21 21.96 25.28
CA LEU B 199 3.37 21.01 24.57
C LEU B 199 2.33 20.42 25.54
N PRO B 200 1.07 20.90 25.50
CA PRO B 200 0.03 20.39 26.40
C PRO B 200 -0.22 18.92 26.07
N LYS B 201 -0.57 18.15 27.11
CA LYS B 201 -0.98 16.77 26.94
C LYS B 201 -2.11 16.71 25.92
N TYR B 202 -2.11 15.68 25.07
CA TYR B 202 -3.19 15.51 24.12
C TYR B 202 -4.47 15.20 24.89
N GLU B 203 -5.47 16.07 24.76
CA GLU B 203 -6.74 15.86 25.44
C GLU B 203 -7.86 15.87 24.41
N PRO B 204 -8.05 14.76 23.66
CA PRO B 204 -9.10 14.69 22.64
C PRO B 204 -10.50 14.79 23.25
N GLU B 205 -11.40 15.47 22.53
CA GLU B 205 -12.78 15.64 22.95
C GLU B 205 -13.51 14.29 22.99
N TYR B 206 -13.31 13.46 21.96
CA TYR B 206 -14.05 12.21 21.83
C TYR B 206 -13.09 11.06 21.52
N VAL B 207 -13.25 9.95 22.25
CA VAL B 207 -12.35 8.81 22.14
C VAL B 207 -13.14 7.52 22.22
N LEU B 208 -12.48 6.41 21.88
CA LEU B 208 -12.98 5.07 22.12
C LEU B 208 -12.91 4.82 23.63
N ASP B 209 -14.09 4.57 24.22
CA ASP B 209 -14.24 4.48 25.66
C ASP B 209 -15.56 3.79 25.97
N PRO B 210 -15.55 2.55 26.54
CA PRO B 210 -16.78 1.82 26.85
C PRO B 210 -17.79 2.56 27.72
N LYS B 211 -17.31 3.53 28.51
CA LYS B 211 -18.16 4.32 29.39
C LYS B 211 -18.84 5.45 28.62
N ASN B 212 -18.34 5.74 27.42
CA ASN B 212 -18.92 6.76 26.57
C ASN B 212 -18.87 6.29 25.11
N PRO B 213 -19.67 5.26 24.74
CA PRO B 213 -19.56 4.63 23.42
C PRO B 213 -19.85 5.58 22.26
N LEU B 214 -18.94 5.61 21.29
CA LEU B 214 -19.06 6.42 20.08
C LEU B 214 -18.58 5.59 18.89
N THR B 215 -18.97 6.02 17.68
CA THR B 215 -18.60 5.35 16.44
C THR B 215 -17.67 6.27 15.63
N PHE B 216 -16.51 5.72 15.22
CA PHE B 216 -15.50 6.44 14.45
C PHE B 216 -15.29 5.73 13.12
N GLY B 217 -15.27 6.50 12.02
CA GLY B 217 -15.00 5.96 10.70
C GLY B 217 -16.27 5.45 10.00
N ALA B 218 -17.37 6.19 10.19
CA ALA B 218 -18.64 5.92 9.54
C ALA B 218 -18.54 6.15 8.03
N PHE B 219 -19.59 5.73 7.31
CA PHE B 219 -19.67 5.76 5.86
C PHE B 219 -20.45 7.00 5.44
N ALA B 220 -19.88 7.78 4.52
CA ALA B 220 -20.51 9.04 4.12
C ALA B 220 -20.97 8.97 2.66
N ASP B 221 -22.27 9.19 2.44
CA ASP B 221 -22.83 9.19 1.10
C ASP B 221 -22.61 10.56 0.46
N PRO B 222 -23.02 10.77 -0.81
CA PRO B 222 -22.81 12.06 -1.48
C PRO B 222 -23.37 13.30 -0.79
N SER B 223 -24.32 13.11 0.15
CA SER B 223 -24.97 14.23 0.78
C SER B 223 -24.15 14.83 1.93
N THR B 224 -23.03 14.17 2.32
CA THR B 224 -22.20 14.70 3.40
C THR B 224 -20.71 14.69 3.07
N TYR B 225 -20.28 13.86 2.11
CA TYR B 225 -18.85 13.66 1.86
C TYR B 225 -18.14 14.99 1.59
N THR B 226 -18.75 15.84 0.73
CA THR B 226 -18.15 17.11 0.34
C THR B 226 -17.73 17.90 1.58
N GLU B 227 -18.61 17.92 2.60
CA GLU B 227 -18.42 18.74 3.79
C GLU B 227 -17.22 18.26 4.60
N PHE B 228 -17.00 16.94 4.66
CA PHE B 228 -15.81 16.39 5.30
C PHE B 228 -14.57 16.94 4.63
N ARG B 229 -14.55 16.92 3.29
CA ARG B 229 -13.41 17.37 2.52
C ARG B 229 -13.18 18.86 2.74
N TYR B 230 -14.27 19.62 2.78
CA TYR B 230 -14.23 21.06 2.98
C TYR B 230 -13.57 21.36 4.33
N LEU B 231 -13.90 20.58 5.36
CA LEU B 231 -13.41 20.81 6.71
C LEU B 231 -11.94 20.44 6.84
N GLN B 232 -11.47 19.46 6.05
CA GLN B 232 -10.05 19.15 5.96
C GLN B 232 -9.30 20.36 5.40
N GLU B 233 -9.82 20.94 4.32
CA GLU B 233 -9.21 22.10 3.70
C GLU B 233 -9.19 23.26 4.72
N LYS B 234 -10.28 23.40 5.47
CA LYS B 234 -10.40 24.46 6.47
C LYS B 234 -9.38 24.27 7.59
N ALA B 235 -9.12 23.02 7.96
CA ALA B 235 -8.13 22.66 8.97
C ALA B 235 -6.72 23.04 8.51
N MET B 236 -6.44 22.83 7.21
CA MET B 236 -5.17 23.24 6.61
C MET B 236 -5.01 24.76 6.63
N GLN B 237 -6.11 25.47 6.34
CA GLN B 237 -6.11 26.92 6.37
C GLN B 237 -5.87 27.44 7.78
N ALA B 238 -6.42 26.75 8.79
CA ALA B 238 -6.17 27.07 10.19
C ALA B 238 -4.73 26.79 10.57
N ALA B 239 -4.12 25.79 9.89
CA ALA B 239 -2.76 25.39 10.19
C ALA B 239 -1.75 26.46 9.76
N LEU B 240 -2.13 27.30 8.78
CA LEU B 240 -1.26 28.36 8.30
C LEU B 240 -0.83 29.27 9.46
N PRO B 241 -1.73 30.02 10.13
CA PRO B 241 -1.34 30.85 11.28
C PRO B 241 -0.90 30.05 12.49
N LYS B 242 -1.35 28.79 12.60
CA LYS B 242 -0.94 27.92 13.69
C LYS B 242 0.57 27.64 13.59
N ILE B 243 1.04 27.35 12.37
CA ILE B 243 2.46 27.06 12.15
C ILE B 243 3.30 28.28 12.52
N GLU B 244 2.82 29.48 12.17
CA GLU B 244 3.48 30.73 12.51
C GLU B 244 3.50 30.92 14.03
N ALA B 245 2.34 30.73 14.67
CA ALA B 245 2.17 30.97 16.10
C ALA B 245 3.05 30.02 16.91
N VAL B 246 3.09 28.74 16.52
CA VAL B 246 3.82 27.73 17.25
C VAL B 246 5.32 27.95 17.09
N SER B 247 5.73 28.37 15.88
CA SER B 247 7.14 28.68 15.63
C SER B 247 7.59 29.83 16.53
N LYS B 248 6.75 30.87 16.62
CA LYS B 248 7.07 32.05 17.42
C LYS B 248 7.11 31.68 18.90
N GLU B 249 6.12 30.86 19.33
CA GLU B 249 6.01 30.44 20.72
C GLU B 249 7.24 29.61 21.11
N PHE B 250 7.69 28.75 20.19
CA PHE B 250 8.87 27.94 20.43
C PHE B 250 10.09 28.84 20.60
N ALA B 251 10.18 29.88 19.75
CA ALA B 251 11.26 30.83 19.81
C ALA B 251 11.32 31.51 21.18
N GLU B 252 10.14 31.85 21.72
CA GLU B 252 10.00 32.56 22.98
C GLU B 252 10.38 31.66 24.16
N ILE B 253 10.06 30.36 24.04
CA ILE B 253 10.27 29.45 25.16
C ILE B 253 11.69 28.88 25.12
N TYR B 254 12.18 28.56 23.91
CA TYR B 254 13.41 27.79 23.76
C TYR B 254 14.56 28.66 23.25
N GLY B 255 14.24 29.85 22.72
CA GLY B 255 15.23 30.73 22.12
C GLY B 255 15.73 30.21 20.77
N ARG B 256 14.88 29.43 20.07
CA ARG B 256 15.26 28.89 18.77
C ARG B 256 14.13 29.18 17.78
N ASP B 257 14.47 29.94 16.72
CA ASP B 257 13.51 30.48 15.78
C ASP B 257 13.65 29.74 14.44
N HIS B 258 12.62 28.96 14.09
CA HIS B 258 12.67 28.11 12.91
C HIS B 258 11.90 28.72 11.74
N GLY B 259 11.28 29.88 11.95
CA GLY B 259 10.87 30.74 10.85
C GLY B 259 9.44 30.53 10.34
N GLY B 260 8.70 29.54 10.86
CA GLY B 260 7.29 29.43 10.52
C GLY B 260 7.05 28.79 9.15
N LEU B 261 6.34 29.50 8.27
CA LEU B 261 5.91 28.95 6.98
C LEU B 261 7.03 28.98 5.94
N ILE B 262 7.71 30.14 5.82
CA ILE B 262 8.78 30.33 4.85
C ILE B 262 9.90 31.10 5.55
N ASP B 263 11.10 31.07 4.96
CA ASP B 263 12.25 31.70 5.58
C ASP B 263 13.17 32.27 4.50
N GLY B 264 13.32 33.60 4.49
CA GLY B 264 14.17 34.26 3.51
C GLY B 264 15.61 34.41 4.02
N TYR B 265 16.58 34.27 3.09
CA TYR B 265 17.97 34.53 3.40
C TYR B 265 18.50 35.49 2.34
N GLN B 266 18.81 36.72 2.77
CA GLN B 266 19.26 37.78 1.87
C GLN B 266 18.21 38.00 0.78
N LEU B 267 16.94 38.00 1.16
CA LEU B 267 15.84 37.86 0.21
C LEU B 267 15.35 39.23 -0.26
N GLU B 268 15.36 40.23 0.63
CA GLU B 268 14.63 41.48 0.44
C GLU B 268 15.06 42.20 -0.84
N ASP B 269 16.36 42.18 -1.14
CA ASP B 269 16.91 42.94 -2.25
C ASP B 269 17.44 42.00 -3.34
N ALA B 270 17.13 40.70 -3.22
CA ALA B 270 17.60 39.70 -4.17
C ALA B 270 17.01 39.97 -5.55
N GLU B 271 17.89 39.94 -6.57
CA GLU B 271 17.48 39.97 -7.96
C GLU B 271 17.13 38.55 -8.42
N VAL B 272 17.96 37.59 -7.99
CA VAL B 272 17.73 36.18 -8.25
C VAL B 272 17.37 35.51 -6.93
N VAL B 273 16.21 34.84 -6.91
CA VAL B 273 15.75 34.14 -5.73
C VAL B 273 15.78 32.63 -5.99
N ILE B 274 16.44 31.89 -5.09
CA ILE B 274 16.44 30.44 -5.14
C ILE B 274 15.40 29.93 -4.14
N MET B 275 14.49 29.08 -4.62
CA MET B 275 13.51 28.43 -3.75
C MET B 275 13.87 26.95 -3.61
N ALA B 276 13.73 26.45 -2.37
CA ALA B 276 14.07 25.06 -2.06
C ALA B 276 13.49 24.69 -0.70
N MET B 277 13.51 23.39 -0.40
CA MET B 277 13.07 22.86 0.89
C MET B 277 14.13 21.90 1.43
N GLY B 278 14.30 21.90 2.75
CA GLY B 278 15.12 20.90 3.42
C GLY B 278 16.59 21.29 3.48
N SER B 279 17.45 20.28 3.68
CA SER B 279 18.85 20.46 4.05
C SER B 279 19.64 21.20 2.98
N LEU B 280 19.17 21.13 1.72
CA LEU B 280 19.83 21.78 0.60
C LEU B 280 20.03 23.26 0.89
N VAL B 281 19.10 23.85 1.67
CA VAL B 281 19.14 25.27 2.00
C VAL B 281 20.47 25.63 2.65
N GLY B 282 21.03 24.71 3.44
CA GLY B 282 22.32 24.90 4.08
C GLY B 282 23.42 25.18 3.05
N THR B 283 23.53 24.30 2.05
CA THR B 283 24.51 24.44 0.98
C THR B 283 24.26 25.77 0.26
N LEU B 284 22.97 26.07 0.00
CA LEU B 284 22.58 27.26 -0.72
C LEU B 284 23.05 28.52 0.02
N LYS B 285 22.96 28.50 1.36
CA LYS B 285 23.36 29.63 2.17
C LYS B 285 24.84 29.93 1.98
N ASP B 286 25.67 28.87 1.96
CA ASP B 286 27.10 29.00 1.78
C ASP B 286 27.42 29.58 0.40
N VAL B 287 26.67 29.16 -0.62
CA VAL B 287 26.92 29.63 -1.97
C VAL B 287 26.46 31.09 -2.09
N VAL B 288 25.30 31.41 -1.51
CA VAL B 288 24.77 32.76 -1.53
C VAL B 288 25.76 33.73 -0.89
N ASP B 289 26.36 33.31 0.24
CA ASP B 289 27.36 34.11 0.94
C ASP B 289 28.53 34.45 0.00
N ARG B 290 28.97 33.45 -0.78
CA ARG B 290 30.07 33.66 -1.72
C ARG B 290 29.66 34.68 -2.78
N TYR B 291 28.43 34.57 -3.27
CA TYR B 291 27.90 35.49 -4.27
C TYR B 291 27.79 36.90 -3.69
N ARG B 292 27.28 37.00 -2.45
CA ARG B 292 27.07 38.29 -1.81
C ARG B 292 28.42 38.93 -1.50
N ALA B 293 29.44 38.11 -1.21
CA ALA B 293 30.79 38.61 -0.98
C ALA B 293 31.34 39.29 -2.24
N LYS B 294 30.81 38.91 -3.41
CA LYS B 294 31.19 39.51 -4.68
C LYS B 294 30.16 40.56 -5.12
N GLY B 295 29.20 40.86 -4.23
CA GLY B 295 28.23 41.93 -4.45
C GLY B 295 27.13 41.56 -5.43
N GLU B 296 26.83 40.26 -5.57
CA GLU B 296 25.72 39.84 -6.42
C GLU B 296 24.48 39.57 -5.57
N LYS B 297 23.33 40.11 -6.02
CA LYS B 297 22.10 40.09 -5.24
C LYS B 297 21.40 38.75 -5.46
N ILE B 298 21.95 37.70 -4.83
CA ILE B 298 21.32 36.38 -4.83
C ILE B 298 20.72 36.18 -3.44
N GLY B 299 19.55 35.53 -3.38
CA GLY B 299 18.92 35.23 -2.11
C GLY B 299 18.17 33.91 -2.17
N ILE B 300 17.71 33.44 -1.01
CA ILE B 300 16.98 32.18 -0.88
C ILE B 300 15.61 32.47 -0.27
N LEU B 301 14.59 31.79 -0.81
CA LEU B 301 13.32 31.63 -0.14
C LEU B 301 13.14 30.15 0.20
N LYS B 302 13.33 29.83 1.50
CA LYS B 302 13.11 28.48 1.98
C LYS B 302 11.62 28.30 2.26
N VAL B 303 11.05 27.25 1.68
CA VAL B 303 9.69 26.85 2.01
C VAL B 303 9.76 25.77 3.08
N ARG B 304 9.28 26.11 4.29
CA ARG B 304 9.32 25.21 5.42
C ARG B 304 8.04 24.37 5.47
N SER B 305 6.90 25.03 5.33
CA SER B 305 5.60 24.34 5.25
C SER B 305 5.24 24.12 3.78
N PHE B 306 5.09 22.85 3.39
CA PHE B 306 4.70 22.52 2.03
C PHE B 306 3.19 22.24 2.00
N ARG B 307 2.70 21.64 3.08
CA ARG B 307 1.27 21.44 3.32
C ARG B 307 0.99 21.85 4.77
N PRO B 308 0.23 22.93 5.02
CA PRO B 308 -0.42 23.70 3.95
C PRO B 308 0.57 24.50 3.12
N PHE B 309 0.19 24.79 1.87
CA PHE B 309 1.02 25.54 0.95
C PHE B 309 0.84 27.03 1.19
N PRO B 310 1.91 27.77 1.56
CA PRO B 310 1.79 29.18 1.92
C PRO B 310 1.74 30.14 0.74
N LYS B 311 0.67 30.05 -0.05
CA LYS B 311 0.46 30.79 -1.29
C LYS B 311 0.68 32.29 -1.09
N MET B 312 0.00 32.87 -0.09
CA MET B 312 -0.01 34.31 0.11
C MET B 312 1.38 34.80 0.53
N GLN B 313 2.04 34.00 1.38
CA GLN B 313 3.34 34.31 1.93
C GLN B 313 4.39 34.29 0.83
N ILE B 314 4.31 33.30 -0.07
CA ILE B 314 5.28 33.15 -1.13
C ILE B 314 5.13 34.29 -2.14
N ARG B 315 3.87 34.60 -2.49
CA ARG B 315 3.57 35.62 -3.48
C ARG B 315 4.13 36.97 -3.01
N LYS B 316 3.98 37.26 -1.71
CA LYS B 316 4.45 38.53 -1.14
C LYS B 316 5.97 38.57 -1.13
N ALA B 317 6.60 37.43 -0.80
CA ALA B 317 8.04 37.35 -0.62
C ALA B 317 8.79 37.43 -1.94
N LEU B 318 8.11 37.12 -3.05
CA LEU B 318 8.71 37.12 -4.38
C LEU B 318 8.48 38.45 -5.10
N ALA B 319 7.87 39.42 -4.42
CA ALA B 319 7.37 40.64 -5.03
C ALA B 319 8.47 41.47 -5.68
N ASN B 320 9.72 41.38 -5.19
CA ASN B 320 10.77 42.25 -5.68
C ASN B 320 11.80 41.51 -6.53
N ALA B 321 11.58 40.21 -6.75
CA ALA B 321 12.56 39.40 -7.49
C ALA B 321 12.50 39.71 -8.98
N ASN B 322 13.64 39.53 -9.67
CA ASN B 322 13.74 39.75 -11.10
C ASN B 322 13.62 38.42 -11.84
N ALA B 323 14.01 37.33 -11.15
CA ALA B 323 13.87 35.97 -11.65
C ALA B 323 13.91 35.01 -10.47
N VAL B 324 13.18 33.89 -10.60
CA VAL B 324 13.09 32.89 -9.55
C VAL B 324 13.55 31.54 -10.13
N VAL B 325 14.41 30.84 -9.38
CA VAL B 325 14.78 29.48 -9.73
C VAL B 325 14.31 28.54 -8.62
N VAL B 326 13.53 27.52 -9.00
CA VAL B 326 12.98 26.59 -8.03
C VAL B 326 13.71 25.26 -8.14
N LEU B 327 14.24 24.78 -7.01
CA LEU B 327 14.96 23.52 -6.95
C LEU B 327 14.06 22.47 -6.30
N ASP B 328 13.89 21.34 -7.00
CA ASP B 328 13.05 20.24 -6.55
C ASP B 328 13.86 18.96 -6.55
N LYS B 329 13.79 18.22 -5.42
CA LYS B 329 14.34 16.89 -5.33
C LYS B 329 13.24 15.87 -5.63
N ASN B 330 12.53 16.11 -6.74
CA ASN B 330 11.38 15.30 -7.12
C ASN B 330 10.98 15.69 -8.54
N ILE B 331 10.08 14.89 -9.13
CA ILE B 331 9.58 15.19 -10.46
C ILE B 331 8.26 14.43 -10.65
N SER B 332 7.27 15.12 -11.19
CA SER B 332 6.03 14.46 -11.60
C SER B 332 6.21 13.98 -13.03
N ILE B 333 6.54 12.69 -13.18
CA ILE B 333 6.84 12.08 -14.46
C ILE B 333 5.67 12.32 -15.42
N GLY B 334 5.96 13.00 -16.52
CA GLY B 334 4.95 13.35 -17.50
C GLY B 334 4.71 14.87 -17.57
N THR B 335 5.38 15.61 -16.68
CA THR B 335 5.29 17.06 -16.66
C THR B 335 6.68 17.69 -16.77
N ASN B 336 7.72 16.89 -16.48
CA ASN B 336 9.11 17.35 -16.44
C ASN B 336 9.31 18.39 -15.34
N GLU B 337 8.39 18.45 -14.37
CA GLU B 337 8.47 19.49 -13.36
C GLU B 337 8.39 18.90 -11.95
N GLY B 338 9.16 19.49 -11.03
CA GLY B 338 9.01 19.24 -9.61
C GLY B 338 7.81 20.00 -9.05
N ALA B 339 7.31 19.56 -7.89
CA ALA B 339 6.03 20.01 -7.35
C ALA B 339 6.10 21.45 -6.84
N LEU B 340 7.25 21.84 -6.28
CA LEU B 340 7.39 23.20 -5.76
C LEU B 340 7.37 24.19 -6.92
N PHE B 341 8.04 23.83 -8.03
CA PHE B 341 8.06 24.65 -9.23
C PHE B 341 6.63 24.83 -9.75
N THR B 342 5.92 23.72 -9.90
CA THR B 342 4.55 23.73 -10.41
C THR B 342 3.68 24.64 -9.54
N GLU B 343 3.75 24.43 -8.22
CA GLU B 343 2.86 25.12 -7.29
C GLU B 343 3.25 26.59 -7.14
N THR B 344 4.54 26.90 -7.27
CA THR B 344 5.00 28.28 -7.19
C THR B 344 4.42 29.07 -8.37
N LYS B 345 4.57 28.53 -9.59
CA LYS B 345 3.97 29.13 -10.77
C LYS B 345 2.47 29.28 -10.59
N ALA B 346 1.83 28.25 -10.01
CA ALA B 346 0.38 28.25 -9.85
C ALA B 346 -0.07 29.39 -8.93
N CYS B 347 0.67 29.60 -7.83
CA CYS B 347 0.30 30.64 -6.87
C CYS B 347 0.63 32.03 -7.42
N MET B 348 1.55 32.11 -8.39
CA MET B 348 1.98 33.39 -8.92
C MET B 348 1.15 33.80 -10.14
N TYR B 349 0.43 32.83 -10.72
CA TYR B 349 -0.22 33.01 -12.01
C TYR B 349 -1.14 34.23 -12.02
N ASN B 350 -2.10 34.29 -11.07
CA ASN B 350 -3.13 35.31 -11.11
C ASN B 350 -2.68 36.60 -10.41
N SER B 351 -1.36 36.76 -10.22
CA SER B 351 -0.87 37.98 -9.61
C SER B 351 -0.33 38.91 -10.69
N ARG B 352 -0.04 40.17 -10.29
CA ARG B 352 0.48 41.19 -11.18
C ARG B 352 1.92 40.85 -11.58
N CYS B 353 2.62 40.13 -10.69
CA CYS B 353 4.04 39.82 -10.87
C CYS B 353 4.19 38.76 -11.96
N ASP B 354 4.89 39.13 -13.05
CA ASP B 354 5.00 38.29 -14.23
C ASP B 354 6.45 37.90 -14.51
N ILE B 355 7.29 37.85 -13.48
CA ILE B 355 8.72 37.62 -13.63
C ILE B 355 8.97 36.17 -14.04
N PRO B 356 10.08 35.89 -14.78
CA PRO B 356 10.41 34.51 -15.17
C PRO B 356 10.68 33.63 -13.95
N ILE B 357 10.05 32.46 -13.94
CA ILE B 357 10.29 31.43 -12.95
C ILE B 357 10.72 30.16 -13.68
N ILE B 358 11.90 29.64 -13.32
CA ILE B 358 12.42 28.42 -13.94
C ILE B 358 12.61 27.34 -12.87
N GLY B 359 12.73 26.09 -13.33
CA GLY B 359 12.85 24.94 -12.44
C GLY B 359 14.03 24.04 -12.79
N TYR B 360 14.69 23.51 -11.75
CA TYR B 360 15.68 22.47 -11.89
C TYR B 360 15.31 21.33 -10.93
N THR B 361 15.22 20.10 -11.47
CA THR B 361 15.13 18.94 -10.62
C THR B 361 16.53 18.36 -10.44
N LEU B 362 16.85 17.97 -9.20
CA LEU B 362 18.20 17.54 -8.84
C LEU B 362 18.14 16.63 -7.62
N ASN B 363 19.30 16.04 -7.29
CA ASN B 363 19.46 15.21 -6.11
C ASN B 363 18.62 13.94 -6.26
N HIS B 364 18.30 13.56 -7.50
CA HIS B 364 17.55 12.33 -7.75
C HIS B 364 18.40 11.15 -7.30
N GLY B 365 17.79 10.26 -6.50
CA GLY B 365 18.46 9.06 -6.04
C GLY B 365 19.78 9.38 -5.35
N GLY B 366 19.81 10.50 -4.62
CA GLY B 366 20.92 10.84 -3.74
C GLY B 366 22.10 11.50 -4.46
N ARG B 367 21.94 11.84 -5.75
CA ARG B 367 23.05 12.45 -6.48
C ARG B 367 23.41 13.77 -5.83
N ASP B 368 24.70 13.91 -5.48
CA ASP B 368 25.14 14.99 -4.61
C ASP B 368 24.98 16.33 -5.30
N VAL B 369 24.51 17.32 -4.53
CA VAL B 369 24.43 18.69 -5.01
C VAL B 369 25.62 19.46 -4.45
N SER B 370 26.57 19.77 -5.33
CA SER B 370 27.80 20.45 -4.94
C SER B 370 27.61 21.96 -5.04
N VAL B 371 28.52 22.69 -4.38
CA VAL B 371 28.62 24.13 -4.52
C VAL B 371 28.72 24.50 -6.00
N GLN B 372 29.48 23.71 -6.77
CA GLN B 372 29.75 24.01 -8.16
C GLN B 372 28.47 23.90 -8.99
N LEU B 373 27.64 22.90 -8.69
CA LEU B 373 26.38 22.72 -9.37
C LEU B 373 25.43 23.88 -9.07
N VAL B 374 25.43 24.31 -7.80
CA VAL B 374 24.62 25.46 -7.39
C VAL B 374 25.08 26.70 -8.17
N GLU B 375 26.41 26.86 -8.30
CA GLU B 375 26.95 28.04 -8.99
C GLU B 375 26.49 28.06 -10.44
N LYS B 376 26.51 26.89 -11.09
CA LYS B 376 26.09 26.77 -12.48
C LYS B 376 24.62 27.21 -12.61
N ILE B 377 23.78 26.75 -11.67
CA ILE B 377 22.36 27.04 -11.71
C ILE B 377 22.12 28.54 -11.55
N ILE B 378 22.87 29.18 -10.64
CA ILE B 378 22.74 30.61 -10.39
C ILE B 378 23.12 31.39 -11.64
N GLU B 379 24.23 31.00 -12.27
CA GLU B 379 24.71 31.66 -13.47
C GLU B 379 23.65 31.59 -14.57
N GLU B 380 23.01 30.44 -14.71
CA GLU B 380 21.98 30.24 -15.72
C GLU B 380 20.78 31.13 -15.43
N THR B 381 20.43 31.27 -14.14
CA THR B 381 19.28 32.05 -13.73
C THR B 381 19.56 33.54 -13.90
N LYS B 382 20.84 33.93 -13.72
CA LYS B 382 21.26 35.31 -13.92
C LYS B 382 21.01 35.74 -15.36
N LYS B 383 21.28 34.82 -16.30
CA LYS B 383 21.07 35.04 -17.72
C LYS B 383 19.57 35.21 -18.02
N VAL B 384 18.75 34.39 -17.35
CA VAL B 384 17.30 34.46 -17.51
C VAL B 384 16.79 35.84 -17.08
N ALA B 385 17.32 36.34 -15.95
CA ALA B 385 16.93 37.62 -15.38
C ALA B 385 17.15 38.76 -16.37
N LYS B 386 18.16 38.63 -17.23
CA LYS B 386 18.55 39.71 -18.12
C LYS B 386 18.06 39.45 -19.55
N SER B 387 17.83 38.18 -19.91
CA SER B 387 17.72 37.81 -21.30
C SER B 387 16.50 36.93 -21.58
N GLY B 388 15.87 36.40 -20.51
CA GLY B 388 14.65 35.61 -20.67
C GLY B 388 14.92 34.11 -20.61
N ILE B 389 13.83 33.33 -20.57
CA ILE B 389 13.89 31.89 -20.39
C ILE B 389 14.37 31.22 -21.69
N THR B 390 15.33 30.31 -21.54
CA THR B 390 15.76 29.40 -22.58
C THR B 390 15.04 28.06 -22.39
N VAL B 391 15.24 27.46 -21.20
CA VAL B 391 14.65 26.18 -20.86
C VAL B 391 13.92 26.35 -19.54
N GLU B 392 12.61 26.05 -19.54
CA GLU B 392 11.73 26.36 -18.43
C GLU B 392 12.00 25.41 -17.26
N SER B 393 12.16 24.13 -17.56
CA SER B 393 12.41 23.10 -16.56
C SER B 393 13.37 22.06 -17.15
N GLN B 394 14.27 21.54 -16.31
CA GLN B 394 15.26 20.56 -16.73
C GLN B 394 15.84 19.83 -15.53
N PHE B 395 16.39 18.64 -15.78
CA PHE B 395 17.28 17.96 -14.85
C PHE B 395 18.60 18.73 -14.81
N ALA B 396 19.10 19.00 -13.60
CA ALA B 396 20.27 19.84 -13.43
C ALA B 396 21.57 19.12 -13.80
N ASP B 397 21.61 17.79 -13.62
CA ASP B 397 22.86 17.07 -13.75
C ASP B 397 22.64 15.65 -14.27
N VAL B 398 22.13 15.54 -15.51
CA VAL B 398 22.03 14.24 -16.18
C VAL B 398 23.37 13.98 -16.87
N LYS B 399 23.74 12.70 -16.95
CA LYS B 399 24.95 12.26 -17.62
C LYS B 399 24.60 11.75 -19.02
N GLU B 400 24.78 12.61 -20.03
CA GLU B 400 24.44 12.32 -21.41
C GLU B 400 25.20 11.09 -21.89
N GLU B 401 26.32 10.80 -21.23
CA GLU B 401 27.18 9.66 -21.48
C GLU B 401 26.39 8.35 -21.39
N LEU B 402 25.51 8.26 -20.38
CA LEU B 402 24.79 7.04 -20.08
C LEU B 402 23.55 6.90 -20.97
N LEU B 403 23.30 7.91 -21.81
CA LEU B 403 22.11 7.93 -22.65
C LEU B 403 22.51 7.61 -24.10
N ALA C 5 31.04 -31.68 -7.83
CA ALA C 5 30.01 -30.83 -7.20
C ALA C 5 29.02 -30.34 -8.25
N PRO C 6 27.69 -30.31 -7.95
CA PRO C 6 26.70 -29.74 -8.86
C PRO C 6 27.04 -28.28 -9.16
N LYS C 7 26.76 -27.84 -10.39
CA LYS C 7 26.98 -26.45 -10.77
C LYS C 7 26.03 -25.55 -9.99
N THR C 8 26.53 -24.37 -9.59
CA THR C 8 25.69 -23.31 -9.07
C THR C 8 25.54 -22.26 -10.17
N TYR C 9 24.62 -21.31 -9.97
CA TYR C 9 24.32 -20.33 -10.99
C TYR C 9 24.39 -18.92 -10.41
N LEU C 10 25.23 -18.78 -9.37
CA LEU C 10 25.58 -17.49 -8.79
C LEU C 10 27.07 -17.23 -9.07
N SER C 11 27.39 -16.01 -9.49
CA SER C 11 28.75 -15.67 -9.87
C SER C 11 29.48 -15.03 -8.71
N PRO C 12 30.83 -15.10 -8.70
CA PRO C 12 31.66 -14.25 -7.83
C PRO C 12 31.41 -12.77 -8.13
N GLY C 13 31.78 -11.92 -7.16
CA GLY C 13 31.79 -10.49 -7.37
C GLY C 13 30.62 -9.78 -6.68
N HIS C 14 29.73 -10.56 -6.06
CA HIS C 14 28.64 -10.01 -5.27
C HIS C 14 29.22 -9.35 -4.02
N ARG C 15 28.38 -8.57 -3.32
CA ARG C 15 28.85 -7.71 -2.25
C ARG C 15 28.50 -8.27 -0.87
N GLY C 16 28.27 -9.59 -0.78
CA GLY C 16 28.00 -10.19 0.51
C GLY C 16 29.18 -10.05 1.46
N CYS C 17 28.92 -9.90 2.77
CA CYS C 17 30.01 -9.87 3.73
C CYS C 17 30.85 -11.13 3.58
N ALA C 18 32.10 -11.09 4.04
CA ALA C 18 32.90 -12.28 4.16
C ALA C 18 32.13 -13.32 4.97
N GLY C 19 31.92 -14.50 4.37
CA GLY C 19 31.24 -15.61 5.02
C GLY C 19 29.72 -15.51 4.99
N CYS C 20 29.18 -14.85 3.95
CA CYS C 20 27.76 -14.52 3.88
C CYS C 20 26.87 -15.77 3.80
N CYS C 21 25.88 -15.83 4.71
CA CYS C 21 24.87 -16.87 4.79
C CYS C 21 23.87 -16.79 3.63
N ASP C 22 23.57 -15.56 3.19
CA ASP C 22 22.63 -15.37 2.09
C ASP C 22 23.24 -15.86 0.78
N ALA C 23 24.55 -15.64 0.62
CA ALA C 23 25.28 -16.15 -0.53
C ALA C 23 25.23 -17.68 -0.55
N LEU C 24 25.50 -18.30 0.60
CA LEU C 24 25.48 -19.76 0.72
C LEU C 24 24.10 -20.34 0.41
N ALA C 25 23.06 -19.77 1.03
CA ALA C 25 21.70 -20.28 0.86
C ALA C 25 21.28 -20.24 -0.61
N SER C 26 21.55 -19.11 -1.27
CA SER C 26 21.17 -18.93 -2.66
C SER C 26 21.99 -19.86 -3.56
N LYS C 27 23.27 -20.02 -3.24
CA LYS C 27 24.16 -20.92 -3.94
C LYS C 27 23.61 -22.36 -3.90
N PHE C 28 23.21 -22.82 -2.71
CA PHE C 28 22.74 -24.18 -2.55
C PHE C 28 21.40 -24.36 -3.25
N MET C 29 20.55 -23.34 -3.16
CA MET C 29 19.25 -23.35 -3.82
C MET C 29 19.42 -23.61 -5.32
N LEU C 30 20.33 -22.87 -5.95
CA LEU C 30 20.54 -22.94 -7.40
C LEU C 30 21.12 -24.30 -7.79
N MET C 31 21.95 -24.87 -6.92
CA MET C 31 22.55 -26.18 -7.14
C MET C 31 21.47 -27.25 -7.19
N GLY C 32 20.49 -27.14 -6.28
CA GLY C 32 19.36 -28.05 -6.24
C GLY C 32 18.39 -27.84 -7.41
N ALA C 33 18.20 -26.58 -7.82
CA ALA C 33 17.16 -26.25 -8.79
C ALA C 33 17.63 -26.49 -10.23
N GLY C 34 18.91 -26.19 -10.51
CA GLY C 34 19.43 -26.28 -11.86
C GLY C 34 19.10 -25.04 -12.67
N PRO C 35 19.50 -24.97 -13.96
CA PRO C 35 19.37 -23.75 -14.77
C PRO C 35 18.03 -23.46 -15.44
N ASP C 36 17.11 -24.43 -15.43
CA ASP C 36 15.82 -24.23 -16.07
C ASP C 36 14.86 -23.64 -15.04
N THR C 37 15.14 -22.40 -14.61
CA THR C 37 14.44 -21.78 -13.50
C THR C 37 14.36 -20.27 -13.72
N ILE C 38 13.36 -19.65 -13.10
CA ILE C 38 13.24 -18.20 -13.02
C ILE C 38 13.14 -17.83 -11.55
N VAL C 39 14.00 -16.92 -11.11
CA VAL C 39 14.09 -16.56 -9.70
C VAL C 39 13.37 -15.22 -9.47
N ILE C 40 12.54 -15.19 -8.42
CA ILE C 40 11.91 -13.98 -7.91
C ILE C 40 12.52 -13.69 -6.54
N ASN C 41 13.05 -12.47 -6.34
CA ASN C 41 13.88 -12.18 -5.18
C ASN C 41 13.49 -10.85 -4.56
N PRO C 42 12.61 -10.84 -3.53
CA PRO C 42 12.29 -9.62 -2.78
C PRO C 42 13.48 -8.95 -2.13
N THR C 43 13.29 -7.65 -1.79
CA THR C 43 14.33 -6.78 -1.26
C THR C 43 14.96 -7.41 -0.01
N GLY C 44 16.28 -7.25 0.10
CA GLY C 44 17.04 -7.75 1.22
C GLY C 44 18.52 -7.82 0.84
N CYS C 45 19.34 -8.34 1.75
CA CYS C 45 20.77 -8.47 1.53
C CYS C 45 21.04 -9.19 0.22
N LEU C 46 20.39 -10.34 0.02
CA LEU C 46 20.64 -11.17 -1.15
C LEU C 46 20.46 -10.35 -2.44
N GLU C 47 19.31 -9.67 -2.53
CA GLU C 47 18.97 -8.86 -3.68
C GLU C 47 19.98 -7.73 -3.87
N VAL C 48 20.22 -6.95 -2.81
CA VAL C 48 21.06 -5.77 -2.92
C VAL C 48 22.49 -6.17 -3.34
N MET C 49 23.00 -7.23 -2.72
CA MET C 49 24.42 -7.55 -2.86
C MET C 49 24.72 -8.18 -4.21
N THR C 50 23.70 -8.72 -4.88
CA THR C 50 23.92 -9.47 -6.11
C THR C 50 23.62 -8.63 -7.35
N THR C 51 22.85 -7.54 -7.20
CA THR C 51 22.37 -6.83 -8.40
C THR C 51 22.63 -5.32 -8.35
N PRO C 52 23.85 -4.84 -8.06
CA PRO C 52 24.16 -3.41 -8.23
C PRO C 52 24.34 -3.08 -9.72
N PHE C 53 23.30 -2.47 -10.31
CA PHE C 53 23.30 -2.08 -11.71
C PHE C 53 24.62 -1.39 -12.04
N PRO C 54 25.30 -1.71 -13.17
CA PRO C 54 24.79 -2.65 -14.17
C PRO C 54 25.21 -4.13 -14.07
N GLU C 55 25.54 -4.58 -12.85
CA GLU C 55 26.06 -5.92 -12.65
C GLU C 55 24.99 -6.81 -12.02
N SER C 56 25.04 -8.11 -12.34
CA SER C 56 24.24 -9.12 -11.68
C SER C 56 25.04 -10.41 -11.49
N ALA C 57 24.93 -11.01 -10.29
CA ALA C 57 25.61 -12.25 -9.98
C ALA C 57 24.85 -13.46 -10.52
N TRP C 58 23.58 -13.26 -10.91
CA TRP C 58 22.71 -14.36 -11.29
C TRP C 58 22.97 -14.79 -12.73
N GLN C 59 23.14 -16.11 -12.92
CA GLN C 59 23.38 -16.69 -14.23
C GLN C 59 22.09 -17.32 -14.76
N VAL C 60 21.00 -17.13 -14.02
CA VAL C 60 19.66 -17.56 -14.43
C VAL C 60 18.77 -16.32 -14.49
N PRO C 61 17.58 -16.38 -15.13
CA PRO C 61 16.64 -15.26 -15.11
C PRO C 61 16.28 -14.90 -13.67
N TRP C 62 16.23 -13.60 -13.40
CA TRP C 62 16.01 -13.09 -12.06
C TRP C 62 15.21 -11.79 -12.14
N ILE C 63 14.25 -11.64 -11.23
CA ILE C 63 13.47 -10.41 -11.14
C ILE C 63 13.28 -10.03 -9.67
N HIS C 64 13.45 -8.74 -9.40
CA HIS C 64 13.11 -8.13 -8.13
C HIS C 64 12.08 -7.02 -8.39
N SER C 65 10.99 -7.08 -7.63
CA SER C 65 9.99 -6.02 -7.64
C SER C 65 10.13 -5.22 -6.34
N LEU C 66 9.40 -5.65 -5.30
CA LEU C 66 9.41 -4.94 -4.03
C LEU C 66 9.72 -5.94 -2.90
N PHE C 67 9.60 -5.46 -1.66
CA PHE C 67 9.92 -6.23 -0.47
C PHE C 67 8.77 -7.19 -0.13
N GLU C 68 7.53 -6.81 -0.46
CA GLU C 68 6.35 -7.48 0.07
C GLU C 68 5.77 -8.52 -0.90
N ASN C 69 6.19 -8.52 -2.18
CA ASN C 69 5.35 -9.11 -3.21
C ASN C 69 5.98 -10.32 -3.91
N GLY C 70 6.86 -11.05 -3.21
CA GLY C 70 7.50 -12.24 -3.76
C GLY C 70 6.50 -13.29 -4.24
N GLY C 71 5.49 -13.57 -3.40
CA GLY C 71 4.47 -14.56 -3.70
C GLY C 71 3.69 -14.21 -4.97
N ALA C 72 3.24 -12.95 -5.06
CA ALA C 72 2.40 -12.49 -6.15
C ALA C 72 3.19 -12.39 -7.46
N VAL C 73 4.44 -11.94 -7.39
CA VAL C 73 5.29 -11.81 -8.57
C VAL C 73 5.54 -13.20 -9.15
N ALA C 74 5.83 -14.18 -8.28
CA ALA C 74 6.06 -15.55 -8.71
C ALA C 74 4.80 -16.12 -9.36
N SER C 75 3.62 -15.83 -8.78
CA SER C 75 2.33 -16.23 -9.31
C SER C 75 2.18 -15.75 -10.75
N GLY C 76 2.49 -14.47 -10.97
CA GLY C 76 2.37 -13.85 -12.29
C GLY C 76 3.34 -14.46 -13.30
N VAL C 77 4.55 -14.80 -12.85
CA VAL C 77 5.54 -15.45 -13.70
C VAL C 77 5.00 -16.80 -14.17
N GLU C 78 4.50 -17.60 -13.21
CA GLU C 78 3.98 -18.94 -13.48
C GLU C 78 2.78 -18.86 -14.43
N ALA C 79 1.89 -17.89 -14.19
CA ALA C 79 0.69 -17.71 -14.99
C ALA C 79 1.04 -17.31 -16.43
N ALA C 80 2.05 -16.45 -16.58
CA ALA C 80 2.48 -16.00 -17.90
C ALA C 80 3.07 -17.15 -18.72
N LEU C 81 3.89 -18.00 -18.08
CA LEU C 81 4.48 -19.15 -18.74
C LEU C 81 3.39 -20.08 -19.27
N LYS C 82 2.36 -20.32 -18.43
CA LYS C 82 1.24 -21.18 -18.83
C LYS C 82 0.47 -20.54 -19.98
N ALA C 83 0.14 -19.25 -19.85
CA ALA C 83 -0.63 -18.56 -20.87
C ALA C 83 0.09 -18.59 -22.21
N LEU C 84 1.42 -18.48 -22.18
CA LEU C 84 2.22 -18.32 -23.38
C LEU C 84 2.76 -19.66 -23.87
N GLY C 85 2.44 -20.73 -23.14
CA GLY C 85 2.81 -22.09 -23.53
C GLY C 85 4.32 -22.33 -23.43
N ARG C 86 4.93 -21.76 -22.39
CA ARG C 86 6.37 -21.81 -22.23
C ARG C 86 6.75 -22.42 -20.89
N LYS C 87 5.79 -23.06 -20.21
CA LYS C 87 6.00 -23.57 -18.87
C LYS C 87 7.05 -24.69 -18.87
N GLY C 88 6.85 -25.71 -19.71
CA GLY C 88 7.77 -26.84 -19.78
C GLY C 88 8.12 -27.34 -18.38
N ASN C 89 9.43 -27.49 -18.10
CA ASN C 89 9.90 -27.93 -16.81
C ASN C 89 10.58 -26.78 -16.05
N THR C 90 10.32 -25.54 -16.47
CA THR C 90 10.93 -24.38 -15.83
C THR C 90 10.45 -24.30 -14.38
N ARG C 91 11.39 -24.06 -13.45
CA ARG C 91 11.08 -23.94 -12.04
C ARG C 91 10.93 -22.45 -11.69
N VAL C 92 9.75 -22.08 -11.21
CA VAL C 92 9.51 -20.73 -10.73
C VAL C 92 9.77 -20.71 -9.23
N ILE C 93 10.82 -20.00 -8.82
CA ILE C 93 11.29 -20.06 -7.44
C ILE C 93 11.34 -18.65 -6.85
N GLY C 94 10.64 -18.46 -5.73
CA GLY C 94 10.82 -17.28 -4.90
C GLY C 94 11.91 -17.52 -3.86
N VAL C 95 12.77 -16.53 -3.66
CA VAL C 95 13.79 -16.62 -2.63
C VAL C 95 13.79 -15.29 -1.86
N GLY C 96 13.66 -15.38 -0.53
CA GLY C 96 13.54 -14.18 0.28
C GLY C 96 13.99 -14.44 1.71
N GLY C 97 14.30 -13.36 2.43
CA GLY C 97 14.70 -13.47 3.83
C GLY C 97 13.49 -13.70 4.74
N ASP C 98 13.78 -13.94 6.02
CA ASP C 98 12.80 -14.12 7.07
C ASP C 98 11.82 -12.94 7.09
N GLY C 99 12.36 -11.72 7.01
CA GLY C 99 11.54 -10.52 7.07
C GLY C 99 10.56 -10.47 5.90
N SER C 100 11.07 -10.72 4.71
CA SER C 100 10.26 -10.69 3.50
C SER C 100 9.19 -11.77 3.52
N THR C 101 9.53 -12.96 4.05
CA THR C 101 8.67 -14.12 3.97
C THR C 101 7.63 -14.08 5.08
N MET C 102 8.10 -13.88 6.32
CA MET C 102 7.32 -14.17 7.50
C MET C 102 6.54 -12.93 7.95
N ASP C 103 7.03 -11.74 7.58
CA ASP C 103 6.45 -10.49 8.07
C ASP C 103 5.69 -9.79 6.94
N ILE C 104 6.42 -9.08 6.09
CA ILE C 104 5.80 -8.11 5.19
C ILE C 104 5.24 -8.79 3.94
N GLY C 105 5.74 -10.00 3.65
CA GLY C 105 5.35 -10.69 2.42
C GLY C 105 4.37 -11.84 2.64
N ILE C 106 3.85 -11.99 3.87
CA ILE C 106 3.05 -13.16 4.23
C ILE C 106 1.70 -13.16 3.52
N ARG C 107 1.10 -11.99 3.27
CA ARG C 107 -0.15 -11.94 2.52
C ARG C 107 0.09 -12.40 1.08
N SER C 108 1.14 -11.88 0.46
CA SER C 108 1.48 -12.22 -0.91
C SER C 108 1.67 -13.74 -1.06
N LEU C 109 2.35 -14.34 -0.07
CA LEU C 109 2.67 -15.76 -0.09
C LEU C 109 1.42 -16.60 0.18
N SER C 110 0.59 -16.13 1.12
CA SER C 110 -0.65 -16.80 1.49
C SER C 110 -1.57 -16.93 0.27
N GLY C 111 -1.72 -15.83 -0.47
CA GLY C 111 -2.54 -15.83 -1.68
C GLY C 111 -2.02 -16.81 -2.72
N ALA C 112 -0.70 -16.80 -2.94
CA ALA C 112 -0.06 -17.65 -3.95
C ALA C 112 -0.21 -19.13 -3.59
N PHE C 113 -0.10 -19.46 -2.30
CA PHE C 113 -0.20 -20.84 -1.84
C PHE C 113 -1.64 -21.33 -1.93
N GLU C 114 -2.60 -20.50 -1.51
CA GLU C 114 -3.98 -20.94 -1.50
C GLU C 114 -4.48 -21.16 -2.92
N ARG C 115 -3.96 -20.39 -3.88
CA ARG C 115 -4.37 -20.49 -5.28
C ARG C 115 -3.75 -21.72 -5.95
N GLY C 116 -2.71 -22.28 -5.33
CA GLY C 116 -2.14 -23.56 -5.74
C GLY C 116 -1.19 -23.44 -6.93
N HIS C 117 -0.59 -22.26 -7.11
CA HIS C 117 0.36 -22.05 -8.19
C HIS C 117 1.53 -23.01 -8.05
N ASP C 118 2.03 -23.51 -9.19
CA ASP C 118 3.21 -24.35 -9.21
C ASP C 118 4.45 -23.48 -9.04
N ILE C 119 4.75 -23.13 -7.79
CA ILE C 119 5.92 -22.33 -7.46
C ILE C 119 6.64 -23.01 -6.29
N THR C 120 7.93 -22.70 -6.14
CA THR C 120 8.69 -23.06 -4.95
C THR C 120 9.07 -21.76 -4.26
N TYR C 121 9.07 -21.76 -2.93
CA TYR C 121 9.47 -20.59 -2.18
C TYR C 121 10.51 -21.02 -1.14
N VAL C 122 11.65 -20.31 -1.14
CA VAL C 122 12.75 -20.58 -0.23
C VAL C 122 12.92 -19.39 0.70
N CYS C 123 12.73 -19.62 2.00
CA CYS C 123 12.99 -18.62 3.01
C CYS C 123 14.43 -18.77 3.53
N VAL C 124 15.20 -17.68 3.42
CA VAL C 124 16.55 -17.61 3.96
C VAL C 124 16.47 -16.91 5.31
N ASP C 125 16.45 -17.71 6.39
CA ASP C 125 16.12 -17.20 7.71
C ASP C 125 17.40 -16.94 8.49
N ASN C 126 17.81 -15.66 8.54
CA ASN C 126 18.92 -15.22 9.37
C ASN C 126 18.42 -14.49 10.61
N GLU C 127 17.13 -14.62 10.92
CA GLU C 127 16.56 -14.29 12.23
C GLU C 127 16.64 -12.80 12.54
N ALA C 128 16.69 -11.97 11.49
CA ALA C 128 16.59 -10.53 11.61
C ALA C 128 16.53 -9.90 10.23
N TYR C 129 16.20 -8.60 10.19
CA TYR C 129 16.32 -7.78 9.00
C TYR C 129 17.75 -7.30 8.90
N MET C 130 18.54 -7.93 8.02
CA MET C 130 19.98 -7.68 8.01
C MET C 130 20.34 -6.48 7.14
N ASN C 131 19.76 -6.38 5.93
CA ASN C 131 20.17 -5.34 5.00
C ASN C 131 20.03 -3.95 5.63
N THR C 132 19.01 -3.79 6.48
CA THR C 132 18.67 -2.52 7.10
C THR C 132 19.43 -2.30 8.41
N GLY C 133 20.14 -3.32 8.91
CA GLY C 133 21.05 -3.14 10.03
C GLY C 133 20.64 -3.89 11.31
N ILE C 134 20.03 -5.08 11.15
CA ILE C 134 19.85 -6.07 12.20
C ILE C 134 18.67 -5.70 13.11
N GLN C 135 17.48 -5.55 12.52
CA GLN C 135 16.31 -5.24 13.32
C GLN C 135 15.47 -6.50 13.52
N ARG C 136 14.63 -6.49 14.56
CA ARG C 136 13.81 -7.63 14.94
C ARG C 136 12.79 -7.94 13.85
N SER C 137 12.70 -9.23 13.50
CA SER C 137 11.62 -9.79 12.70
C SER C 137 10.95 -10.91 13.48
N SER C 138 9.88 -11.50 12.92
CA SER C 138 9.22 -12.60 13.61
C SER C 138 10.07 -13.86 13.55
N GLY C 139 11.14 -13.81 12.73
CA GLY C 139 12.14 -14.87 12.65
C GLY C 139 13.15 -14.79 13.80
N THR C 140 13.21 -13.64 14.47
CA THR C 140 14.10 -13.44 15.61
C THR C 140 13.62 -14.35 16.75
N PRO C 141 14.54 -15.12 17.39
CA PRO C 141 14.16 -16.00 18.49
C PRO C 141 14.08 -15.26 19.82
N PHE C 142 13.61 -15.97 20.85
CA PHE C 142 13.44 -15.40 22.17
C PHE C 142 14.78 -14.94 22.73
N ASP C 143 14.81 -13.69 23.22
CA ASP C 143 15.92 -13.11 23.96
C ASP C 143 17.13 -12.80 23.08
N ALA C 144 16.95 -12.85 21.75
CA ALA C 144 17.97 -12.35 20.85
C ALA C 144 18.00 -10.82 20.90
N SER C 145 19.20 -10.26 20.99
CA SER C 145 19.40 -8.83 20.87
C SER C 145 19.41 -8.44 19.39
N THR C 146 18.56 -7.48 19.03
CA THR C 146 18.59 -6.81 17.74
C THR C 146 18.57 -5.30 18.00
N THR C 147 18.76 -4.50 16.94
CA THR C 147 18.82 -3.06 17.13
C THR C 147 17.45 -2.46 17.43
N THR C 148 16.38 -3.24 17.25
CA THR C 148 15.05 -2.79 17.66
C THR C 148 14.49 -3.67 18.79
N SER C 149 15.31 -4.60 19.29
CA SER C 149 15.00 -5.31 20.52
C SER C 149 16.28 -5.49 21.34
N PRO C 150 16.94 -4.39 21.75
CA PRO C 150 18.24 -4.50 22.42
C PRO C 150 18.06 -4.86 23.89
N ALA C 151 19.12 -5.44 24.48
CA ALA C 151 19.15 -5.62 25.92
C ALA C 151 19.16 -4.24 26.59
N GLY C 152 18.58 -4.17 27.79
CA GLY C 152 18.53 -2.92 28.53
C GLY C 152 18.19 -3.16 30.00
N LYS C 153 17.97 -2.07 30.73
CA LYS C 153 17.68 -2.12 32.16
C LYS C 153 16.46 -3.00 32.42
N VAL C 154 15.49 -2.99 31.49
CA VAL C 154 14.26 -3.74 31.68
C VAL C 154 13.98 -4.67 30.50
N SER C 155 15.03 -5.12 29.79
CA SER C 155 14.82 -5.96 28.62
C SER C 155 15.94 -6.98 28.44
N PHE C 156 15.54 -8.22 28.13
CA PHE C 156 16.47 -9.27 27.74
C PHE C 156 16.47 -9.45 26.23
N GLY C 157 16.00 -8.44 25.49
CA GLY C 157 15.95 -8.52 24.04
C GLY C 157 14.54 -8.87 23.55
N ASN C 158 14.47 -9.51 22.38
CA ASN C 158 13.21 -9.90 21.75
C ASN C 158 12.40 -10.76 22.71
N PRO C 159 11.20 -10.30 23.15
CA PRO C 159 10.40 -11.04 24.13
C PRO C 159 9.44 -12.09 23.55
N ARG C 160 9.47 -12.26 22.23
CA ARG C 160 8.52 -13.13 21.53
C ARG C 160 9.23 -14.40 21.05
N PRO C 161 8.53 -15.55 20.98
CA PRO C 161 9.09 -16.75 20.36
C PRO C 161 9.16 -16.56 18.85
N LYS C 162 9.95 -17.41 18.19
CA LYS C 162 10.05 -17.43 16.74
C LYS C 162 8.71 -17.89 16.15
N LYS C 163 8.18 -17.13 15.18
CA LYS C 163 6.99 -17.53 14.45
C LYS C 163 7.30 -18.82 13.68
N ASP C 164 6.33 -19.74 13.67
CA ASP C 164 6.51 -21.06 13.06
C ASP C 164 5.98 -21.03 11.63
N MET C 165 6.82 -20.56 10.70
CA MET C 165 6.42 -20.37 9.32
C MET C 165 6.15 -21.72 8.64
N PRO C 166 6.98 -22.78 8.85
CA PRO C 166 6.68 -24.09 8.27
C PRO C 166 5.28 -24.61 8.60
N ALA C 167 4.88 -24.50 9.87
CA ALA C 167 3.55 -24.92 10.29
C ALA C 167 2.49 -24.08 9.58
N ILE C 168 2.75 -22.77 9.46
CA ILE C 168 1.78 -21.88 8.84
C ILE C 168 1.56 -22.27 7.38
N MET C 169 2.65 -22.64 6.68
CA MET C 169 2.54 -22.96 5.27
C MET C 169 1.92 -24.34 5.08
N ALA C 170 2.19 -25.24 6.03
CA ALA C 170 1.55 -26.55 6.06
C ALA C 170 0.04 -26.38 6.18
N ALA C 171 -0.39 -25.43 7.04
CA ALA C 171 -1.78 -25.12 7.27
C ALA C 171 -2.45 -24.54 6.02
N HIS C 172 -1.64 -24.09 5.06
CA HIS C 172 -2.14 -23.58 3.78
C HIS C 172 -2.36 -24.73 2.78
N GLY C 173 -2.10 -25.96 3.22
CA GLY C 173 -2.32 -27.12 2.37
C GLY C 173 -1.17 -27.37 1.39
N SER C 174 0.01 -26.79 1.66
CA SER C 174 1.19 -27.01 0.82
C SER C 174 1.54 -28.49 0.80
N PRO C 175 1.72 -29.11 -0.39
CA PRO C 175 2.04 -30.54 -0.49
C PRO C 175 3.41 -30.94 0.07
N TYR C 176 4.33 -29.97 0.16
CA TYR C 176 5.68 -30.26 0.64
C TYR C 176 6.28 -29.03 1.32
N VAL C 177 6.60 -29.20 2.61
CA VAL C 177 7.23 -28.19 3.45
C VAL C 177 8.43 -28.87 4.12
N ALA C 178 9.60 -28.22 4.06
CA ALA C 178 10.80 -28.78 4.67
C ALA C 178 11.64 -27.67 5.31
N THR C 179 12.20 -27.98 6.49
CA THR C 179 13.23 -27.16 7.09
C THR C 179 14.60 -27.70 6.67
N THR C 180 15.56 -26.79 6.51
CA THR C 180 16.93 -27.17 6.21
C THR C 180 17.86 -26.11 6.78
N SER C 181 19.14 -26.20 6.43
CA SER C 181 20.17 -25.36 7.01
C SER C 181 21.35 -25.28 6.06
N ILE C 182 21.97 -24.10 5.95
CA ILE C 182 23.16 -23.93 5.15
C ILE C 182 24.31 -24.73 5.77
N GLY C 183 24.12 -25.19 7.01
CA GLY C 183 25.07 -26.02 7.71
C GLY C 183 25.15 -27.44 7.13
N PHE C 184 24.14 -27.80 6.35
CA PHE C 184 24.02 -29.13 5.75
C PHE C 184 23.72 -28.95 4.27
N PRO C 185 24.75 -28.56 3.47
CA PRO C 185 24.53 -28.16 2.07
C PRO C 185 23.79 -29.17 1.19
N ARG C 186 24.16 -30.45 1.33
CA ARG C 186 23.59 -31.51 0.50
C ARG C 186 22.12 -31.72 0.86
N ASP C 187 21.81 -31.64 2.16
CA ASP C 187 20.44 -31.71 2.65
C ASP C 187 19.61 -30.60 2.00
N MET C 188 20.16 -29.39 1.98
CA MET C 188 19.43 -28.24 1.45
C MET C 188 19.20 -28.42 -0.06
N MET C 189 20.25 -28.83 -0.79
CA MET C 189 20.15 -28.99 -2.24
C MET C 189 19.08 -30.02 -2.55
N ARG C 190 19.05 -31.11 -1.78
CA ARG C 190 18.14 -32.23 -2.00
C ARG C 190 16.69 -31.78 -1.79
N LYS C 191 16.47 -30.98 -0.74
CA LYS C 191 15.13 -30.54 -0.37
C LYS C 191 14.60 -29.52 -1.38
N VAL C 192 15.48 -28.62 -1.83
CA VAL C 192 15.11 -27.64 -2.84
C VAL C 192 14.73 -28.37 -4.14
N LYS C 193 15.59 -29.29 -4.60
CA LYS C 193 15.35 -30.01 -5.83
C LYS C 193 13.97 -30.69 -5.79
N LYS C 194 13.69 -31.40 -4.70
CA LYS C 194 12.43 -32.11 -4.51
C LYS C 194 11.26 -31.12 -4.53
N ALA C 195 11.40 -30.00 -3.79
CA ALA C 195 10.34 -29.02 -3.72
C ALA C 195 10.01 -28.46 -5.10
N THR C 196 11.04 -28.26 -5.94
CA THR C 196 10.84 -27.64 -7.25
C THR C 196 10.15 -28.62 -8.20
N GLU C 197 10.31 -29.92 -7.93
CA GLU C 197 9.87 -30.96 -8.86
C GLU C 197 8.42 -31.35 -8.62
N ILE C 198 7.94 -31.17 -7.38
CA ILE C 198 6.55 -31.34 -7.05
C ILE C 198 5.74 -30.23 -7.72
N VAL C 199 4.61 -30.60 -8.33
CA VAL C 199 3.73 -29.65 -8.97
C VAL C 199 2.78 -29.10 -7.91
N GLY C 200 2.92 -27.81 -7.62
CA GLY C 200 2.14 -27.16 -6.57
C GLY C 200 3.03 -26.26 -5.70
N PRO C 201 2.44 -25.45 -4.78
CA PRO C 201 3.23 -24.51 -3.98
C PRO C 201 3.97 -25.20 -2.83
N THR C 202 5.30 -25.16 -2.90
CA THR C 202 6.15 -25.85 -1.95
C THR C 202 7.04 -24.83 -1.23
N TYR C 203 7.42 -25.16 0.01
CA TYR C 203 8.08 -24.20 0.89
C TYR C 203 9.31 -24.82 1.54
N ILE C 204 10.45 -24.12 1.43
CA ILE C 204 11.71 -24.51 2.07
C ILE C 204 12.12 -23.40 3.03
N HIS C 205 12.37 -23.78 4.29
CA HIS C 205 12.77 -22.83 5.31
C HIS C 205 14.20 -23.16 5.75
N SER C 206 15.16 -22.35 5.30
CA SER C 206 16.58 -22.61 5.54
C SER C 206 17.13 -21.69 6.62
N HIS C 207 17.63 -22.30 7.70
CA HIS C 207 18.35 -21.60 8.77
C HIS C 207 19.68 -21.10 8.20
N ALA C 208 19.97 -19.81 8.43
CA ALA C 208 21.14 -19.19 7.81
C ALA C 208 21.84 -18.24 8.78
N PRO C 209 22.81 -18.72 9.59
CA PRO C 209 23.54 -17.85 10.52
C PRO C 209 24.30 -16.71 9.87
N CYS C 210 24.06 -15.49 10.35
CA CYS C 210 24.66 -14.30 9.77
C CYS C 210 25.79 -13.83 10.67
N PRO C 211 27.07 -13.88 10.19
CA PRO C 211 28.21 -13.47 11.02
C PRO C 211 28.11 -12.01 11.47
N THR C 212 27.69 -11.13 10.54
CA THR C 212 27.57 -9.70 10.81
C THR C 212 26.46 -9.45 11.84
N GLY C 213 25.31 -10.12 11.65
CA GLY C 213 24.10 -9.82 12.42
C GLY C 213 24.03 -10.53 13.75
N TRP C 214 24.57 -11.76 13.81
CA TRP C 214 24.57 -12.55 15.04
C TRP C 214 25.81 -12.24 15.87
N GLY C 215 26.87 -11.75 15.21
CA GLY C 215 28.11 -11.39 15.89
C GLY C 215 28.99 -12.61 16.12
N PHE C 216 29.49 -13.20 15.03
CA PHE C 216 30.51 -14.24 15.09
C PHE C 216 31.43 -14.07 13.89
N ASP C 217 32.61 -14.72 13.95
CA ASP C 217 33.59 -14.60 12.89
C ASP C 217 33.07 -15.25 11.60
N GLY C 218 33.37 -14.62 10.46
CA GLY C 218 32.87 -15.05 9.17
C GLY C 218 33.28 -16.48 8.78
N SER C 219 34.30 -17.03 9.47
CA SER C 219 34.77 -18.38 9.17
C SER C 219 33.85 -19.45 9.78
N LYS C 220 32.91 -19.01 10.63
CA LYS C 220 32.17 -19.94 11.47
C LYS C 220 30.72 -20.14 11.00
N THR C 221 30.37 -19.58 9.84
CA THR C 221 28.98 -19.59 9.38
C THR C 221 28.41 -21.00 9.38
N ILE C 222 29.11 -21.95 8.76
CA ILE C 222 28.67 -23.33 8.66
C ILE C 222 28.65 -23.96 10.06
N GLU C 223 29.69 -23.67 10.85
CA GLU C 223 29.85 -24.27 12.16
C GLU C 223 28.69 -23.87 13.08
N ILE C 224 28.30 -22.60 13.02
CA ILE C 224 27.21 -22.07 13.83
C ILE C 224 25.90 -22.77 13.44
N ALA C 225 25.71 -22.97 12.13
CA ALA C 225 24.52 -23.61 11.59
C ALA C 225 24.38 -25.04 12.12
N LYS C 226 25.49 -25.78 12.16
CA LYS C 226 25.49 -27.15 12.65
C LYS C 226 25.16 -27.18 14.15
N LEU C 227 25.59 -26.14 14.87
CA LEU C 227 25.42 -26.03 16.31
C LEU C 227 23.95 -25.79 16.64
N ALA C 228 23.22 -25.10 15.76
CA ALA C 228 21.80 -24.88 15.92
C ALA C 228 21.04 -26.21 15.88
N VAL C 229 21.48 -27.12 14.99
CA VAL C 229 20.84 -28.42 14.83
C VAL C 229 21.23 -29.34 15.99
N GLU C 230 22.50 -29.27 16.41
CA GLU C 230 23.04 -30.11 17.47
C GLU C 230 22.38 -29.82 18.82
N THR C 231 22.00 -28.55 19.05
CA THR C 231 21.36 -28.14 20.30
C THR C 231 19.85 -28.34 20.21
N CYS C 232 19.37 -28.72 19.03
CA CYS C 232 17.95 -28.99 18.77
C CYS C 232 17.12 -27.71 18.83
N LEU C 233 17.78 -26.56 18.65
CA LEU C 233 17.07 -25.29 18.52
C LEU C 233 16.50 -25.15 17.11
N TRP C 234 17.08 -25.88 16.15
CA TRP C 234 16.58 -25.88 14.78
C TRP C 234 16.27 -27.31 14.31
N PRO C 235 14.99 -27.74 14.39
CA PRO C 235 14.59 -29.07 13.90
C PRO C 235 14.65 -29.16 12.38
N MET C 236 15.21 -30.28 11.90
CA MET C 236 15.36 -30.53 10.48
C MET C 236 14.39 -31.65 10.09
N TYR C 237 13.39 -31.32 9.27
CA TYR C 237 12.33 -32.28 8.97
C TYR C 237 11.69 -31.97 7.62
N GLU C 238 10.86 -32.93 7.16
CA GLU C 238 10.07 -32.82 5.95
C GLU C 238 8.60 -33.08 6.29
N MET C 239 7.72 -32.29 5.68
CA MET C 239 6.28 -32.49 5.78
C MET C 239 5.70 -32.70 4.38
N GLU C 240 5.11 -33.88 4.17
CA GLU C 240 4.46 -34.24 2.92
C GLU C 240 2.96 -34.32 3.19
N ASN C 241 2.21 -33.39 2.57
CA ASN C 241 0.77 -33.26 2.75
C ASN C 241 0.43 -32.98 4.22
N GLY C 242 1.24 -32.14 4.87
CA GLY C 242 0.96 -31.65 6.20
C GLY C 242 1.31 -32.66 7.30
N GLU C 243 1.95 -33.77 6.91
CA GLU C 243 2.33 -34.83 7.83
C GLU C 243 3.85 -34.96 7.82
N ILE C 244 4.46 -35.00 9.01
CA ILE C 244 5.90 -35.14 9.12
C ILE C 244 6.27 -36.56 8.72
N THR C 245 7.17 -36.69 7.72
CA THR C 245 7.51 -37.98 7.17
C THR C 245 8.97 -38.32 7.43
N GLN C 246 9.80 -37.29 7.61
CA GLN C 246 11.23 -37.48 7.86
C GLN C 246 11.68 -36.46 8.90
N VAL C 247 12.52 -36.92 9.83
CA VAL C 247 13.06 -36.08 10.89
C VAL C 247 14.53 -36.45 11.06
N ARG C 248 15.40 -35.43 11.10
CA ARG C 248 16.81 -35.65 11.37
C ARG C 248 17.01 -35.84 12.86
N LYS C 249 17.31 -37.08 13.27
CA LYS C 249 17.57 -37.43 14.66
C LYS C 249 18.89 -36.81 15.10
N VAL C 250 18.96 -36.45 16.38
CA VAL C 250 20.21 -35.99 16.99
C VAL C 250 20.40 -36.74 18.30
N LYS C 251 21.32 -37.72 18.25
CA LYS C 251 21.58 -38.66 19.32
C LYS C 251 22.15 -37.91 20.52
N ASP C 252 23.27 -37.21 20.30
CA ASP C 252 23.91 -36.40 21.33
C ASP C 252 23.51 -34.94 21.15
N SER C 253 22.49 -34.52 21.90
CA SER C 253 22.08 -33.12 21.92
C SER C 253 23.01 -32.33 22.84
N ARG C 254 23.43 -31.15 22.37
CA ARG C 254 24.30 -30.28 23.15
C ARG C 254 23.45 -29.27 23.91
N PRO C 255 23.86 -28.86 25.13
CA PRO C 255 23.19 -27.77 25.85
C PRO C 255 23.20 -26.50 25.00
N VAL C 256 22.13 -25.71 25.13
CA VAL C 256 21.90 -24.55 24.29
C VAL C 256 23.01 -23.52 24.48
N GLU C 257 23.64 -23.50 25.66
CA GLU C 257 24.66 -22.52 26.00
C GLU C 257 25.78 -22.52 24.96
N GLU C 258 26.13 -23.71 24.46
CA GLU C 258 27.25 -23.87 23.54
C GLU C 258 26.99 -23.09 22.25
N TYR C 259 25.72 -22.98 21.88
CA TYR C 259 25.31 -22.23 20.70
C TYR C 259 25.24 -20.74 21.04
N LEU C 260 24.63 -20.44 22.20
CA LEU C 260 24.33 -19.07 22.60
C LEU C 260 25.63 -18.30 22.83
N ARG C 261 26.62 -18.97 23.43
CA ARG C 261 27.83 -18.30 23.89
C ARG C 261 28.71 -17.89 22.71
N ALA C 262 28.47 -18.50 21.53
CA ALA C 262 29.29 -18.25 20.36
C ALA C 262 28.87 -16.97 19.63
N GLN C 263 27.86 -16.27 20.17
CA GLN C 263 27.17 -15.21 19.42
C GLN C 263 27.02 -13.95 20.27
N LYS C 264 27.47 -12.82 19.72
CA LYS C 264 27.35 -11.51 20.35
C LYS C 264 25.88 -11.18 20.65
N ARG C 265 24.95 -11.61 19.78
CA ARG C 265 23.54 -11.26 19.95
C ARG C 265 22.95 -11.93 21.20
N PHE C 266 23.73 -12.79 21.88
CA PHE C 266 23.25 -13.45 23.09
C PHE C 266 24.17 -13.14 24.27
N LYS C 267 25.18 -12.29 24.07
CA LYS C 267 26.19 -12.03 25.08
C LYS C 267 25.55 -11.55 26.37
N HIS C 268 24.46 -10.76 26.25
CA HIS C 268 23.78 -10.16 27.38
C HIS C 268 23.24 -11.21 28.34
N LEU C 269 22.95 -12.42 27.84
CA LEU C 269 22.42 -13.48 28.68
C LEU C 269 23.50 -14.01 29.61
N PHE C 270 24.76 -13.69 29.30
CA PHE C 270 25.90 -14.16 30.06
C PHE C 270 26.42 -13.08 31.00
N THR C 271 25.89 -11.86 30.89
CA THR C 271 26.39 -10.73 31.67
C THR C 271 25.32 -10.19 32.62
N MET C 272 24.07 -10.17 32.16
CA MET C 272 22.98 -9.57 32.91
C MET C 272 22.52 -10.50 34.03
N GLU C 273 22.10 -9.89 35.14
CA GLU C 273 21.46 -10.57 36.26
C GLU C 273 20.17 -11.23 35.77
N GLY C 274 20.05 -12.55 36.04
CA GLY C 274 18.87 -13.32 35.65
C GLY C 274 19.03 -13.95 34.27
N GLY C 275 20.23 -13.82 33.68
CA GLY C 275 20.52 -14.35 32.37
C GLY C 275 20.44 -15.88 32.33
N GLU C 276 20.92 -16.51 33.41
CA GLU C 276 20.90 -17.96 33.58
C GLU C 276 19.47 -18.48 33.45
N GLU C 277 18.53 -17.76 34.06
CA GLU C 277 17.12 -18.09 34.06
C GLU C 277 16.57 -18.00 32.64
N GLU C 278 17.07 -17.02 31.87
CA GLU C 278 16.62 -16.80 30.50
C GLU C 278 17.13 -17.92 29.60
N ILE C 279 18.37 -18.36 29.84
CA ILE C 279 18.98 -19.43 29.06
C ILE C 279 18.19 -20.72 29.28
N ALA C 280 17.63 -20.89 30.49
CA ALA C 280 16.82 -22.04 30.84
C ALA C 280 15.53 -22.07 30.01
N LYS C 281 14.96 -20.88 29.75
CA LYS C 281 13.79 -20.77 28.91
C LYS C 281 14.12 -21.25 27.49
N ILE C 282 15.31 -20.88 27.00
CA ILE C 282 15.78 -21.25 25.67
C ILE C 282 16.04 -22.76 25.63
N GLN C 283 16.59 -23.31 26.73
CA GLN C 283 16.79 -24.74 26.84
C GLN C 283 15.44 -25.47 26.78
N ALA C 284 14.41 -24.87 27.39
CA ALA C 284 13.07 -25.44 27.40
C ALA C 284 12.49 -25.51 26.00
N ALA C 285 12.79 -24.48 25.18
CA ALA C 285 12.36 -24.44 23.78
C ALA C 285 12.95 -25.61 23.00
N ALA C 286 14.24 -25.89 23.23
CA ALA C 286 14.93 -26.97 22.55
C ALA C 286 14.37 -28.32 22.99
N ASP C 287 14.07 -28.44 24.30
CA ASP C 287 13.53 -29.65 24.88
C ASP C 287 12.13 -29.91 24.34
N TRP C 288 11.37 -28.83 24.12
CA TRP C 288 10.06 -28.93 23.49
C TRP C 288 10.22 -29.47 22.07
N ASN C 289 11.23 -28.96 21.34
CA ASN C 289 11.53 -29.42 19.98
C ASN C 289 11.81 -30.91 19.99
N ILE C 290 12.62 -31.37 20.96
CA ILE C 290 12.98 -32.77 21.07
C ILE C 290 11.71 -33.62 21.20
N LYS C 291 10.77 -33.16 22.04
CA LYS C 291 9.54 -33.90 22.30
C LYS C 291 8.62 -33.87 21.08
N HIS C 292 8.34 -32.67 20.57
CA HIS C 292 7.32 -32.45 19.56
C HIS C 292 7.70 -33.12 18.24
N TYR C 293 8.96 -32.92 17.81
CA TYR C 293 9.49 -33.63 16.66
C TYR C 293 10.07 -34.95 17.18
N GLY C 294 10.52 -35.81 16.26
CA GLY C 294 10.98 -37.13 16.68
C GLY C 294 12.47 -37.16 17.00
N LEU C 295 12.98 -36.08 17.63
CA LEU C 295 14.41 -35.82 17.74
C LEU C 295 15.06 -36.86 18.68
N ALA D 5 -32.84 -13.65 27.64
CA ALA D 5 -31.80 -13.52 26.59
C ALA D 5 -30.75 -12.52 27.03
N PRO D 6 -29.44 -12.83 26.87
CA PRO D 6 -28.37 -11.86 27.13
C PRO D 6 -28.57 -10.63 26.25
N LYS D 7 -28.20 -9.46 26.78
CA LYS D 7 -28.35 -8.21 26.05
C LYS D 7 -27.38 -8.18 24.87
N THR D 8 -27.85 -7.66 23.73
CA THR D 8 -26.98 -7.36 22.60
C THR D 8 -26.76 -5.85 22.54
N TYR D 9 -25.76 -5.43 21.76
CA TYR D 9 -25.35 -4.03 21.73
C TYR D 9 -25.37 -3.50 20.30
N LEU D 10 -26.23 -4.12 19.48
CA LEU D 10 -26.52 -3.66 18.14
C LEU D 10 -27.98 -3.20 18.10
N SER D 11 -28.21 -2.06 17.43
CA SER D 11 -29.54 -1.46 17.39
C SER D 11 -30.26 -1.85 16.09
N PRO D 12 -31.61 -1.83 16.09
CA PRO D 12 -32.38 -1.85 14.85
C PRO D 12 -32.06 -0.64 13.97
N GLY D 13 -32.44 -0.73 12.69
CA GLY D 13 -32.34 0.40 11.79
C GLY D 13 -31.16 0.30 10.82
N HIS D 14 -30.32 -0.72 11.03
CA HIS D 14 -29.22 -1.01 10.12
C HIS D 14 -29.80 -1.48 8.78
N ARG D 15 -28.95 -1.49 7.74
CA ARG D 15 -29.40 -1.69 6.38
C ARG D 15 -29.10 -3.11 5.88
N GLY D 16 -28.99 -4.07 6.81
CA GLY D 16 -28.77 -5.45 6.40
C GLY D 16 -29.95 -5.98 5.60
N CYS D 17 -29.69 -6.88 4.64
CA CYS D 17 -30.79 -7.51 3.92
C CYS D 17 -31.71 -8.18 4.93
N ALA D 18 -32.96 -8.43 4.51
CA ALA D 18 -33.85 -9.27 5.30
C ALA D 18 -33.15 -10.60 5.55
N GLY D 19 -32.99 -10.95 6.84
CA GLY D 19 -32.42 -12.22 7.26
C GLY D 19 -30.89 -12.22 7.23
N CYS D 20 -30.27 -11.05 7.48
CA CYS D 20 -28.84 -10.87 7.30
C CYS D 20 -28.01 -11.69 8.28
N CYS D 21 -27.06 -12.46 7.73
CA CYS D 21 -26.12 -13.31 8.46
C CYS D 21 -25.08 -12.48 9.22
N ASP D 22 -24.67 -11.34 8.64
CA ASP D 22 -23.69 -10.47 9.27
C ASP D 22 -24.30 -9.81 10.51
N ALA D 23 -25.58 -9.42 10.41
CA ALA D 23 -26.31 -8.87 11.54
C ALA D 23 -26.37 -9.89 12.68
N LEU D 24 -26.70 -11.15 12.36
CA LEU D 24 -26.79 -12.21 13.36
C LEU D 24 -25.44 -12.45 14.04
N ALA D 25 -24.37 -12.58 13.24
CA ALA D 25 -23.05 -12.89 13.75
C ALA D 25 -22.58 -11.81 14.73
N SER D 26 -22.76 -10.54 14.34
CA SER D 26 -22.33 -9.43 15.18
C SER D 26 -23.19 -9.35 16.44
N LYS D 27 -24.50 -9.59 16.28
CA LYS D 27 -25.43 -9.63 17.39
C LYS D 27 -24.98 -10.65 18.45
N PHE D 28 -24.64 -11.87 18.00
CA PHE D 28 -24.27 -12.94 18.93
C PHE D 28 -22.92 -12.64 19.56
N MET D 29 -22.00 -12.11 18.76
CA MET D 29 -20.69 -11.70 19.24
C MET D 29 -20.82 -10.75 20.43
N LEU D 30 -21.68 -9.73 20.29
CA LEU D 30 -21.86 -8.72 21.31
C LEU D 30 -22.51 -9.31 22.57
N MET D 31 -23.42 -10.28 22.37
CA MET D 31 -24.09 -10.94 23.48
C MET D 31 -23.08 -11.69 24.34
N GLY D 32 -22.12 -12.36 23.67
CA GLY D 32 -21.05 -13.06 24.36
C GLY D 32 -20.03 -12.11 25.00
N ALA D 33 -19.75 -10.99 24.34
CA ALA D 33 -18.66 -10.11 24.75
C ALA D 33 -19.08 -9.19 25.90
N GLY D 34 -20.32 -8.69 25.85
CA GLY D 34 -20.79 -7.74 26.84
C GLY D 34 -20.39 -6.31 26.46
N PRO D 35 -20.75 -5.29 27.27
CA PRO D 35 -20.52 -3.89 26.89
C PRO D 35 -19.16 -3.27 27.19
N ASP D 36 -18.31 -3.98 27.95
CA ASP D 36 -16.98 -3.47 28.26
C ASP D 36 -16.02 -3.88 27.14
N THR D 37 -16.24 -3.33 25.95
CA THR D 37 -15.53 -3.78 24.75
C THR D 37 -15.35 -2.61 23.79
N ILE D 38 -14.33 -2.73 22.93
CA ILE D 38 -14.13 -1.82 21.82
C ILE D 38 -14.03 -2.68 20.56
N VAL D 39 -14.83 -2.33 19.55
CA VAL D 39 -14.92 -3.13 18.34
C VAL D 39 -14.15 -2.44 17.23
N ILE D 40 -13.32 -3.23 16.52
CA ILE D 40 -12.65 -2.83 15.29
C ILE D 40 -13.29 -3.61 14.14
N ASN D 41 -13.75 -2.90 13.11
CA ASN D 41 -14.61 -3.50 12.09
C ASN D 41 -14.15 -3.10 10.70
N PRO D 42 -13.31 -3.92 10.03
CA PRO D 42 -12.91 -3.64 8.64
C PRO D 42 -14.08 -3.61 7.66
N THR D 43 -13.82 -2.98 6.49
CA THR D 43 -14.81 -2.72 5.46
C THR D 43 -15.52 -4.02 5.08
N GLY D 44 -16.83 -3.91 4.85
CA GLY D 44 -17.65 -5.04 4.44
C GLY D 44 -19.11 -4.72 4.70
N CYS D 45 -19.99 -5.70 4.46
CA CYS D 45 -21.43 -5.51 4.63
C CYS D 45 -21.72 -5.02 6.04
N LEU D 46 -21.12 -5.67 7.04
CA LEU D 46 -21.38 -5.35 8.44
C LEU D 46 -21.10 -3.86 8.69
N GLU D 47 -19.91 -3.41 8.29
CA GLU D 47 -19.49 -2.04 8.49
C GLU D 47 -20.43 -1.07 7.77
N VAL D 48 -20.66 -1.31 6.46
CA VAL D 48 -21.43 -0.40 5.63
C VAL D 48 -22.86 -0.28 6.16
N MET D 49 -23.45 -1.42 6.54
CA MET D 49 -24.88 -1.47 6.81
C MET D 49 -25.21 -0.85 8.17
N THR D 50 -24.21 -0.78 9.06
CA THR D 50 -24.42 -0.35 10.44
C THR D 50 -24.02 1.11 10.64
N THR D 51 -23.20 1.70 9.75
CA THR D 51 -22.64 3.02 10.06
C THR D 51 -22.79 4.02 8.93
N PRO D 52 -23.98 4.20 8.30
CA PRO D 52 -24.20 5.29 7.36
C PRO D 52 -24.31 6.61 8.12
N PHE D 53 -23.25 7.42 8.08
CA PHE D 53 -23.19 8.70 8.79
C PHE D 53 -24.45 9.50 8.47
N PRO D 54 -25.10 10.17 9.47
CA PRO D 54 -24.61 10.23 10.85
C PRO D 54 -25.10 9.18 11.84
N GLU D 55 -25.54 8.02 11.33
CA GLU D 55 -26.14 6.99 12.15
C GLU D 55 -25.16 5.85 12.40
N SER D 56 -25.27 5.23 13.58
CA SER D 56 -24.56 4.01 13.93
C SER D 56 -25.44 3.07 14.74
N ALA D 57 -25.40 1.77 14.38
CA ALA D 57 -26.17 0.75 15.07
C ALA D 57 -25.46 0.25 16.32
N TRP D 58 -24.18 0.64 16.50
CA TRP D 58 -23.35 0.10 17.56
C TRP D 58 -23.59 0.88 18.86
N GLN D 59 -23.84 0.13 19.94
CA GLN D 59 -24.08 0.72 21.26
C GLN D 59 -22.81 0.61 22.11
N VAL D 60 -21.73 0.10 21.51
CA VAL D 60 -20.42 0.04 22.13
C VAL D 60 -19.46 0.86 21.28
N PRO D 61 -18.24 1.20 21.79
CA PRO D 61 -17.25 1.89 20.97
C PRO D 61 -16.90 1.05 19.75
N TRP D 62 -16.76 1.74 18.60
CA TRP D 62 -16.56 1.09 17.32
C TRP D 62 -15.69 1.97 16.44
N ILE D 63 -14.71 1.35 15.77
CA ILE D 63 -13.87 2.06 14.83
C ILE D 63 -13.70 1.23 13.55
N HIS D 64 -13.81 1.91 12.41
CA HIS D 64 -13.46 1.35 11.12
C HIS D 64 -12.38 2.23 10.50
N SER D 65 -11.28 1.58 10.09
CA SER D 65 -10.24 2.24 9.31
C SER D 65 -10.38 1.84 7.85
N LEU D 66 -9.74 0.72 7.47
CA LEU D 66 -9.71 0.27 6.09
C LEU D 66 -10.11 -1.21 6.03
N PHE D 67 -9.96 -1.81 4.83
CA PHE D 67 -10.37 -3.19 4.60
C PHE D 67 -9.30 -4.16 5.13
N GLU D 68 -8.03 -3.73 5.10
CA GLU D 68 -6.91 -4.65 5.28
C GLU D 68 -6.40 -4.68 6.73
N ASN D 69 -6.79 -3.72 7.58
CA ASN D 69 -5.97 -3.41 8.75
C ASN D 69 -6.67 -3.68 10.08
N GLY D 70 -7.61 -4.64 10.12
CA GLY D 70 -8.26 -5.01 11.36
C GLY D 70 -7.28 -5.39 12.47
N GLY D 71 -6.36 -6.31 12.15
CA GLY D 71 -5.38 -6.81 13.12
C GLY D 71 -4.55 -5.68 13.74
N ALA D 72 -3.99 -4.82 12.88
CA ALA D 72 -3.12 -3.73 13.30
C ALA D 72 -3.88 -2.67 14.09
N VAL D 73 -5.10 -2.34 13.66
CA VAL D 73 -5.90 -1.31 14.33
C VAL D 73 -6.22 -1.80 15.75
N ALA D 74 -6.64 -3.06 15.87
CA ALA D 74 -6.92 -3.65 17.17
C ALA D 74 -5.66 -3.65 18.06
N SER D 75 -4.50 -3.91 17.45
CA SER D 75 -3.22 -3.90 18.14
C SER D 75 -2.98 -2.53 18.78
N GLY D 76 -3.26 -1.48 18.02
CA GLY D 76 -3.03 -0.11 18.44
C GLY D 76 -3.99 0.31 19.55
N VAL D 77 -5.24 -0.18 19.47
CA VAL D 77 -6.24 0.06 20.51
C VAL D 77 -5.75 -0.53 21.83
N GLU D 78 -5.37 -1.82 21.80
CA GLU D 78 -4.92 -2.55 22.98
C GLU D 78 -3.70 -1.87 23.60
N ALA D 79 -2.74 -1.47 22.74
CA ALA D 79 -1.50 -0.84 23.19
C ALA D 79 -1.79 0.51 23.84
N ALA D 80 -2.73 1.26 23.27
CA ALA D 80 -3.11 2.57 23.79
C ALA D 80 -3.75 2.44 25.17
N LEU D 81 -4.62 1.44 25.34
CA LEU D 81 -5.27 1.19 26.61
C LEU D 81 -4.23 0.90 27.69
N LYS D 82 -3.23 0.07 27.34
CA LYS D 82 -2.17 -0.27 28.28
C LYS D 82 -1.34 0.96 28.63
N ALA D 83 -0.94 1.72 27.61
CA ALA D 83 -0.10 2.89 27.80
C ALA D 83 -0.78 3.89 28.73
N LEU D 84 -2.09 4.05 28.58
CA LEU D 84 -2.85 5.09 29.25
C LEU D 84 -3.45 4.58 30.56
N GLY D 85 -3.22 3.30 30.86
CA GLY D 85 -3.67 2.68 32.10
C GLY D 85 -5.18 2.52 32.16
N ARG D 86 -5.78 2.15 31.02
CA ARG D 86 -7.24 2.10 30.90
C ARG D 86 -7.70 0.73 30.43
N LYS D 87 -6.80 -0.26 30.46
CA LYS D 87 -7.09 -1.58 29.92
C LYS D 87 -8.20 -2.26 30.75
N GLY D 88 -8.00 -2.33 32.06
CA GLY D 88 -8.96 -3.01 32.94
C GLY D 88 -9.40 -4.34 32.34
N ASN D 89 -10.72 -4.54 32.26
CA ASN D 89 -11.29 -5.77 31.71
C ASN D 89 -11.90 -5.52 30.33
N THR D 90 -11.52 -4.41 29.68
CA THR D 90 -12.05 -4.06 28.38
C THR D 90 -11.63 -5.11 27.35
N ARG D 91 -12.59 -5.56 26.53
CA ARG D 91 -12.33 -6.54 25.49
C ARG D 91 -12.10 -5.80 24.17
N VAL D 92 -10.91 -6.02 23.58
CA VAL D 92 -10.63 -5.46 22.27
C VAL D 92 -10.92 -6.54 21.22
N ILE D 93 -11.93 -6.30 20.39
CA ILE D 93 -12.45 -7.32 19.49
C ILE D 93 -12.45 -6.81 18.06
N GLY D 94 -11.76 -7.54 17.18
CA GLY D 94 -11.88 -7.34 15.75
C GLY D 94 -13.00 -8.21 15.19
N VAL D 95 -13.82 -7.61 14.32
CA VAL D 95 -14.86 -8.37 13.65
C VAL D 95 -14.79 -8.05 12.15
N GLY D 96 -14.70 -9.09 11.33
CA GLY D 96 -14.53 -8.90 9.89
C GLY D 96 -15.03 -10.11 9.12
N GLY D 97 -15.28 -9.89 7.82
CA GLY D 97 -15.72 -10.97 6.94
C GLY D 97 -14.56 -11.87 6.53
N ASP D 98 -14.91 -12.94 5.83
CA ASP D 98 -13.97 -13.91 5.28
C ASP D 98 -12.92 -13.19 4.43
N GLY D 99 -13.37 -12.28 3.56
CA GLY D 99 -12.49 -11.55 2.67
C GLY D 99 -11.47 -10.72 3.43
N SER D 100 -11.95 -9.97 4.42
CA SER D 100 -11.09 -9.13 5.24
C SER D 100 -10.10 -9.95 6.06
N THR D 101 -10.56 -11.11 6.56
CA THR D 101 -9.76 -11.90 7.50
C THR D 101 -8.75 -12.75 6.74
N MET D 102 -9.26 -13.50 5.76
CA MET D 102 -8.52 -14.61 5.17
C MET D 102 -7.67 -14.13 4.00
N ASP D 103 -8.10 -13.06 3.31
CA ASP D 103 -7.45 -12.60 2.10
C ASP D 103 -6.62 -11.36 2.37
N ILE D 104 -7.27 -10.19 2.40
CA ILE D 104 -6.55 -8.92 2.31
C ILE D 104 -6.00 -8.52 3.68
N GLY D 105 -6.57 -9.07 4.75
CA GLY D 105 -6.20 -8.64 6.09
C GLY D 105 -5.30 -9.62 6.82
N ILE D 106 -4.79 -10.65 6.13
CA ILE D 106 -4.09 -11.76 6.77
C ILE D 106 -2.71 -11.33 7.29
N ARG D 107 -2.04 -10.40 6.61
CA ARG D 107 -0.76 -9.90 7.10
C ARG D 107 -0.98 -9.12 8.41
N SER D 108 -2.00 -8.26 8.40
CA SER D 108 -2.35 -7.46 9.57
C SER D 108 -2.62 -8.36 10.77
N LEU D 109 -3.35 -9.45 10.52
CA LEU D 109 -3.77 -10.37 11.56
C LEU D 109 -2.59 -11.22 12.04
N SER D 110 -1.74 -11.64 11.10
CA SER D 110 -0.58 -12.46 11.39
C SER D 110 0.37 -11.72 12.34
N GLY D 111 0.62 -10.44 12.03
CA GLY D 111 1.45 -9.58 12.86
C GLY D 111 0.88 -9.45 14.27
N ALA D 112 -0.44 -9.23 14.36
CA ALA D 112 -1.09 -9.00 15.64
C ALA D 112 -1.03 -10.25 16.52
N PHE D 113 -1.23 -11.42 15.92
CA PHE D 113 -1.23 -12.68 16.66
C PHE D 113 0.20 -13.02 17.10
N GLU D 114 1.15 -12.80 16.19
CA GLU D 114 2.55 -13.14 16.44
C GLU D 114 3.07 -12.33 17.62
N ARG D 115 2.63 -11.06 17.72
CA ARG D 115 3.09 -10.15 18.76
C ARG D 115 2.42 -10.47 20.10
N GLY D 116 1.33 -11.23 20.06
CA GLY D 116 0.69 -11.75 21.26
C GLY D 116 -0.20 -10.72 21.97
N HIS D 117 -0.72 -9.75 21.21
CA HIS D 117 -1.64 -8.76 21.76
C HIS D 117 -2.86 -9.46 22.35
N ASP D 118 -3.36 -8.90 23.46
CA ASP D 118 -4.59 -9.39 24.07
C ASP D 118 -5.78 -8.86 23.29
N ILE D 119 -6.09 -9.52 22.18
CA ILE D 119 -7.21 -9.16 21.32
C ILE D 119 -7.99 -10.43 21.01
N THR D 120 -9.26 -10.26 20.64
CA THR D 120 -10.09 -11.33 20.09
C THR D 120 -10.42 -10.93 18.65
N TYR D 121 -10.43 -11.92 17.75
CA TYR D 121 -10.79 -11.65 16.37
C TYR D 121 -11.88 -12.62 15.95
N VAL D 122 -12.98 -12.07 15.39
CA VAL D 122 -14.13 -12.85 14.98
C VAL D 122 -14.27 -12.75 13.45
N CYS D 123 -14.14 -13.89 12.77
CA CYS D 123 -14.35 -13.93 11.34
C CYS D 123 -15.80 -14.31 11.05
N VAL D 124 -16.49 -13.45 10.28
CA VAL D 124 -17.85 -13.71 9.84
C VAL D 124 -17.76 -14.26 8.42
N ASP D 125 -17.83 -15.59 8.29
CA ASP D 125 -17.51 -16.26 7.03
C ASP D 125 -18.78 -16.57 6.26
N ASN D 126 -19.09 -15.72 5.28
CA ASN D 126 -20.22 -15.96 4.37
C ASN D 126 -19.73 -16.43 3.00
N GLU D 127 -18.44 -16.81 2.91
CA GLU D 127 -17.90 -17.58 1.79
C GLU D 127 -17.92 -16.82 0.47
N ALA D 128 -17.89 -15.48 0.55
CA ALA D 128 -17.67 -14.58 -0.57
C ALA D 128 -17.53 -13.15 -0.07
N TYR D 129 -17.12 -12.27 -0.99
CA TYR D 129 -17.14 -10.83 -0.77
C TYR D 129 -18.54 -10.34 -1.11
N MET D 130 -19.35 -10.06 -0.08
CA MET D 130 -20.77 -9.80 -0.29
C MET D 130 -21.03 -8.33 -0.60
N ASN D 131 -20.40 -7.41 0.14
CA ASN D 131 -20.74 -6.00 -0.01
C ASN D 131 -20.51 -5.55 -1.46
N THR D 132 -19.50 -6.13 -2.11
CA THR D 132 -19.10 -5.76 -3.46
C THR D 132 -19.89 -6.50 -4.53
N GLY D 133 -20.67 -7.52 -4.14
CA GLY D 133 -21.59 -8.17 -5.08
C GLY D 133 -21.26 -9.64 -5.36
N ILE D 134 -20.71 -10.34 -4.36
CA ILE D 134 -20.62 -11.79 -4.30
C ILE D 134 -19.44 -12.30 -5.14
N GLN D 135 -18.24 -11.84 -4.84
CA GLN D 135 -17.07 -12.31 -5.58
C GLN D 135 -16.34 -13.36 -4.76
N ARG D 136 -15.53 -14.18 -5.44
CA ARG D 136 -14.80 -15.28 -4.81
C ARG D 136 -13.77 -14.74 -3.82
N SER D 137 -13.75 -15.35 -2.62
CA SER D 137 -12.68 -15.19 -1.65
C SER D 137 -12.09 -16.56 -1.34
N SER D 138 -11.03 -16.60 -0.52
CA SER D 138 -10.47 -17.90 -0.16
C SER D 138 -11.40 -18.64 0.80
N GLY D 139 -12.43 -17.94 1.29
CA GLY D 139 -13.50 -18.53 2.09
C GLY D 139 -14.52 -19.29 1.24
N THR D 140 -14.52 -19.01 -0.07
CA THR D 140 -15.43 -19.65 -1.02
C THR D 140 -15.08 -21.14 -1.10
N PRO D 141 -16.07 -22.06 -0.98
CA PRO D 141 -15.81 -23.49 -1.06
C PRO D 141 -15.68 -23.96 -2.51
N PHE D 142 -15.25 -25.22 -2.67
CA PHE D 142 -15.08 -25.84 -3.98
C PHE D 142 -16.41 -25.85 -4.74
N ASP D 143 -16.36 -25.38 -5.98
CA ASP D 143 -17.47 -25.47 -6.94
C ASP D 143 -18.64 -24.55 -6.58
N ALA D 144 -18.43 -23.61 -5.66
CA ALA D 144 -19.41 -22.55 -5.47
C ALA D 144 -19.34 -21.58 -6.64
N SER D 145 -20.52 -21.16 -7.12
CA SER D 145 -20.59 -20.11 -8.12
C SER D 145 -20.53 -18.74 -7.42
N THR D 146 -19.62 -17.89 -7.88
CA THR D 146 -19.57 -16.48 -7.50
C THR D 146 -19.48 -15.66 -8.78
N THR D 147 -19.58 -14.32 -8.65
CA THR D 147 -19.57 -13.49 -9.84
C THR D 147 -18.17 -13.40 -10.46
N THR D 148 -17.13 -13.84 -9.73
CA THR D 148 -15.80 -13.92 -10.32
C THR D 148 -15.34 -15.38 -10.42
N SER D 149 -16.23 -16.31 -10.07
CA SER D 149 -16.02 -17.73 -10.35
C SER D 149 -17.33 -18.34 -10.82
N PRO D 150 -17.91 -17.86 -11.95
CA PRO D 150 -19.23 -18.33 -12.38
C PRO D 150 -19.12 -19.69 -13.06
N ALA D 151 -20.24 -20.43 -13.08
CA ALA D 151 -20.35 -21.62 -13.90
C ALA D 151 -20.28 -21.20 -15.36
N GLY D 152 -19.66 -22.06 -16.19
CA GLY D 152 -19.54 -21.78 -17.61
C GLY D 152 -19.32 -23.06 -18.41
N LYS D 153 -19.06 -22.89 -19.71
CA LYS D 153 -18.83 -23.99 -20.63
C LYS D 153 -17.65 -24.84 -20.15
N VAL D 154 -16.67 -24.20 -19.50
CA VAL D 154 -15.47 -24.93 -19.06
C VAL D 154 -15.22 -24.73 -17.57
N SER D 155 -16.28 -24.44 -16.79
CA SER D 155 -16.07 -24.17 -15.37
C SER D 155 -17.24 -24.64 -14.52
N PHE D 156 -16.92 -25.29 -13.39
CA PHE D 156 -17.89 -25.68 -12.39
C PHE D 156 -17.89 -24.69 -11.23
N GLY D 157 -17.34 -23.49 -11.46
CA GLY D 157 -17.25 -22.48 -10.41
C GLY D 157 -15.87 -22.46 -9.78
N ASN D 158 -15.79 -22.00 -8.53
CA ASN D 158 -14.55 -21.88 -7.80
C ASN D 158 -13.81 -23.21 -7.79
N PRO D 159 -12.59 -23.29 -8.39
CA PRO D 159 -11.85 -24.55 -8.46
C PRO D 159 -10.95 -24.88 -7.26
N ARG D 160 -10.96 -24.01 -6.25
CA ARG D 160 -10.05 -24.14 -5.11
C ARG D 160 -10.84 -24.59 -3.88
N PRO D 161 -10.20 -25.34 -2.94
CA PRO D 161 -10.84 -25.66 -1.67
C PRO D 161 -10.82 -24.42 -0.78
N LYS D 162 -11.65 -24.46 0.26
CA LYS D 162 -11.70 -23.41 1.27
C LYS D 162 -10.37 -23.38 2.03
N LYS D 163 -9.76 -22.19 2.12
CA LYS D 163 -8.59 -21.97 2.96
C LYS D 163 -8.97 -22.27 4.41
N ASP D 164 -8.05 -22.93 5.13
CA ASP D 164 -8.30 -23.37 6.51
C ASP D 164 -7.74 -22.34 7.49
N MET D 165 -8.51 -21.28 7.73
CA MET D 165 -8.06 -20.16 8.54
C MET D 165 -7.86 -20.58 10.00
N PRO D 166 -8.75 -21.41 10.60
CA PRO D 166 -8.53 -21.88 11.97
C PRO D 166 -7.19 -22.60 12.17
N ALA D 167 -6.83 -23.46 11.22
CA ALA D 167 -5.53 -24.12 11.27
C ALA D 167 -4.40 -23.10 11.16
N ILE D 168 -4.58 -22.11 10.28
CA ILE D 168 -3.55 -21.10 10.07
C ILE D 168 -3.31 -20.33 11.37
N MET D 169 -4.39 -19.99 12.08
CA MET D 169 -4.25 -19.17 13.29
C MET D 169 -3.73 -20.03 14.45
N ALA D 170 -4.08 -21.32 14.44
CA ALA D 170 -3.51 -22.26 15.39
C ALA D 170 -1.99 -22.31 15.23
N ALA D 171 -1.54 -22.30 13.97
CA ALA D 171 -0.11 -22.36 13.65
C ALA D 171 0.61 -21.08 14.11
N HIS D 172 -0.14 -20.02 14.39
CA HIS D 172 0.42 -18.77 14.89
C HIS D 172 0.60 -18.83 16.41
N GLY D 173 0.22 -19.95 17.02
CA GLY D 173 0.39 -20.13 18.46
C GLY D 173 -0.74 -19.52 19.27
N SER D 174 -1.88 -19.23 18.62
CA SER D 174 -3.05 -18.70 19.31
C SER D 174 -3.49 -19.66 20.42
N PRO D 175 -3.65 -19.18 21.67
CA PRO D 175 -4.08 -20.04 22.78
C PRO D 175 -5.49 -20.63 22.65
N TYR D 176 -6.35 -19.98 21.86
CA TYR D 176 -7.73 -20.44 21.71
C TYR D 176 -8.28 -20.10 20.32
N VAL D 177 -8.62 -21.15 19.58
CA VAL D 177 -9.21 -21.05 18.25
C VAL D 177 -10.47 -21.92 18.26
N ALA D 178 -11.58 -21.35 17.79
CA ALA D 178 -12.83 -22.10 17.76
C ALA D 178 -13.62 -21.78 16.49
N THR D 179 -14.24 -22.82 15.92
CA THR D 179 -15.24 -22.66 14.89
C THR D 179 -16.62 -22.67 15.51
N THR D 180 -17.52 -21.88 14.92
CA THR D 180 -18.90 -21.82 15.37
C THR D 180 -19.77 -21.47 14.16
N SER D 181 -21.04 -21.14 14.42
CA SER D 181 -22.01 -20.93 13.37
C SER D 181 -23.16 -20.10 13.94
N ILE D 182 -23.75 -19.25 13.10
CA ILE D 182 -24.91 -18.48 13.51
C ILE D 182 -26.12 -19.41 13.64
N GLY D 183 -25.98 -20.64 13.13
CA GLY D 183 -27.00 -21.67 13.27
C GLY D 183 -27.13 -22.16 14.70
N PHE D 184 -26.11 -21.88 15.52
CA PHE D 184 -26.06 -22.33 16.91
C PHE D 184 -25.71 -21.12 17.78
N PRO D 185 -26.68 -20.20 17.99
CA PRO D 185 -26.41 -18.93 18.68
C PRO D 185 -25.73 -19.03 20.04
N ARG D 186 -26.20 -19.97 20.87
CA ARG D 186 -25.69 -20.14 22.22
C ARG D 186 -24.23 -20.59 22.18
N ASP D 187 -23.93 -21.51 21.26
CA ASP D 187 -22.59 -22.01 21.03
C ASP D 187 -21.67 -20.83 20.68
N MET D 188 -22.13 -19.96 19.78
CA MET D 188 -21.32 -18.85 19.31
C MET D 188 -21.05 -17.86 20.46
N MET D 189 -22.09 -17.51 21.21
CA MET D 189 -21.96 -16.59 22.32
C MET D 189 -20.93 -17.12 23.33
N ARG D 190 -21.04 -18.43 23.65
CA ARG D 190 -20.17 -19.08 24.62
C ARG D 190 -18.71 -19.01 24.17
N LYS D 191 -18.48 -19.29 22.88
CA LYS D 191 -17.14 -19.36 22.34
C LYS D 191 -16.51 -17.97 22.29
N VAL D 192 -17.31 -16.98 21.90
CA VAL D 192 -16.86 -15.59 21.86
C VAL D 192 -16.49 -15.13 23.26
N LYS D 193 -17.39 -15.36 24.23
CA LYS D 193 -17.18 -14.95 25.62
C LYS D 193 -15.85 -15.52 26.12
N LYS D 194 -15.66 -16.83 25.92
CA LYS D 194 -14.45 -17.53 26.33
C LYS D 194 -13.21 -16.92 25.66
N ALA D 195 -13.31 -16.67 24.35
CA ALA D 195 -12.19 -16.14 23.58
C ALA D 195 -11.78 -14.76 24.11
N THR D 196 -12.76 -13.93 24.48
CA THR D 196 -12.48 -12.57 24.94
C THR D 196 -11.80 -12.59 26.30
N GLU D 197 -12.04 -13.64 27.09
CA GLU D 197 -11.66 -13.66 28.49
C GLU D 197 -10.25 -14.20 28.69
N ILE D 198 -9.77 -15.00 27.72
CA ILE D 198 -8.40 -15.46 27.69
C ILE D 198 -7.50 -14.28 27.33
N VAL D 199 -6.39 -14.13 28.08
CA VAL D 199 -5.42 -13.07 27.82
C VAL D 199 -4.49 -13.55 26.71
N GLY D 200 -4.57 -12.86 25.56
CA GLY D 200 -3.78 -13.25 24.40
C GLY D 200 -4.64 -13.25 23.14
N PRO D 201 -4.02 -13.44 21.95
CA PRO D 201 -4.76 -13.36 20.67
C PRO D 201 -5.59 -14.61 20.39
N THR D 202 -6.92 -14.45 20.39
CA THR D 202 -7.83 -15.57 20.21
C THR D 202 -8.67 -15.35 18.96
N TYR D 203 -9.11 -16.46 18.35
CA TYR D 203 -9.73 -16.42 17.03
C TYR D 203 -11.01 -17.25 17.00
N ILE D 204 -12.10 -16.63 16.54
CA ILE D 204 -13.39 -17.27 16.34
C ILE D 204 -13.75 -17.21 14.86
N HIS D 205 -14.06 -18.37 14.29
CA HIS D 205 -14.44 -18.46 12.88
C HIS D 205 -15.90 -18.89 12.80
N SER D 206 -16.79 -17.95 12.46
CA SER D 206 -18.22 -18.21 12.47
C SER D 206 -18.76 -18.36 11.05
N HIS D 207 -19.37 -19.53 10.79
CA HIS D 207 -20.05 -19.81 9.53
C HIS D 207 -21.33 -18.97 9.48
N ALA D 208 -21.57 -18.29 8.35
CA ALA D 208 -22.67 -17.33 8.28
C ALA D 208 -23.31 -17.36 6.90
N PRO D 209 -24.31 -18.23 6.67
CA PRO D 209 -25.00 -18.30 5.37
C PRO D 209 -25.66 -16.99 4.96
N CYS D 210 -25.36 -16.53 3.74
CA CYS D 210 -25.87 -15.27 3.24
C CYS D 210 -27.00 -15.56 2.26
N PRO D 211 -28.25 -15.16 2.57
CA PRO D 211 -29.38 -15.43 1.68
C PRO D 211 -29.22 -14.76 0.32
N THR D 212 -28.73 -13.52 0.32
CA THR D 212 -28.54 -12.75 -0.91
C THR D 212 -27.45 -13.40 -1.77
N GLY D 213 -26.33 -13.76 -1.14
CA GLY D 213 -25.13 -14.19 -1.85
C GLY D 213 -25.13 -15.68 -2.20
N TRP D 214 -25.75 -16.50 -1.34
CA TRP D 214 -25.80 -17.94 -1.57
C TRP D 214 -27.04 -18.29 -2.41
N GLY D 215 -28.06 -17.42 -2.35
CA GLY D 215 -29.28 -17.59 -3.12
C GLY D 215 -30.28 -18.51 -2.41
N PHE D 216 -30.76 -18.07 -1.25
CA PHE D 216 -31.84 -18.74 -0.54
C PHE D 216 -32.73 -17.67 0.12
N ASP D 217 -33.93 -18.08 0.52
CA ASP D 217 -34.88 -17.16 1.14
C ASP D 217 -34.37 -16.71 2.51
N GLY D 218 -34.59 -15.43 2.81
CA GLY D 218 -34.11 -14.80 4.04
C GLY D 218 -34.60 -15.48 5.31
N SER D 219 -35.67 -16.28 5.21
CA SER D 219 -36.23 -16.95 6.38
C SER D 219 -35.39 -18.15 6.79
N LYS D 220 -34.43 -18.55 5.95
CA LYS D 220 -33.79 -19.85 6.07
C LYS D 220 -32.35 -19.73 6.58
N THR D 221 -31.91 -18.51 6.92
CA THR D 221 -30.52 -18.25 7.27
C THR D 221 -30.03 -19.23 8.35
N ILE D 222 -30.81 -19.38 9.42
CA ILE D 222 -30.45 -20.26 10.53
C ILE D 222 -30.51 -21.72 10.07
N GLU D 223 -31.54 -22.04 9.27
CA GLU D 223 -31.78 -23.42 8.84
C GLU D 223 -30.62 -23.90 7.98
N ILE D 224 -30.15 -23.05 7.07
CA ILE D 224 -29.05 -23.38 6.17
C ILE D 224 -27.78 -23.61 6.99
N ALA D 225 -27.57 -22.78 8.02
CA ALA D 225 -26.42 -22.88 8.89
C ALA D 225 -26.37 -24.25 9.59
N LYS D 226 -27.52 -24.70 10.11
CA LYS D 226 -27.60 -25.98 10.79
C LYS D 226 -27.31 -27.11 9.81
N LEU D 227 -27.75 -26.95 8.56
CA LEU D 227 -27.61 -27.95 7.52
C LEU D 227 -26.14 -28.11 7.15
N ALA D 228 -25.37 -27.02 7.21
CA ALA D 228 -23.94 -27.07 6.97
C ALA D 228 -23.26 -28.01 7.99
N VAL D 229 -23.71 -27.94 9.25
CA VAL D 229 -23.13 -28.72 10.32
C VAL D 229 -23.58 -30.18 10.21
N GLU D 230 -24.85 -30.39 9.86
CA GLU D 230 -25.44 -31.72 9.80
C GLU D 230 -24.87 -32.55 8.65
N THR D 231 -24.42 -31.87 7.58
CA THR D 231 -23.82 -32.52 6.43
C THR D 231 -22.31 -32.71 6.68
N CYS D 232 -21.81 -32.14 7.78
CA CYS D 232 -20.42 -32.23 8.18
C CYS D 232 -19.50 -31.46 7.24
N LEU D 233 -20.08 -30.49 6.51
CA LEU D 233 -19.28 -29.60 5.68
C LEU D 233 -18.66 -28.51 6.55
N TRP D 234 -19.26 -28.22 7.70
CA TRP D 234 -18.72 -27.25 8.63
C TRP D 234 -18.48 -27.89 10.00
N PRO D 235 -17.22 -28.27 10.33
CA PRO D 235 -16.89 -28.86 11.63
C PRO D 235 -16.92 -27.81 12.74
N MET D 236 -17.52 -28.19 13.87
CA MET D 236 -17.67 -27.30 15.01
C MET D 236 -16.76 -27.82 16.13
N TYR D 237 -15.70 -27.06 16.45
CA TYR D 237 -14.70 -27.53 17.38
C TYR D 237 -13.99 -26.38 18.07
N GLU D 238 -13.22 -26.73 19.12
CA GLU D 238 -12.38 -25.79 19.85
C GLU D 238 -10.95 -26.32 19.86
N MET D 239 -9.99 -25.40 19.74
CA MET D 239 -8.58 -25.71 19.86
C MET D 239 -7.97 -24.88 20.98
N GLU D 240 -7.45 -25.57 22.00
CA GLU D 240 -6.78 -24.94 23.14
C GLU D 240 -5.30 -25.27 23.04
N ASN D 241 -4.48 -24.23 22.85
CA ASN D 241 -3.04 -24.33 22.66
C ASN D 241 -2.72 -25.27 21.51
N GLY D 242 -3.47 -25.15 20.41
CA GLY D 242 -3.20 -25.86 19.17
C GLY D 242 -3.69 -27.30 19.16
N GLU D 243 -4.32 -27.74 20.26
CA GLU D 243 -4.86 -29.09 20.37
C GLU D 243 -6.37 -29.03 20.41
N ILE D 244 -7.02 -29.88 19.60
CA ILE D 244 -8.47 -29.98 19.58
C ILE D 244 -8.93 -30.61 20.90
N THR D 245 -9.79 -29.89 21.63
CA THR D 245 -10.20 -30.34 22.96
C THR D 245 -11.68 -30.71 22.96
N GLN D 246 -12.44 -30.12 22.04
CA GLN D 246 -13.88 -30.36 21.96
C GLN D 246 -14.29 -30.39 20.49
N VAL D 247 -15.18 -31.33 20.15
CA VAL D 247 -15.75 -31.41 18.83
C VAL D 247 -17.24 -31.72 18.96
N ARG D 248 -18.06 -31.06 18.13
CA ARG D 248 -19.48 -31.33 18.09
C ARG D 248 -19.73 -32.53 17.18
N LYS D 249 -20.10 -33.66 17.79
CA LYS D 249 -20.33 -34.90 17.06
C LYS D 249 -21.65 -34.81 16.29
N VAL D 250 -21.67 -35.47 15.13
CA VAL D 250 -22.86 -35.54 14.29
C VAL D 250 -23.16 -37.02 14.04
N LYS D 251 -24.06 -37.57 14.87
CA LYS D 251 -24.45 -38.97 14.78
C LYS D 251 -25.13 -39.24 13.43
N ASP D 252 -26.23 -38.53 13.18
CA ASP D 252 -26.98 -38.69 11.93
C ASP D 252 -26.54 -37.62 10.93
N SER D 253 -25.53 -37.94 10.12
CA SER D 253 -25.02 -37.03 9.10
C SER D 253 -25.87 -37.13 7.84
N ARG D 254 -26.08 -35.98 7.19
CA ARG D 254 -26.91 -35.92 6.00
C ARG D 254 -26.02 -35.84 4.77
N PRO D 255 -26.43 -36.41 3.62
CA PRO D 255 -25.69 -36.25 2.36
C PRO D 255 -25.62 -34.78 1.98
N VAL D 256 -24.53 -34.40 1.31
CA VAL D 256 -24.24 -32.99 1.03
C VAL D 256 -25.29 -32.39 0.10
N GLU D 257 -25.92 -33.24 -0.74
CA GLU D 257 -26.92 -32.80 -1.69
C GLU D 257 -27.99 -31.93 -1.01
N GLU D 258 -28.39 -32.33 0.20
CA GLU D 258 -29.46 -31.68 0.93
C GLU D 258 -29.10 -30.23 1.23
N TYR D 259 -27.80 -29.97 1.44
CA TYR D 259 -27.31 -28.62 1.69
C TYR D 259 -27.18 -27.88 0.37
N LEU D 260 -26.59 -28.54 -0.62
CA LEU D 260 -26.24 -27.93 -1.90
C LEU D 260 -27.52 -27.54 -2.66
N ARG D 261 -28.56 -28.38 -2.55
CA ARG D 261 -29.80 -28.23 -3.30
C ARG D 261 -30.53 -26.94 -2.91
N ALA D 262 -30.28 -26.46 -1.68
CA ALA D 262 -31.06 -25.38 -1.11
C ALA D 262 -30.54 -24.01 -1.55
N GLN D 263 -29.49 -23.99 -2.38
CA GLN D 263 -28.75 -22.76 -2.65
C GLN D 263 -28.53 -22.56 -4.14
N LYS D 264 -28.86 -21.37 -4.64
CA LYS D 264 -28.69 -21.01 -6.05
C LYS D 264 -27.22 -21.11 -6.47
N ARG D 265 -26.30 -20.84 -5.53
CA ARG D 265 -24.88 -20.80 -5.85
C ARG D 265 -24.34 -22.19 -6.20
N PHE D 266 -25.18 -23.23 -6.04
CA PHE D 266 -24.76 -24.59 -6.34
C PHE D 266 -25.69 -25.23 -7.38
N LYS D 267 -26.64 -24.43 -7.90
CA LYS D 267 -27.67 -24.95 -8.79
C LYS D 267 -27.04 -25.63 -10.01
N HIS D 268 -25.90 -25.09 -10.47
CA HIS D 268 -25.24 -25.53 -11.67
C HIS D 268 -24.79 -26.99 -11.55
N LEU D 269 -24.58 -27.45 -10.31
CA LEU D 269 -24.14 -28.82 -10.08
C LEU D 269 -25.29 -29.80 -10.34
N PHE D 270 -26.51 -29.24 -10.44
CA PHE D 270 -27.71 -30.05 -10.65
C PHE D 270 -28.16 -30.00 -12.12
N THR D 271 -27.59 -29.08 -12.91
CA THR D 271 -28.05 -28.89 -14.28
C THR D 271 -26.96 -29.30 -15.28
N MET D 272 -25.69 -29.04 -14.95
CA MET D 272 -24.58 -29.27 -15.87
C MET D 272 -24.22 -30.75 -15.93
N GLU D 273 -23.73 -31.17 -17.09
CA GLU D 273 -23.19 -32.51 -17.30
C GLU D 273 -21.94 -32.66 -16.45
N GLY D 274 -21.88 -33.75 -15.67
CA GLY D 274 -20.76 -34.02 -14.79
C GLY D 274 -20.96 -33.43 -13.39
N GLY D 275 -22.15 -32.86 -13.17
CA GLY D 275 -22.51 -32.23 -11.90
C GLY D 275 -22.48 -33.20 -10.73
N GLU D 276 -23.00 -34.42 -10.96
CA GLU D 276 -23.09 -35.44 -9.91
C GLU D 276 -21.68 -35.85 -9.45
N GLU D 277 -20.74 -35.88 -10.40
CA GLU D 277 -19.35 -36.19 -10.14
C GLU D 277 -18.74 -35.12 -9.23
N GLU D 278 -19.09 -33.85 -9.51
CA GLU D 278 -18.61 -32.72 -8.73
C GLU D 278 -19.19 -32.79 -7.31
N ILE D 279 -20.47 -33.14 -7.20
CA ILE D 279 -21.14 -33.29 -5.91
C ILE D 279 -20.40 -34.35 -5.08
N ALA D 280 -19.89 -35.39 -5.76
CA ALA D 280 -19.15 -36.46 -5.11
C ALA D 280 -17.87 -35.93 -4.49
N LYS D 281 -17.23 -34.96 -5.16
CA LYS D 281 -16.00 -34.37 -4.65
C LYS D 281 -16.29 -33.61 -3.36
N ILE D 282 -17.46 -32.95 -3.30
CA ILE D 282 -17.90 -32.21 -2.12
C ILE D 282 -18.25 -33.20 -1.00
N GLN D 283 -18.91 -34.30 -1.37
CA GLN D 283 -19.20 -35.35 -0.40
C GLN D 283 -17.90 -35.86 0.22
N ALA D 284 -16.84 -35.97 -0.60
CA ALA D 284 -15.56 -36.48 -0.16
C ALA D 284 -14.91 -35.52 0.84
N ALA D 285 -15.12 -34.21 0.65
CA ALA D 285 -14.67 -33.20 1.59
C ALA D 285 -15.35 -33.39 2.94
N ALA D 286 -16.67 -33.64 2.92
CA ALA D 286 -17.44 -33.87 4.13
C ALA D 286 -16.94 -35.13 4.85
N ASP D 287 -16.66 -36.19 4.06
CA ASP D 287 -16.21 -37.47 4.58
C ASP D 287 -14.83 -37.33 5.21
N TRP D 288 -13.99 -36.48 4.61
CA TRP D 288 -12.67 -36.18 5.18
C TRP D 288 -12.83 -35.50 6.53
N ASN D 289 -13.76 -34.53 6.61
CA ASN D 289 -14.05 -33.81 7.85
C ASN D 289 -14.44 -34.79 8.96
N ILE D 290 -15.32 -35.74 8.65
CA ILE D 290 -15.78 -36.73 9.62
C ILE D 290 -14.57 -37.48 10.18
N LYS D 291 -13.67 -37.88 9.27
CA LYS D 291 -12.50 -38.69 9.61
C LYS D 291 -11.54 -37.88 10.47
N HIS D 292 -11.19 -36.68 9.99
CA HIS D 292 -10.11 -35.86 10.55
C HIS D 292 -10.50 -35.28 11.91
N TYR D 293 -11.78 -34.91 12.09
CA TYR D 293 -12.19 -34.20 13.29
C TYR D 293 -12.81 -35.16 14.30
N GLY D 294 -13.21 -36.35 13.83
CA GLY D 294 -13.82 -37.36 14.68
C GLY D 294 -15.28 -37.04 14.97
N LEU D 295 -16.04 -36.75 13.91
CA LEU D 295 -17.42 -36.31 14.02
C LEU D 295 -18.32 -37.53 14.27
N ALA E 1 25.78 2.25 -21.13
CA ALA E 1 24.50 2.97 -21.34
C ALA E 1 23.40 2.31 -20.51
N VAL E 2 22.47 3.14 -20.00
CA VAL E 2 21.32 2.67 -19.24
C VAL E 2 20.27 2.11 -20.22
N PRO E 3 19.93 0.80 -20.16
CA PRO E 3 18.91 0.23 -21.03
C PRO E 3 17.51 0.52 -20.48
N ILE E 4 16.50 0.30 -21.33
CA ILE E 4 15.11 0.46 -20.91
C ILE E 4 14.73 -0.75 -20.07
N GLY E 5 14.68 -0.55 -18.75
CA GLY E 5 14.56 -1.63 -17.78
C GLY E 5 14.93 -1.16 -16.38
N GLY E 6 16.22 -1.21 -16.02
CA GLY E 6 17.31 -1.51 -16.92
C GLY E 6 17.90 -2.91 -16.68
N THR E 7 17.82 -3.75 -17.72
CA THR E 7 18.17 -5.16 -17.64
C THR E 7 19.68 -5.31 -17.50
N CYS E 8 20.11 -6.31 -16.70
CA CYS E 8 21.52 -6.61 -16.51
C CYS E 8 21.88 -7.95 -17.13
N GLU E 9 23.13 -8.03 -17.63
CA GLU E 9 23.69 -9.24 -18.21
C GLU E 9 23.98 -10.26 -17.11
N PRO E 10 23.83 -11.58 -17.36
CA PRO E 10 24.07 -12.60 -16.33
C PRO E 10 25.55 -12.75 -15.99
N GLY E 11 25.85 -12.94 -14.70
CA GLY E 11 27.20 -13.20 -14.22
C GLY E 11 28.15 -12.03 -14.41
N SER E 12 27.59 -10.81 -14.49
CA SER E 12 28.35 -9.61 -14.82
C SER E 12 29.01 -9.00 -13.59
N THR E 13 28.81 -9.60 -12.40
CA THR E 13 29.51 -9.20 -11.19
C THR E 13 30.99 -9.59 -11.25
N LEU E 14 31.39 -10.35 -12.28
CA LEU E 14 32.79 -10.71 -12.47
C LEU E 14 33.63 -9.44 -12.61
N ALA E 15 32.98 -8.34 -13.00
CA ALA E 15 33.61 -7.04 -13.15
C ALA E 15 34.14 -6.52 -11.81
N ASN E 16 33.61 -7.06 -10.70
CA ASN E 16 33.91 -6.56 -9.36
C ASN E 16 34.80 -7.56 -8.63
N LYS E 17 36.11 -7.30 -8.67
CA LYS E 17 37.09 -8.13 -7.98
C LYS E 17 37.03 -7.82 -6.49
N THR E 18 36.67 -8.82 -5.69
CA THR E 18 36.46 -8.65 -4.26
C THR E 18 37.64 -9.20 -3.47
N GLY E 19 38.68 -9.65 -4.20
CA GLY E 19 39.90 -10.17 -3.59
C GLY E 19 40.59 -9.12 -2.72
N GLY E 20 40.31 -7.84 -2.99
CA GLY E 20 40.86 -6.73 -2.23
C GLY E 20 40.18 -6.54 -0.87
N TRP E 21 39.20 -7.41 -0.55
CA TRP E 21 38.52 -7.34 0.74
C TRP E 21 39.32 -8.07 1.82
N ARG E 22 40.38 -8.79 1.40
CA ARG E 22 41.04 -9.75 2.26
C ARG E 22 41.94 -9.06 3.28
N ASN E 23 41.80 -9.51 4.54
CA ASN E 23 42.79 -9.32 5.59
C ASN E 23 43.63 -10.59 5.71
N PHE E 24 43.01 -11.74 5.42
CA PHE E 24 43.64 -13.04 5.45
C PHE E 24 43.38 -13.76 4.12
N ARG E 25 44.28 -14.67 3.76
CA ARG E 25 44.19 -15.39 2.50
C ARG E 25 44.33 -16.88 2.75
N PRO E 26 43.45 -17.73 2.14
CA PRO E 26 43.61 -19.18 2.23
C PRO E 26 44.69 -19.67 1.28
N VAL E 27 45.38 -20.74 1.70
CA VAL E 27 46.42 -21.37 0.91
C VAL E 27 46.25 -22.88 1.04
N TYR E 28 46.16 -23.58 -0.11
CA TYR E 28 46.06 -25.02 -0.10
C TYR E 28 47.42 -25.62 0.28
N ILE E 29 47.36 -26.63 1.15
CA ILE E 29 48.46 -27.54 1.41
C ILE E 29 48.12 -28.84 0.69
N TYR E 30 48.58 -28.98 -0.56
CA TYR E 30 48.06 -29.98 -1.48
C TYR E 30 48.37 -31.40 -1.01
N GLU E 31 49.45 -31.55 -0.23
CA GLU E 31 49.89 -32.87 0.24
C GLU E 31 48.88 -33.43 1.24
N LYS E 32 48.12 -32.53 1.87
CA LYS E 32 47.20 -32.89 2.94
C LYS E 32 45.77 -33.09 2.41
N CYS E 33 45.54 -32.73 1.14
CA CYS E 33 44.19 -32.69 0.57
C CYS E 33 43.71 -34.08 0.20
N THR E 34 42.46 -34.40 0.60
CA THR E 34 41.84 -35.70 0.33
C THR E 34 40.96 -35.63 -0.91
N LYS E 35 40.80 -34.42 -1.46
CA LYS E 35 39.99 -34.20 -2.66
C LYS E 35 38.51 -34.45 -2.37
N CYS E 36 38.09 -34.22 -1.12
CA CYS E 36 36.73 -34.49 -0.67
C CYS E 36 35.73 -33.55 -1.34
N GLY E 37 36.16 -32.31 -1.62
CA GLY E 37 35.36 -31.36 -2.38
C GLY E 37 34.52 -30.43 -1.51
N ILE E 38 34.71 -30.47 -0.18
CA ILE E 38 33.92 -29.68 0.74
C ILE E 38 34.18 -28.18 0.53
N CYS E 39 35.45 -27.82 0.29
CA CYS E 39 35.84 -26.42 0.18
C CYS E 39 35.11 -25.74 -0.97
N GLN E 40 34.89 -26.47 -2.08
CA GLN E 40 34.19 -25.91 -3.21
C GLN E 40 32.74 -25.60 -2.84
N ILE E 41 32.14 -26.50 -2.06
CA ILE E 41 30.73 -26.42 -1.68
C ILE E 41 30.51 -25.18 -0.80
N VAL E 42 31.42 -24.94 0.15
CA VAL E 42 31.13 -24.05 1.26
C VAL E 42 31.60 -22.62 0.95
N CYS E 43 32.19 -22.39 -0.23
CA CYS E 43 32.67 -21.05 -0.56
C CYS E 43 31.49 -20.14 -0.93
N PRO E 44 31.26 -19.04 -0.16
CA PRO E 44 30.17 -18.10 -0.46
C PRO E 44 30.42 -17.28 -1.72
N ASP E 45 31.67 -17.32 -2.20
CA ASP E 45 32.10 -16.40 -3.25
C ASP E 45 32.52 -17.15 -4.51
N MET E 46 32.20 -18.45 -4.58
CA MET E 46 32.47 -19.28 -5.74
C MET E 46 33.91 -19.08 -6.21
N SER E 47 34.85 -19.03 -5.26
CA SER E 47 36.25 -18.71 -5.53
C SER E 47 37.12 -19.96 -5.46
N VAL E 48 36.48 -21.13 -5.27
CA VAL E 48 37.17 -22.42 -5.27
C VAL E 48 36.85 -23.10 -6.60
N LEU E 49 37.88 -23.30 -7.44
CA LEU E 49 37.70 -23.79 -8.79
C LEU E 49 38.14 -25.25 -8.89
N PRO E 50 37.33 -26.14 -9.51
CA PRO E 50 37.71 -27.54 -9.68
C PRO E 50 38.81 -27.69 -10.73
N ARG E 51 39.55 -28.81 -10.64
CA ARG E 51 40.59 -29.14 -11.61
C ARG E 51 40.36 -30.56 -12.10
N GLU E 52 40.90 -30.87 -13.29
CA GLU E 52 40.80 -32.20 -13.87
C GLU E 52 41.41 -33.24 -12.94
N ASP E 53 42.49 -32.87 -12.24
CA ASP E 53 43.25 -33.79 -11.41
C ASP E 53 42.52 -34.08 -10.10
N GLY E 54 41.42 -33.35 -9.85
CA GLY E 54 40.59 -33.61 -8.68
C GLY E 54 40.95 -32.73 -7.48
N PHE E 55 42.04 -31.94 -7.62
CA PHE E 55 42.37 -30.91 -6.64
C PHE E 55 41.54 -29.65 -6.93
N PHE E 56 41.66 -28.65 -6.06
CA PHE E 56 40.99 -27.38 -6.22
C PHE E 56 42.02 -26.25 -6.14
N GLU E 57 41.67 -25.08 -6.69
CA GLU E 57 42.52 -23.91 -6.66
C GLU E 57 41.66 -22.66 -6.45
N TYR E 58 42.28 -21.63 -5.86
CA TYR E 58 41.56 -20.41 -5.51
C TYR E 58 41.60 -19.43 -6.67
N ASN E 59 40.47 -18.73 -6.87
CA ASN E 59 40.47 -17.52 -7.66
C ASN E 59 40.61 -16.34 -6.70
N TYR E 60 41.85 -15.86 -6.56
CA TYR E 60 42.20 -14.82 -5.60
C TYR E 60 41.69 -13.46 -6.06
N ASP E 61 41.17 -13.39 -7.29
CA ASP E 61 40.49 -12.19 -7.78
C ASP E 61 39.26 -11.90 -6.93
N TYR E 62 38.65 -12.96 -6.35
CA TYR E 62 37.34 -12.81 -5.74
C TYR E 62 37.36 -13.20 -4.26
N CYS E 63 38.28 -14.10 -3.86
CA CYS E 63 38.28 -14.63 -2.51
C CYS E 63 38.31 -13.48 -1.48
N LYS E 64 37.38 -13.52 -0.52
CA LYS E 64 37.23 -12.47 0.48
C LYS E 64 37.93 -12.86 1.78
N GLY E 65 38.56 -14.05 1.79
CA GLY E 65 39.37 -14.51 2.90
C GLY E 65 38.56 -14.69 4.18
N CYS E 66 37.34 -15.24 4.04
CA CYS E 66 36.43 -15.43 5.15
C CYS E 66 36.90 -16.59 6.04
N GLY E 67 37.51 -17.61 5.43
CA GLY E 67 38.14 -18.69 6.17
C GLY E 67 37.20 -19.87 6.40
N ILE E 68 36.04 -19.87 5.74
CA ILE E 68 35.08 -20.97 5.89
C ILE E 68 35.68 -22.27 5.39
N CYS E 69 36.31 -22.24 4.20
CA CYS E 69 36.91 -23.43 3.61
C CYS E 69 37.93 -24.04 4.56
N ALA E 70 38.75 -23.17 5.16
CA ALA E 70 39.78 -23.59 6.12
C ALA E 70 39.14 -24.21 7.36
N ASN E 71 38.01 -23.65 7.78
CA ASN E 71 37.34 -24.07 9.01
C ASN E 71 36.71 -25.43 8.79
N GLU E 72 36.17 -25.66 7.58
CA GLU E 72 35.35 -26.84 7.30
C GLU E 72 36.19 -27.99 6.74
N CYS E 73 37.46 -27.73 6.38
CA CYS E 73 38.29 -28.78 5.82
C CYS E 73 38.53 -29.88 6.86
N PRO E 74 38.16 -31.15 6.54
CA PRO E 74 38.39 -32.26 7.48
C PRO E 74 39.83 -32.76 7.56
N ALA E 75 40.73 -32.13 6.78
CA ALA E 75 42.09 -32.61 6.63
C ALA E 75 43.10 -31.55 7.05
N ASP E 76 42.61 -30.40 7.51
CA ASP E 76 43.44 -29.25 7.84
C ASP E 76 44.39 -28.95 6.67
N ALA E 77 43.85 -28.99 5.45
CA ALA E 77 44.64 -28.89 4.23
C ALA E 77 44.63 -27.46 3.70
N ILE E 78 44.08 -26.52 4.47
CA ILE E 78 44.04 -25.12 4.10
C ILE E 78 44.58 -24.28 5.26
N GLU E 79 45.53 -23.39 4.95
CA GLU E 79 46.09 -22.47 5.93
C GLU E 79 45.66 -21.04 5.60
N MET E 80 45.32 -20.27 6.63
CA MET E 80 45.03 -18.85 6.49
C MET E 80 46.29 -18.04 6.83
N ILE E 81 46.72 -17.18 5.89
CA ILE E 81 47.87 -16.32 6.08
C ILE E 81 47.45 -14.86 5.95
N LEU E 82 48.16 -13.97 6.65
CA LEU E 82 47.96 -12.53 6.58
C LEU E 82 48.09 -12.05 5.13
N GLU E 83 47.17 -11.19 4.70
CA GLU E 83 47.23 -10.58 3.39
C GLU E 83 48.38 -9.57 3.36
N GLU E 84 48.50 -8.81 4.46
CA GLU E 84 49.66 -7.97 4.75
C GLU E 84 49.66 -6.73 3.86
N LYS E 85 49.71 -6.95 2.54
CA LYS E 85 49.71 -5.86 1.57
C LYS E 85 48.98 -6.32 0.29
N ALA F 1 -25.09 18.69 11.94
CA ALA F 1 -23.77 19.24 11.50
C ALA F 1 -22.71 18.14 11.49
N VAL F 2 -21.77 18.24 10.56
CA VAL F 2 -20.66 17.31 10.43
C VAL F 2 -19.64 17.61 11.53
N PRO F 3 -19.37 16.65 12.46
CA PRO F 3 -18.37 16.87 13.51
C PRO F 3 -16.96 16.57 12.98
N ILE F 4 -15.95 16.99 13.74
CA ILE F 4 -14.57 16.68 13.40
C ILE F 4 -14.33 15.21 13.73
N GLY F 5 -14.32 14.36 12.68
CA GLY F 5 -14.30 12.92 12.83
C GLY F 5 -14.64 12.23 11.51
N GLY F 6 -15.93 11.99 11.26
CA GLY F 6 -17.04 12.50 12.05
C GLY F 6 -17.71 11.41 12.89
N THR F 7 -17.64 11.57 14.22
CA THR F 7 -18.10 10.59 15.18
C THR F 7 -19.63 10.51 15.16
N CYS F 8 -20.16 9.29 15.31
CA CYS F 8 -21.59 9.06 15.38
C CYS F 8 -22.01 8.63 16.78
N GLU F 9 -23.23 9.05 17.18
CA GLU F 9 -23.82 8.68 18.45
C GLU F 9 -24.21 7.20 18.43
N PRO F 10 -24.14 6.49 19.58
CA PRO F 10 -24.45 5.06 19.63
C PRO F 10 -25.95 4.82 19.47
N GLY F 11 -26.31 3.77 18.71
CA GLY F 11 -27.70 3.34 18.56
C GLY F 11 -28.54 4.33 17.76
N SER F 12 -27.88 5.18 16.95
CA SER F 12 -28.56 6.27 16.27
C SER F 12 -29.26 5.80 15.00
N THR F 13 -29.13 4.50 14.65
CA THR F 13 -29.84 3.95 13.52
C THR F 13 -31.34 3.82 13.81
N LEU F 14 -31.75 4.10 15.06
CA LEU F 14 -33.16 4.09 15.42
C LEU F 14 -33.93 5.08 14.56
N ALA F 15 -33.22 6.10 14.04
CA ALA F 15 -33.78 7.11 13.17
C ALA F 15 -34.26 6.52 11.83
N ASN F 16 -33.81 5.29 11.53
CA ASN F 16 -34.10 4.67 10.25
C ASN F 16 -35.06 3.50 10.45
N LYS F 17 -36.35 3.76 10.20
CA LYS F 17 -37.39 2.74 10.33
C LYS F 17 -37.33 1.85 9.08
N THR F 18 -37.10 0.56 9.30
CA THR F 18 -36.92 -0.39 8.21
C THR F 18 -38.16 -1.27 8.06
N GLY F 19 -39.20 -0.96 8.85
CA GLY F 19 -40.49 -1.64 8.77
C GLY F 19 -41.10 -1.53 7.37
N GLY F 20 -40.69 -0.49 6.62
CA GLY F 20 -41.16 -0.27 5.26
C GLY F 20 -40.52 -1.22 4.24
N TRP F 21 -39.64 -2.12 4.71
CA TRP F 21 -39.01 -3.07 3.81
C TRP F 21 -39.91 -4.30 3.61
N ARG F 22 -40.96 -4.42 4.42
CA ARG F 22 -41.71 -5.66 4.52
C ARG F 22 -42.59 -5.88 3.29
N ASN F 23 -42.54 -7.12 2.79
CA ASN F 23 -43.55 -7.68 1.91
C ASN F 23 -44.47 -8.58 2.73
N PHE F 24 -43.91 -9.19 3.78
CA PHE F 24 -44.65 -10.04 4.70
C PHE F 24 -44.38 -9.57 6.13
N ARG F 25 -45.31 -9.86 7.04
CA ARG F 25 -45.23 -9.39 8.40
C ARG F 25 -45.48 -10.56 9.35
N PRO F 26 -44.65 -10.74 10.41
CA PRO F 26 -44.89 -11.78 11.42
C PRO F 26 -45.97 -11.35 12.39
N VAL F 27 -46.76 -12.31 12.86
CA VAL F 27 -47.82 -12.09 13.82
C VAL F 27 -47.78 -13.22 14.84
N TYR F 28 -47.69 -12.85 16.12
CA TYR F 28 -47.66 -13.83 17.20
C TYR F 28 -49.05 -14.43 17.38
N ILE F 29 -49.08 -15.77 17.50
CA ILE F 29 -50.24 -16.50 17.98
C ILE F 29 -49.94 -16.86 19.44
N TYR F 30 -50.35 -15.98 20.36
CA TYR F 30 -49.88 -16.03 21.74
C TYR F 30 -50.31 -17.31 22.45
N GLU F 31 -51.41 -17.91 21.98
CA GLU F 31 -51.96 -19.12 22.57
C GLU F 31 -50.98 -20.28 22.39
N LYS F 32 -50.19 -20.22 21.31
CA LYS F 32 -49.33 -21.32 20.91
C LYS F 32 -47.91 -21.13 21.47
N CYS F 33 -47.63 -19.97 22.06
CA CYS F 33 -46.27 -19.61 22.45
C CYS F 33 -45.88 -20.30 23.75
N THR F 34 -44.67 -20.89 23.75
CA THR F 34 -44.14 -21.62 24.90
C THR F 34 -43.19 -20.74 25.70
N LYS F 35 -42.94 -19.51 25.22
CA LYS F 35 -42.08 -18.54 25.88
C LYS F 35 -40.63 -19.02 25.92
N CYS F 36 -40.25 -19.87 24.95
CA CYS F 36 -38.91 -20.45 24.88
C CYS F 36 -37.85 -19.38 24.63
N GLY F 37 -38.23 -18.33 23.89
CA GLY F 37 -37.38 -17.16 23.71
C GLY F 37 -36.51 -17.21 22.46
N ILE F 38 -36.71 -18.23 21.61
CA ILE F 38 -35.89 -18.42 20.42
C ILE F 38 -36.04 -17.24 19.46
N CYS F 39 -37.27 -16.70 19.33
CA CYS F 39 -37.55 -15.66 18.35
C CYS F 39 -36.75 -14.40 18.65
N GLN F 40 -36.53 -14.08 19.93
CA GLN F 40 -35.78 -12.89 20.30
C GLN F 40 -34.32 -13.04 19.89
N ILE F 41 -33.78 -14.25 20.04
CA ILE F 41 -32.40 -14.58 19.75
C ILE F 41 -32.14 -14.42 18.25
N VAL F 42 -33.07 -14.92 17.42
CA VAL F 42 -32.79 -15.16 16.01
C VAL F 42 -33.10 -13.94 15.15
N CYS F 43 -33.66 -12.87 15.75
CA CYS F 43 -34.04 -11.71 14.96
C CYS F 43 -32.80 -10.90 14.55
N PRO F 44 -32.51 -10.75 13.24
CA PRO F 44 -31.35 -9.97 12.78
C PRO F 44 -31.50 -8.48 13.07
N ASP F 45 -32.73 -8.06 13.37
CA ASP F 45 -33.06 -6.65 13.38
C ASP F 45 -33.50 -6.17 14.76
N MET F 46 -33.26 -7.01 15.78
CA MET F 46 -33.56 -6.69 17.17
C MET F 46 -34.96 -6.10 17.29
N SER F 47 -35.93 -6.71 16.60
CA SER F 47 -37.29 -6.21 16.53
C SER F 47 -38.24 -7.09 17.37
N VAL F 48 -37.67 -8.04 18.12
CA VAL F 48 -38.42 -8.84 19.06
C VAL F 48 -38.09 -8.35 20.47
N LEU F 49 -39.10 -7.78 21.14
CA LEU F 49 -38.91 -7.15 22.44
C LEU F 49 -39.45 -8.05 23.55
N PRO F 50 -38.72 -8.21 24.68
CA PRO F 50 -39.24 -9.01 25.80
C PRO F 50 -40.31 -8.28 26.60
N ARG F 51 -41.12 -9.05 27.32
CA ARG F 51 -42.17 -8.51 28.17
C ARG F 51 -42.02 -9.10 29.57
N GLU F 52 -42.59 -8.43 30.57
CA GLU F 52 -42.54 -8.88 31.95
C GLU F 52 -43.22 -10.24 32.08
N ASP F 53 -44.30 -10.45 31.31
CA ASP F 53 -45.11 -11.65 31.39
C ASP F 53 -44.40 -12.84 30.74
N GLY F 54 -43.25 -12.58 30.09
CA GLY F 54 -42.45 -13.64 29.51
C GLY F 54 -42.80 -13.91 28.05
N PHE F 55 -43.82 -13.23 27.53
CA PHE F 55 -44.12 -13.24 26.10
C PHE F 55 -43.25 -12.21 25.40
N PHE F 56 -43.31 -12.20 24.06
CA PHE F 56 -42.54 -11.27 23.25
C PHE F 56 -43.49 -10.49 22.34
N GLU F 57 -43.04 -9.33 21.87
CA GLU F 57 -43.82 -8.50 20.97
C GLU F 57 -42.90 -7.87 19.93
N TYR F 58 -43.47 -7.57 18.76
CA TYR F 58 -42.71 -7.06 17.63
C TYR F 58 -42.64 -5.55 17.68
N ASN F 59 -41.47 -5.01 17.28
CA ASN F 59 -41.36 -3.61 16.92
C ASN F 59 -41.47 -3.50 15.40
N TYR F 60 -42.70 -3.21 14.94
CA TYR F 60 -43.01 -3.18 13.52
C TYR F 60 -42.40 -1.96 12.85
N ASP F 61 -41.82 -1.06 13.65
CA ASP F 61 -41.06 0.07 13.12
C ASP F 61 -39.83 -0.43 12.36
N TYR F 62 -39.29 -1.58 12.77
CA TYR F 62 -38.00 -2.03 12.27
C TYR F 62 -38.09 -3.40 11.59
N CYS F 63 -39.06 -4.23 11.99
CA CYS F 63 -39.15 -5.59 11.45
C CYS F 63 -39.14 -5.55 9.93
N LYS F 64 -38.25 -6.36 9.32
CA LYS F 64 -38.06 -6.39 7.88
C LYS F 64 -38.82 -7.57 7.26
N GLY F 65 -39.49 -8.37 8.11
CA GLY F 65 -40.37 -9.44 7.67
C GLY F 65 -39.63 -10.55 6.94
N CYS F 66 -38.45 -10.91 7.45
CA CYS F 66 -37.60 -11.93 6.85
C CYS F 66 -38.18 -13.32 7.10
N GLY F 67 -38.85 -13.48 8.24
CA GLY F 67 -39.56 -14.71 8.56
C GLY F 67 -38.68 -15.74 9.26
N ILE F 68 -37.51 -15.32 9.78
CA ILE F 68 -36.62 -16.23 10.50
C ILE F 68 -37.27 -16.69 11.80
N CYS F 69 -37.85 -15.74 12.55
CA CYS F 69 -38.51 -16.07 13.81
C CYS F 69 -39.58 -17.14 13.58
N ALA F 70 -40.38 -16.95 12.52
CA ALA F 70 -41.45 -17.86 12.16
C ALA F 70 -40.91 -19.23 11.78
N ASN F 71 -39.74 -19.24 11.11
CA ASN F 71 -39.14 -20.47 10.61
C ASN F 71 -38.57 -21.28 11.77
N GLU F 72 -38.02 -20.58 12.78
CA GLU F 72 -37.28 -21.22 13.86
C GLU F 72 -38.17 -21.53 15.07
N CYS F 73 -39.42 -21.05 15.06
CA CYS F 73 -40.31 -21.26 16.19
C CYS F 73 -40.65 -22.74 16.31
N PRO F 74 -40.38 -23.38 17.47
CA PRO F 74 -40.67 -24.81 17.64
C PRO F 74 -42.15 -25.11 17.91
N ALA F 75 -42.98 -24.04 17.96
CA ALA F 75 -44.35 -24.15 18.40
C ALA F 75 -45.31 -23.68 17.31
N ASP F 76 -44.75 -23.25 16.17
CA ASP F 76 -45.52 -22.68 15.06
C ASP F 76 -46.44 -21.57 15.58
N ALA F 77 -45.88 -20.74 16.47
CA ALA F 77 -46.61 -19.72 17.19
C ALA F 77 -46.49 -18.37 16.49
N ILE F 78 -45.91 -18.37 15.28
CA ILE F 78 -45.77 -17.15 14.49
C ILE F 78 -46.27 -17.42 13.08
N GLU F 79 -47.13 -16.51 12.58
CA GLU F 79 -47.67 -16.61 11.24
C GLU F 79 -47.17 -15.41 10.42
N MET F 80 -46.77 -15.67 9.16
CA MET F 80 -46.40 -14.62 8.23
C MET F 80 -47.61 -14.25 7.38
N ILE F 81 -48.00 -12.98 7.43
CA ILE F 81 -49.11 -12.47 6.63
C ILE F 81 -48.58 -11.40 5.69
N LEU F 82 -49.22 -11.28 4.52
CA LEU F 82 -48.81 -10.36 3.47
C LEU F 82 -48.94 -8.93 3.96
N GLU F 83 -47.86 -8.15 3.79
CA GLU F 83 -47.79 -6.72 4.06
C GLU F 83 -46.51 -6.39 4.85
N MET G 1 35.91 24.42 7.05
CA MET G 1 37.27 24.91 6.63
C MET G 1 38.21 23.72 6.43
N LYS G 2 38.17 22.74 7.33
CA LYS G 2 39.02 21.56 7.25
C LYS G 2 38.18 20.32 7.00
N GLU G 3 38.66 19.43 6.12
CA GLU G 3 37.93 18.22 5.74
C GLU G 3 38.82 16.99 5.89
N ILE G 4 38.25 15.93 6.47
CA ILE G 4 38.99 14.71 6.81
C ILE G 4 38.25 13.51 6.25
N ARG G 5 39.00 12.63 5.57
CA ARG G 5 38.46 11.40 5.04
C ARG G 5 39.14 10.23 5.75
N ILE G 6 38.33 9.24 6.16
CA ILE G 6 38.81 8.06 6.85
C ILE G 6 38.51 6.85 5.98
N HIS G 7 39.54 6.01 5.75
CA HIS G 7 39.41 4.77 5.02
C HIS G 7 39.53 3.59 5.97
N GLY G 8 38.64 2.61 5.81
CA GLY G 8 38.63 1.40 6.61
C GLY G 8 37.85 0.30 5.91
N ARG G 9 37.62 -0.81 6.61
CA ARG G 9 36.78 -1.88 6.09
C ARG G 9 35.53 -2.00 6.95
N GLY G 10 34.45 -2.49 6.33
CA GLY G 10 33.26 -2.81 7.10
C GLY G 10 33.63 -3.61 8.33
N GLY G 11 33.20 -3.12 9.51
CA GLY G 11 33.43 -3.81 10.76
C GLY G 11 34.57 -3.18 11.57
N GLN G 12 35.29 -2.22 10.98
CA GLN G 12 36.44 -1.61 11.64
C GLN G 12 36.06 -0.30 12.34
N GLY G 13 34.78 0.09 12.25
CA GLY G 13 34.26 1.22 13.01
C GLY G 13 34.83 2.57 12.56
N SER G 14 34.89 2.80 11.25
CA SER G 14 35.38 4.06 10.72
C SER G 14 34.43 5.21 11.05
N VAL G 15 33.12 4.92 11.11
CA VAL G 15 32.12 5.93 11.46
C VAL G 15 32.37 6.43 12.87
N THR G 16 32.74 5.51 13.78
CA THR G 16 33.00 5.85 15.17
C THR G 16 34.19 6.80 15.25
N ALA G 17 35.22 6.56 14.42
CA ALA G 17 36.38 7.43 14.37
C ALA G 17 35.97 8.85 13.97
N ALA G 18 35.13 8.94 12.93
CA ALA G 18 34.64 10.20 12.41
C ALA G 18 33.87 10.96 13.50
N GLU G 19 32.99 10.23 14.18
CA GLU G 19 32.14 10.76 15.24
C GLU G 19 33.00 11.30 16.39
N MET G 20 33.99 10.50 16.80
CA MET G 20 34.86 10.87 17.91
C MET G 20 35.65 12.12 17.56
N LEU G 21 36.08 12.24 16.30
CA LEU G 21 36.81 13.42 15.85
C LEU G 21 35.93 14.67 16.03
N SER G 22 34.68 14.58 15.58
CA SER G 22 33.76 15.72 15.62
C SER G 22 33.41 16.07 17.07
N VAL G 23 33.27 15.04 17.93
CA VAL G 23 33.02 15.26 19.35
C VAL G 23 34.21 15.99 19.97
N ALA G 24 35.42 15.50 19.70
CA ALA G 24 36.63 16.03 20.32
C ALA G 24 36.89 17.46 19.85
N ALA G 25 36.63 17.72 18.56
CA ALA G 25 36.80 19.04 17.97
C ALA G 25 35.88 20.05 18.66
N PHE G 26 34.67 19.61 18.98
CA PHE G 26 33.69 20.49 19.60
C PHE G 26 34.11 20.83 21.03
N GLU G 27 34.76 19.87 21.71
CA GLU G 27 35.33 20.11 23.02
C GLU G 27 36.32 21.27 22.94
N ASP G 28 37.03 21.38 21.80
CA ASP G 28 38.06 22.38 21.59
C ASP G 28 37.44 23.72 21.19
N GLY G 29 36.14 23.71 20.84
CA GLY G 29 35.42 24.91 20.50
C GLY G 29 35.27 25.10 18.98
N LYS G 30 35.59 24.04 18.23
CA LYS G 30 35.42 24.05 16.79
C LYS G 30 34.07 23.42 16.45
N PHE G 31 33.29 24.11 15.62
CA PHE G 31 32.09 23.52 15.04
C PHE G 31 32.52 22.33 14.17
N SER G 32 31.70 21.28 14.18
CA SER G 32 32.11 20.03 13.58
C SER G 32 30.93 19.34 12.88
N GLN G 33 31.28 18.36 12.03
CA GLN G 33 30.31 17.56 11.30
C GLN G 33 31.00 16.24 10.99
N ALA G 34 30.26 15.14 11.10
CA ALA G 34 30.80 13.83 10.76
C ALA G 34 29.70 12.99 10.14
N PHE G 35 30.09 12.09 9.22
CA PHE G 35 29.11 11.23 8.58
C PHE G 35 29.82 10.05 7.92
N PRO G 36 29.13 8.88 7.83
CA PRO G 36 29.62 7.76 7.04
C PRO G 36 29.41 8.09 5.57
N ALA G 37 30.19 7.46 4.70
CA ALA G 37 29.78 7.36 3.30
C ALA G 37 28.46 6.62 3.27
N PHE G 38 27.47 7.22 2.59
CA PHE G 38 26.09 6.76 2.65
C PHE G 38 25.97 5.46 1.87
N GLY G 39 25.52 4.40 2.55
CA GLY G 39 25.33 3.10 1.92
C GLY G 39 25.21 1.99 2.95
N VAL G 40 25.34 0.75 2.48
CA VAL G 40 25.28 -0.45 3.32
C VAL G 40 26.71 -0.90 3.58
N GLU G 41 27.01 -1.19 4.86
CA GLU G 41 28.35 -1.59 5.28
C GLU G 41 28.47 -3.11 5.30
N ARG G 42 29.32 -3.64 4.41
CA ARG G 42 29.58 -5.06 4.31
C ARG G 42 30.91 -5.37 5.00
N ARG G 43 30.92 -6.43 5.81
CA ARG G 43 32.10 -6.80 6.58
C ARG G 43 33.23 -7.21 5.65
N GLY G 44 34.34 -6.44 5.70
CA GLY G 44 35.52 -6.69 4.89
C GLY G 44 35.63 -5.72 3.72
N ALA G 45 34.50 -5.10 3.34
CA ALA G 45 34.45 -4.21 2.19
C ALA G 45 35.11 -2.88 2.53
N PRO G 46 35.87 -2.26 1.60
CA PRO G 46 36.39 -0.90 1.80
C PRO G 46 35.25 0.08 2.04
N VAL G 47 35.41 0.94 3.07
CA VAL G 47 34.41 1.94 3.43
C VAL G 47 35.12 3.26 3.75
N GLN G 48 34.35 4.34 3.75
CA GLN G 48 34.86 5.68 4.07
C GLN G 48 33.93 6.39 5.05
N ALA G 49 34.54 7.25 5.89
CA ALA G 49 33.80 8.15 6.76
C ALA G 49 34.51 9.51 6.77
N PHE G 50 33.79 10.55 7.21
CA PHE G 50 34.21 11.93 6.96
C PHE G 50 33.95 12.79 8.19
N THR G 51 34.78 13.84 8.33
CA THR G 51 34.63 14.86 9.36
C THR G 51 34.96 16.22 8.75
N ARG G 52 34.19 17.24 9.15
CA ARG G 52 34.49 18.63 8.83
C ARG G 52 34.69 19.41 10.12
N LEU G 53 35.62 20.37 10.09
CA LEU G 53 35.92 21.25 11.20
C LEU G 53 35.80 22.69 10.70
N SER G 54 35.26 23.57 11.56
CA SER G 54 35.09 24.97 11.20
C SER G 54 35.02 25.84 12.44
N ASP G 55 35.30 27.14 12.26
CA ASP G 55 35.18 28.13 13.32
C ASP G 55 33.74 28.64 13.38
N SER G 56 32.91 28.14 12.46
CA SER G 56 31.55 28.61 12.32
C SER G 56 30.63 27.41 12.10
N PRO G 57 29.33 27.45 12.49
CA PRO G 57 28.42 26.32 12.27
C PRO G 57 28.51 25.83 10.83
N ILE G 58 28.48 24.50 10.66
CA ILE G 58 28.65 23.93 9.35
C ILE G 58 27.28 23.66 8.74
N ARG G 59 27.03 24.29 7.58
CA ARG G 59 25.74 24.24 6.90
C ARG G 59 25.86 23.43 5.61
N LEU G 60 27.10 23.19 5.16
CA LEU G 60 27.37 22.54 3.89
C LEU G 60 26.91 21.08 3.95
N ARG G 61 26.16 20.65 2.94
CA ARG G 61 25.50 19.35 2.95
C ARG G 61 26.01 18.45 1.83
N SER G 62 27.05 18.89 1.10
CA SER G 62 27.64 18.06 0.07
C SER G 62 28.64 17.07 0.69
N GLN G 63 29.05 16.09 -0.13
CA GLN G 63 30.07 15.14 0.24
C GLN G 63 31.42 15.83 0.30
N ILE G 64 32.42 15.13 0.87
CA ILE G 64 33.80 15.56 0.87
C ILE G 64 34.54 14.86 -0.26
N TYR G 65 35.20 15.65 -1.12
CA TYR G 65 35.94 15.13 -2.26
C TYR G 65 37.42 15.49 -2.16
N THR G 66 37.72 16.66 -1.60
CA THR G 66 39.10 17.15 -1.53
C THR G 66 39.49 17.39 -0.08
N PRO G 67 39.88 16.32 0.67
CA PRO G 67 40.21 16.47 2.08
C PRO G 67 41.60 17.06 2.34
N ASP G 68 41.73 17.70 3.50
CA ASP G 68 43.00 18.23 3.98
C ASP G 68 43.80 17.10 4.62
N TYR G 69 43.09 16.18 5.27
CA TYR G 69 43.72 15.10 6.02
C TYR G 69 43.02 13.78 5.68
N VAL G 70 43.80 12.71 5.63
CA VAL G 70 43.30 11.37 5.33
C VAL G 70 43.83 10.40 6.39
N ILE G 71 42.95 9.53 6.88
CA ILE G 71 43.31 8.50 7.83
C ILE G 71 43.02 7.14 7.20
N VAL G 72 44.03 6.25 7.19
CA VAL G 72 43.90 4.92 6.62
C VAL G 72 44.06 3.90 7.74
N GLN G 73 42.96 3.21 8.06
CA GLN G 73 42.91 2.32 9.23
C GLN G 73 43.54 0.97 8.91
N ASP G 74 43.62 0.64 7.62
CA ASP G 74 44.05 -0.69 7.19
C ASP G 74 44.96 -0.55 5.98
N ALA G 75 46.23 -0.96 6.15
CA ALA G 75 47.27 -0.75 5.15
C ALA G 75 46.97 -1.51 3.86
N THR G 76 46.19 -2.60 3.95
CA THR G 76 45.91 -3.45 2.80
C THR G 76 45.04 -2.71 1.77
N LEU G 77 44.39 -1.62 2.21
CA LEU G 77 43.49 -0.84 1.37
C LEU G 77 44.24 -0.10 0.28
N LEU G 78 45.55 0.12 0.48
CA LEU G 78 46.36 0.93 -0.43
C LEU G 78 46.43 0.27 -1.80
N GLU G 79 46.27 -1.06 -1.83
CA GLU G 79 46.39 -1.84 -3.06
C GLU G 79 45.18 -1.63 -3.96
N THR G 80 44.02 -1.28 -3.38
CA THR G 80 42.77 -1.27 -4.13
C THR G 80 42.07 0.09 -4.07
N VAL G 81 42.52 0.97 -3.16
CA VAL G 81 41.87 2.26 -3.01
C VAL G 81 42.92 3.37 -3.12
N ASN G 82 42.58 4.41 -3.88
CA ASN G 82 43.42 5.59 -4.04
C ASN G 82 43.14 6.56 -2.89
N VAL G 83 43.92 6.41 -1.81
CA VAL G 83 43.65 7.12 -0.56
C VAL G 83 44.16 8.56 -0.67
N ALA G 84 45.02 8.82 -1.65
CA ALA G 84 45.62 10.13 -1.84
C ALA G 84 44.71 11.00 -2.71
N SER G 85 43.70 10.37 -3.31
CA SER G 85 42.78 11.01 -4.24
C SER G 85 42.20 12.29 -3.66
N GLY G 86 42.58 13.42 -4.25
CA GLY G 86 41.91 14.69 -4.01
C GLY G 86 42.51 15.47 -2.84
N ILE G 87 43.59 14.95 -2.26
CA ILE G 87 44.21 15.62 -1.12
C ILE G 87 44.95 16.87 -1.60
N LYS G 88 44.88 17.93 -0.78
CA LYS G 88 45.61 19.16 -1.03
C LYS G 88 47.11 18.88 -0.88
N ASP G 89 47.94 19.72 -1.51
CA ASP G 89 49.38 19.52 -1.56
C ASP G 89 49.99 19.66 -0.18
N ASP G 90 49.38 20.51 0.66
CA ASP G 90 49.88 20.78 2.00
C ASP G 90 49.17 19.89 3.03
N GLY G 91 48.55 18.81 2.55
CA GLY G 91 47.79 17.90 3.40
C GLY G 91 48.68 16.86 4.08
N ILE G 92 48.04 15.96 4.84
CA ILE G 92 48.72 14.90 5.57
C ILE G 92 47.88 13.62 5.45
N ILE G 93 48.55 12.50 5.12
CA ILE G 93 47.94 11.18 5.17
C ILE G 93 48.57 10.40 6.32
N ILE G 94 47.71 9.88 7.21
CA ILE G 94 48.14 9.08 8.35
C ILE G 94 47.72 7.63 8.11
N ILE G 95 48.71 6.72 8.10
CA ILE G 95 48.46 5.33 7.73
C ILE G 95 48.84 4.41 8.89
N ASN G 96 47.94 3.45 9.17
CA ASN G 96 48.18 2.36 10.10
C ASN G 96 49.02 1.30 9.41
N THR G 97 50.34 1.35 9.64
CA THR G 97 51.26 0.37 9.08
C THR G 97 52.55 0.32 9.89
N LYS G 98 53.21 -0.85 9.85
CA LYS G 98 54.49 -1.08 10.50
C LYS G 98 55.61 -0.47 9.66
N GLU G 99 55.33 -0.27 8.36
CA GLU G 99 56.31 0.23 7.41
C GLU G 99 56.53 1.72 7.61
N LYS G 100 57.72 2.19 7.21
CA LYS G 100 58.08 3.60 7.25
C LYS G 100 57.45 4.29 6.03
N PRO G 101 57.16 5.62 6.13
CA PRO G 101 56.45 6.33 5.06
C PRO G 101 56.90 6.11 3.62
N GLU G 102 58.22 6.06 3.42
CA GLU G 102 58.80 6.01 2.08
C GLU G 102 58.60 4.63 1.46
N ASP G 103 58.49 3.60 2.32
CA ASP G 103 58.39 2.21 1.89
C ASP G 103 57.07 1.96 1.16
N LEU G 104 56.07 2.82 1.42
CA LEU G 104 54.72 2.61 0.95
C LEU G 104 54.60 2.97 -0.53
N LYS G 105 55.17 4.12 -0.91
CA LYS G 105 55.10 4.66 -2.26
C LYS G 105 53.67 5.02 -2.61
N LEU G 106 53.32 6.30 -2.40
CA LEU G 106 52.05 6.87 -2.81
C LEU G 106 52.33 8.10 -3.66
N ASP G 107 51.63 8.23 -4.79
CA ASP G 107 51.83 9.34 -5.70
C ASP G 107 51.05 10.54 -5.19
N THR G 108 51.70 11.33 -4.31
CA THR G 108 51.11 12.51 -3.72
C THR G 108 52.22 13.45 -3.24
N LYS G 109 51.88 14.73 -3.09
CA LYS G 109 52.81 15.75 -2.62
C LYS G 109 52.62 15.93 -1.11
N ALA G 110 51.53 15.37 -0.58
CA ALA G 110 51.16 15.53 0.82
C ALA G 110 52.11 14.70 1.69
N ARG G 111 52.29 15.15 2.94
CA ARG G 111 53.10 14.45 3.92
C ARG G 111 52.45 13.11 4.26
N VAL G 112 53.21 12.03 4.05
CA VAL G 112 52.81 10.69 4.43
C VAL G 112 53.43 10.38 5.79
N MET G 113 52.59 9.94 6.74
CA MET G 113 53.05 9.63 8.09
C MET G 113 52.46 8.28 8.51
N THR G 114 53.25 7.49 9.26
CA THR G 114 52.86 6.14 9.61
C THR G 114 52.97 5.92 11.11
N VAL G 115 52.16 4.97 11.60
CA VAL G 115 52.21 4.49 12.97
C VAL G 115 51.65 3.07 12.97
N ASP G 116 52.12 2.23 13.89
CA ASP G 116 51.78 0.82 13.86
C ASP G 116 50.32 0.62 14.24
N ALA G 117 49.86 1.34 15.27
CA ALA G 117 48.46 1.40 15.69
C ALA G 117 47.93 0.01 16.08
N THR G 118 47.94 -0.92 15.12
CA THR G 118 47.50 -2.29 15.35
C THR G 118 48.28 -2.90 16.50
N LYS G 119 49.62 -2.75 16.47
CA LYS G 119 50.48 -3.32 17.49
C LYS G 119 50.23 -2.61 18.82
N VAL G 120 50.09 -1.28 18.76
CA VAL G 120 49.84 -0.45 19.93
C VAL G 120 48.57 -0.91 20.63
N ALA G 121 47.53 -1.21 19.83
CA ALA G 121 46.24 -1.66 20.35
C ALA G 121 46.38 -3.04 20.99
N MET G 122 47.12 -3.93 20.31
CA MET G 122 47.30 -5.30 20.77
C MET G 122 48.08 -5.33 22.07
N ASP G 123 48.96 -4.34 22.27
CA ASP G 123 49.85 -4.30 23.43
C ASP G 123 49.10 -3.78 24.66
N ILE G 124 48.28 -2.75 24.47
CA ILE G 124 47.74 -1.98 25.59
C ILE G 124 46.28 -2.37 25.83
N ILE G 125 45.48 -2.40 24.75
CA ILE G 125 44.06 -2.69 24.86
C ILE G 125 43.88 -4.20 24.96
N GLY G 126 44.43 -4.93 23.99
CA GLY G 126 44.27 -6.38 23.90
C GLY G 126 43.65 -6.78 22.57
N LEU G 127 42.66 -6.00 22.13
CA LEU G 127 41.97 -6.24 20.86
C LEU G 127 42.51 -5.29 19.79
N PRO G 128 42.43 -5.66 18.50
CA PRO G 128 42.91 -4.78 17.42
C PRO G 128 41.93 -3.67 17.06
N ILE G 129 41.56 -2.86 18.06
CA ILE G 129 40.65 -1.74 17.88
C ILE G 129 41.47 -0.50 17.54
N VAL G 130 41.52 -0.17 16.24
CA VAL G 130 42.43 0.84 15.73
C VAL G 130 41.71 2.16 15.47
N ASN G 131 40.36 2.12 15.44
CA ASN G 131 39.58 3.27 15.00
C ASN G 131 39.75 4.45 15.97
N THR G 132 39.93 4.15 17.26
CA THR G 132 40.08 5.20 18.25
C THR G 132 41.54 5.55 18.47
N VAL G 133 42.43 4.56 18.35
CA VAL G 133 43.84 4.76 18.64
C VAL G 133 44.47 5.67 17.58
N LEU G 134 44.01 5.54 16.33
CA LEU G 134 44.56 6.29 15.21
C LEU G 134 44.24 7.77 15.34
N LEU G 135 43.24 8.11 16.15
CA LEU G 135 42.86 9.49 16.37
C LEU G 135 43.95 10.20 17.17
N GLY G 136 44.64 9.44 18.03
CA GLY G 136 45.81 9.93 18.74
C GLY G 136 46.89 10.37 17.75
N ALA G 137 47.12 9.51 16.74
CA ALA G 137 48.06 9.79 15.67
C ALA G 137 47.63 11.04 14.89
N PHE G 138 46.31 11.13 14.63
CA PHE G 138 45.75 12.27 13.91
C PHE G 138 46.09 13.57 14.66
N ALA G 139 45.93 13.54 15.99
CA ALA G 139 46.17 14.73 16.82
C ALA G 139 47.64 15.11 16.77
N GLY G 140 48.52 14.11 16.91
CA GLY G 140 49.96 14.31 16.92
C GLY G 140 50.47 14.82 15.58
N ALA G 141 49.86 14.34 14.50
CA ALA G 141 50.33 14.64 13.16
C ALA G 141 49.86 16.02 12.69
N THR G 142 48.64 16.42 13.07
CA THR G 142 48.00 17.55 12.42
C THR G 142 47.94 18.76 13.37
N GLY G 143 47.75 18.50 14.67
CA GLY G 143 47.58 19.56 15.65
C GLY G 143 46.22 20.23 15.57
N GLU G 144 45.27 19.59 14.87
CA GLU G 144 43.96 20.16 14.60
C GLU G 144 43.03 20.01 15.81
N ILE G 145 43.23 18.92 16.57
CA ILE G 145 42.45 18.63 17.76
C ILE G 145 43.43 18.27 18.88
N ASN G 146 43.11 18.72 20.10
CA ASN G 146 43.88 18.38 21.28
C ASN G 146 43.65 16.90 21.61
N VAL G 147 44.75 16.18 21.88
CA VAL G 147 44.70 14.73 22.13
C VAL G 147 43.89 14.45 23.39
N GLU G 148 43.90 15.39 24.34
CA GLU G 148 43.18 15.27 25.60
C GLU G 148 41.68 15.25 25.33
N SER G 149 41.25 16.03 24.33
CA SER G 149 39.84 16.10 23.94
C SER G 149 39.40 14.76 23.33
N ILE G 150 40.31 14.13 22.58
CA ILE G 150 40.05 12.84 21.96
C ILE G 150 39.91 11.77 23.04
N LYS G 151 40.77 11.85 24.07
CA LYS G 151 40.72 10.97 25.22
C LYS G 151 39.39 11.13 25.95
N LYS G 152 39.01 12.39 26.18
CA LYS G 152 37.77 12.74 26.86
C LYS G 152 36.58 12.20 26.06
N ALA G 153 36.64 12.35 24.73
CA ALA G 153 35.58 11.86 23.85
C ALA G 153 35.43 10.35 24.01
N VAL G 154 36.55 9.63 23.92
CA VAL G 154 36.55 8.17 24.08
C VAL G 154 36.56 7.87 25.58
N LYS G 155 35.41 8.10 26.22
CA LYS G 155 35.23 7.84 27.63
C LYS G 155 33.74 7.63 27.89
N ASP G 156 33.31 6.37 27.81
CA ASP G 156 31.91 6.01 27.90
C ASP G 156 31.73 4.88 28.91
N ARG G 157 32.63 3.89 28.87
CA ARG G 157 32.57 2.73 29.73
C ARG G 157 32.92 3.14 31.18
N LYS G 165 43.04 2.25 29.21
CA LYS G 165 43.71 1.37 28.23
C LYS G 165 43.57 1.97 26.82
N ASN G 166 42.35 2.36 26.46
CA ASN G 166 42.08 3.02 25.20
C ASN G 166 42.76 4.38 25.17
N ALA G 167 42.66 5.12 26.28
CA ALA G 167 43.24 6.44 26.42
C ALA G 167 44.76 6.37 26.36
N GLN G 168 45.32 5.32 27.00
CA GLN G 168 46.76 5.08 26.98
C GLN G 168 47.20 4.75 25.56
N ALA G 169 46.40 3.93 24.86
CA ALA G 169 46.70 3.50 23.51
C ALA G 169 46.67 4.70 22.56
N ILE G 170 45.76 5.64 22.83
CA ILE G 170 45.65 6.90 22.10
C ILE G 170 46.89 7.75 22.38
N GLN G 171 47.34 7.74 23.63
CA GLN G 171 48.50 8.51 24.06
C GLN G 171 49.77 7.99 23.37
N LYS G 172 49.92 6.66 23.27
CA LYS G 172 51.10 6.06 22.69
C LYS G 172 51.17 6.35 21.19
N ALA G 173 50.03 6.27 20.51
CA ALA G 173 49.95 6.54 19.08
C ALA G 173 50.29 8.00 18.81
N TYR G 174 49.95 8.87 19.76
CA TYR G 174 50.22 10.30 19.68
C TYR G 174 51.73 10.55 19.74
N GLU G 175 52.43 9.74 20.54
CA GLU G 175 53.86 9.87 20.74
C GLU G 175 54.60 9.37 19.49
N LEU G 176 54.15 8.23 18.96
CA LEU G 176 54.83 7.57 17.85
C LEU G 176 54.68 8.38 16.56
N ILE G 177 53.50 8.30 15.93
CA ILE G 177 53.23 8.89 14.62
C ILE G 177 54.49 9.62 14.10
N MET H 1 -36.27 15.01 -24.90
CA MET H 1 -35.76 13.92 -24.02
C MET H 1 -36.84 13.51 -23.03
N LYS H 2 -36.99 12.20 -22.83
CA LYS H 2 -37.91 11.64 -21.85
C LYS H 2 -37.11 10.94 -20.76
N GLU H 3 -37.61 11.01 -19.52
CA GLU H 3 -36.93 10.44 -18.36
C GLU H 3 -37.90 9.56 -17.57
N ILE H 4 -37.41 8.38 -17.16
CA ILE H 4 -38.23 7.35 -16.55
C ILE H 4 -37.58 6.92 -15.24
N ARG H 5 -38.39 6.87 -14.16
CA ARG H 5 -37.93 6.40 -12.87
C ARG H 5 -38.70 5.14 -12.50
N ILE H 6 -37.98 4.09 -12.08
CA ILE H 6 -38.55 2.82 -11.67
C ILE H 6 -38.30 2.62 -10.18
N HIS H 7 -39.36 2.25 -9.45
CA HIS H 7 -39.28 1.98 -8.01
C HIS H 7 -39.52 0.49 -7.77
N GLY H 8 -38.67 -0.10 -6.92
CA GLY H 8 -38.78 -1.50 -6.56
C GLY H 8 -38.02 -1.77 -5.26
N ARG H 9 -37.89 -3.06 -4.92
CA ARG H 9 -37.11 -3.46 -3.75
C ARG H 9 -35.89 -4.25 -4.22
N GLY H 10 -34.82 -4.17 -3.43
CA GLY H 10 -33.67 -5.02 -3.68
C GLY H 10 -34.12 -6.45 -3.94
N GLY H 11 -33.67 -7.01 -5.07
CA GLY H 11 -33.98 -8.38 -5.43
C GLY H 11 -35.10 -8.49 -6.46
N GLN H 12 -35.77 -7.37 -6.75
CA GLN H 12 -36.90 -7.37 -7.67
C GLN H 12 -36.46 -7.03 -9.10
N GLY H 13 -35.16 -6.78 -9.30
CA GLY H 13 -34.61 -6.61 -10.64
C GLY H 13 -35.06 -5.33 -11.34
N SER H 14 -35.08 -4.21 -10.61
CA SER H 14 -35.48 -2.93 -11.19
C SER H 14 -34.46 -2.45 -12.23
N VAL H 15 -33.18 -2.80 -12.04
CA VAL H 15 -32.13 -2.42 -12.98
C VAL H 15 -32.37 -3.11 -14.31
N THR H 16 -32.83 -4.37 -14.26
CA THR H 16 -33.10 -5.16 -15.45
C THR H 16 -34.23 -4.50 -16.27
N ALA H 17 -35.26 -4.00 -15.56
CA ALA H 17 -36.36 -3.30 -16.20
C ALA H 17 -35.85 -2.07 -16.94
N ALA H 18 -34.99 -1.29 -16.27
CA ALA H 18 -34.41 -0.08 -16.83
C ALA H 18 -33.60 -0.42 -18.09
N GLU H 19 -32.78 -1.48 -17.98
CA GLU H 19 -31.93 -1.94 -19.06
C GLU H 19 -32.77 -2.38 -20.25
N MET H 20 -33.80 -3.19 -20.00
CA MET H 20 -34.65 -3.72 -21.06
C MET H 20 -35.36 -2.58 -21.78
N LEU H 21 -35.70 -1.51 -21.03
CA LEU H 21 -36.39 -0.37 -21.58
C LEU H 21 -35.45 0.35 -22.58
N SER H 22 -34.18 0.49 -22.18
CA SER H 22 -33.19 1.17 -23.02
C SER H 22 -32.87 0.34 -24.26
N VAL H 23 -32.86 -1.00 -24.12
CA VAL H 23 -32.62 -1.91 -25.23
C VAL H 23 -33.78 -1.80 -26.22
N ALA H 24 -35.02 -1.84 -25.70
CA ALA H 24 -36.21 -1.85 -26.53
C ALA H 24 -36.35 -0.52 -27.27
N ALA H 25 -36.05 0.59 -26.59
CA ALA H 25 -36.14 1.91 -27.19
C ALA H 25 -35.17 2.02 -28.37
N PHE H 26 -33.99 1.43 -28.21
CA PHE H 26 -32.96 1.52 -29.24
C PHE H 26 -33.38 0.71 -30.46
N GLU H 27 -34.13 -0.38 -30.23
CA GLU H 27 -34.64 -1.19 -31.33
C GLU H 27 -35.65 -0.36 -32.13
N ASP H 28 -36.30 0.59 -31.46
CA ASP H 28 -37.28 1.48 -32.08
C ASP H 28 -36.59 2.66 -32.76
N GLY H 29 -35.29 2.81 -32.53
CA GLY H 29 -34.49 3.83 -33.19
C GLY H 29 -34.30 5.07 -32.31
N LYS H 30 -34.65 4.95 -31.02
CA LYS H 30 -34.43 6.02 -30.07
C LYS H 30 -33.12 5.76 -29.31
N PHE H 31 -32.29 6.80 -29.19
CA PHE H 31 -31.12 6.76 -28.33
C PHE H 31 -31.58 6.61 -26.89
N SER H 32 -30.82 5.83 -26.10
CA SER H 32 -31.28 5.45 -24.79
C SER H 32 -30.11 5.42 -23.79
N GLN H 33 -30.48 5.48 -22.51
CA GLN H 33 -29.55 5.41 -21.40
C GLN H 33 -30.29 4.78 -20.23
N ALA H 34 -29.62 3.90 -19.49
CA ALA H 34 -30.23 3.30 -18.32
C ALA H 34 -29.17 3.10 -17.24
N PHE H 35 -29.59 3.22 -15.98
CA PHE H 35 -28.65 3.06 -14.88
C PHE H 35 -29.41 2.80 -13.58
N PRO H 36 -28.79 2.06 -12.63
CA PRO H 36 -29.34 1.90 -11.29
C PRO H 36 -29.08 3.18 -10.51
N ALA H 37 -29.89 3.45 -9.50
CA ALA H 37 -29.47 4.35 -8.44
C ALA H 37 -28.17 3.80 -7.86
N PHE H 38 -27.14 4.65 -7.81
CA PHE H 38 -25.79 4.22 -7.49
C PHE H 38 -25.70 3.93 -5.99
N GLY H 39 -25.34 2.69 -5.67
CA GLY H 39 -25.21 2.24 -4.29
C GLY H 39 -25.24 0.72 -4.19
N VAL H 40 -25.39 0.21 -2.96
CA VAL H 40 -25.47 -1.21 -2.67
C VAL H 40 -26.94 -1.60 -2.54
N GLU H 41 -27.31 -2.71 -3.19
CA GLU H 41 -28.69 -3.19 -3.22
C GLU H 41 -28.93 -4.21 -2.12
N ARG H 42 -29.78 -3.85 -1.14
CA ARG H 42 -30.12 -4.72 -0.03
C ARG H 42 -31.49 -5.34 -0.29
N ARG H 43 -31.59 -6.65 -0.02
CA ARG H 43 -32.80 -7.40 -0.31
C ARG H 43 -33.93 -6.90 0.59
N GLY H 44 -34.98 -6.37 -0.05
CA GLY H 44 -36.15 -5.85 0.63
C GLY H 44 -36.17 -4.32 0.69
N ALA H 45 -34.97 -3.70 0.58
CA ALA H 45 -34.83 -2.26 0.69
C ALA H 45 -35.40 -1.58 -0.55
N PRO H 46 -36.07 -0.41 -0.41
CA PRO H 46 -36.51 0.37 -1.57
C PRO H 46 -35.31 0.80 -2.43
N VAL H 47 -35.44 0.65 -3.75
CA VAL H 47 -34.39 0.99 -4.69
C VAL H 47 -35.01 1.65 -5.92
N GLN H 48 -34.17 2.34 -6.70
CA GLN H 48 -34.62 3.02 -7.90
C GLN H 48 -33.69 2.71 -9.06
N ALA H 49 -34.26 2.73 -10.28
CA ALA H 49 -33.52 2.63 -11.52
C ALA H 49 -34.10 3.63 -12.53
N PHE H 50 -33.33 3.94 -13.58
CA PHE H 50 -33.65 5.08 -14.44
C PHE H 50 -33.38 4.75 -15.90
N THR H 51 -34.17 5.38 -16.78
CA THR H 51 -34.00 5.29 -18.22
C THR H 51 -34.23 6.67 -18.83
N ARG H 52 -33.41 7.02 -19.84
CA ARG H 52 -33.61 8.20 -20.66
C ARG H 52 -33.80 7.79 -22.11
N LEU H 53 -34.69 8.53 -22.80
CA LEU H 53 -34.98 8.32 -24.22
C LEU H 53 -34.75 9.65 -24.94
N SER H 54 -34.21 9.58 -26.16
CA SER H 54 -33.91 10.77 -26.93
C SER H 54 -33.78 10.44 -28.41
N ASP H 55 -33.98 11.46 -29.26
CA ASP H 55 -33.79 11.32 -30.71
C ASP H 55 -32.32 11.48 -31.07
N SER H 56 -31.52 11.89 -30.07
CA SER H 56 -30.12 12.22 -30.26
C SER H 56 -29.28 11.50 -29.21
N PRO H 57 -27.99 11.18 -29.47
CA PRO H 57 -27.14 10.52 -28.48
C PRO H 57 -27.23 11.25 -27.14
N ILE H 58 -27.28 10.47 -26.05
CA ILE H 58 -27.47 11.04 -24.73
C ILE H 58 -26.09 11.20 -24.08
N ARG H 59 -25.75 12.47 -23.79
CA ARG H 59 -24.45 12.84 -23.24
C ARG H 59 -24.58 13.25 -21.77
N LEU H 60 -25.82 13.46 -21.33
CA LEU H 60 -26.10 13.97 -19.99
C LEU H 60 -25.74 12.93 -18.93
N ARG H 61 -25.03 13.38 -17.89
CA ARG H 61 -24.45 12.45 -16.91
C ARG H 61 -24.99 12.72 -15.51
N SER H 62 -25.94 13.65 -15.38
CA SER H 62 -26.56 13.90 -14.09
C SER H 62 -27.63 12.85 -13.78
N GLN H 63 -28.05 12.78 -12.52
CA GLN H 63 -29.15 11.93 -12.09
C GLN H 63 -30.46 12.44 -12.67
N ILE H 64 -31.50 11.59 -12.61
CA ILE H 64 -32.85 11.96 -12.99
C ILE H 64 -33.61 12.37 -11.73
N TYR H 65 -34.24 13.55 -11.78
CA TYR H 65 -34.97 14.08 -10.63
C TYR H 65 -36.43 14.34 -10.99
N THR H 66 -36.67 14.76 -12.25
CA THR H 66 -38.02 15.11 -12.69
C THR H 66 -38.42 14.21 -13.86
N PRO H 67 -38.90 12.97 -13.59
CA PRO H 67 -39.27 12.04 -14.66
C PRO H 67 -40.60 12.39 -15.33
N ASP H 68 -40.72 11.97 -16.59
CA ASP H 68 -41.97 12.05 -17.34
C ASP H 68 -42.86 10.87 -16.95
N TYR H 69 -42.22 9.73 -16.66
CA TYR H 69 -42.93 8.50 -16.38
C TYR H 69 -42.31 7.81 -15.16
N VAL H 70 -43.16 7.17 -14.35
CA VAL H 70 -42.73 6.45 -13.16
C VAL H 70 -43.39 5.07 -13.16
N ILE H 71 -42.57 4.04 -12.85
CA ILE H 71 -43.06 2.68 -12.74
C ILE H 71 -42.83 2.20 -11.31
N VAL H 72 -43.90 1.68 -10.68
CA VAL H 72 -43.82 1.19 -9.31
C VAL H 72 -44.04 -0.32 -9.32
N GLN H 73 -42.99 -1.08 -8.98
CA GLN H 73 -43.00 -2.53 -9.10
C GLN H 73 -43.72 -3.17 -7.92
N ASP H 74 -43.77 -2.45 -6.80
CA ASP H 74 -44.27 -2.99 -5.54
C ASP H 74 -45.15 -1.95 -4.87
N ALA H 75 -46.44 -2.27 -4.75
CA ALA H 75 -47.45 -1.36 -4.24
C ALA H 75 -47.15 -0.92 -2.80
N THR H 76 -46.47 -1.78 -2.03
CA THR H 76 -46.20 -1.51 -0.61
C THR H 76 -45.24 -0.34 -0.45
N LEU H 77 -44.58 0.06 -1.55
CA LEU H 77 -43.60 1.13 -1.53
C LEU H 77 -44.25 2.50 -1.33
N LEU H 78 -45.54 2.59 -1.68
CA LEU H 78 -46.24 3.87 -1.68
C LEU H 78 -46.29 4.45 -0.27
N GLU H 79 -46.22 3.56 0.73
CA GLU H 79 -46.34 3.92 2.14
C GLU H 79 -45.11 4.70 2.61
N THR H 80 -43.95 4.43 1.99
CA THR H 80 -42.69 4.95 2.52
C THR H 80 -41.94 5.78 1.47
N VAL H 81 -42.38 5.73 0.21
CA VAL H 81 -41.67 6.42 -0.85
C VAL H 81 -42.65 7.34 -1.60
N ASN H 82 -42.22 8.58 -1.83
CA ASN H 82 -42.96 9.56 -2.62
C ASN H 82 -42.67 9.30 -4.11
N VAL H 83 -43.46 8.41 -4.72
CA VAL H 83 -43.19 7.94 -6.07
C VAL H 83 -43.61 8.99 -7.10
N ALA H 84 -44.45 9.95 -6.67
CA ALA H 84 -44.95 10.98 -7.55
C ALA H 84 -44.03 12.21 -7.52
N SER H 85 -42.96 12.13 -6.72
CA SER H 85 -42.08 13.25 -6.48
C SER H 85 -41.34 13.65 -7.77
N GLY H 86 -41.59 14.89 -8.21
CA GLY H 86 -40.84 15.50 -9.29
C GLY H 86 -41.45 15.22 -10.66
N ILE H 87 -42.55 14.47 -10.69
CA ILE H 87 -43.17 14.09 -11.95
C ILE H 87 -43.84 15.33 -12.58
N LYS H 88 -43.72 15.45 -13.91
CA LYS H 88 -44.37 16.51 -14.66
C LYS H 88 -45.88 16.31 -14.60
N ASP H 89 -46.63 17.40 -14.78
CA ASP H 89 -48.08 17.40 -14.65
C ASP H 89 -48.71 16.51 -15.73
N ASP H 90 -48.08 16.44 -16.89
CA ASP H 90 -48.59 15.68 -18.02
C ASP H 90 -47.99 14.28 -18.04
N GLY H 91 -47.47 13.83 -16.89
CA GLY H 91 -46.79 12.55 -16.78
C GLY H 91 -47.74 11.39 -16.51
N ILE H 92 -47.17 10.18 -16.35
CA ILE H 92 -47.92 8.97 -16.11
C ILE H 92 -47.18 8.14 -15.06
N ILE H 93 -47.90 7.69 -14.03
CA ILE H 93 -47.39 6.74 -13.05
C ILE H 93 -48.10 5.41 -13.25
N ILE H 94 -47.30 4.35 -13.50
CA ILE H 94 -47.80 3.00 -13.66
C ILE H 94 -47.48 2.22 -12.38
N ILE H 95 -48.52 1.64 -11.75
CA ILE H 95 -48.36 0.97 -10.47
C ILE H 95 -48.85 -0.47 -10.57
N ASN H 96 -48.01 -1.39 -10.06
CA ASN H 96 -48.35 -2.80 -9.92
C ASN H 96 -49.21 -2.97 -8.67
N THR H 97 -50.53 -3.07 -8.88
CA THR H 97 -51.48 -3.21 -7.78
C THR H 97 -52.80 -3.80 -8.28
N LYS H 98 -53.49 -4.49 -7.37
CA LYS H 98 -54.80 -5.08 -7.63
C LYS H 98 -55.84 -3.96 -7.70
N GLU H 99 -55.62 -2.91 -6.90
CA GLU H 99 -56.56 -1.82 -6.73
C GLU H 99 -56.56 -0.93 -7.98
N LYS H 100 -57.65 -0.19 -8.16
CA LYS H 100 -57.80 0.70 -9.30
C LYS H 100 -57.25 2.09 -8.95
N PRO H 101 -56.86 2.90 -9.97
CA PRO H 101 -56.10 4.13 -9.74
C PRO H 101 -56.52 5.03 -8.58
N GLU H 102 -57.82 5.34 -8.51
CA GLU H 102 -58.36 6.36 -7.60
C GLU H 102 -58.28 5.87 -6.15
N ASP H 103 -58.26 4.55 -5.96
CA ASP H 103 -58.25 3.93 -4.64
C ASP H 103 -56.95 4.23 -3.90
N LEU H 104 -55.88 4.50 -4.66
CA LEU H 104 -54.54 4.64 -4.11
C LEU H 104 -54.37 6.01 -3.45
N LYS H 105 -54.95 7.04 -4.10
CA LYS H 105 -54.96 8.41 -3.59
C LYS H 105 -53.54 8.94 -3.48
N LEU H 106 -52.97 9.34 -4.63
CA LEU H 106 -51.67 9.98 -4.68
C LEU H 106 -51.85 11.46 -5.00
N ASP H 107 -51.10 12.31 -4.29
CA ASP H 107 -51.20 13.75 -4.47
C ASP H 107 -50.35 14.15 -5.67
N THR H 108 -50.94 14.05 -6.86
CA THR H 108 -50.26 14.37 -8.11
C THR H 108 -51.31 14.74 -9.17
N LYS H 109 -50.86 15.46 -10.21
CA LYS H 109 -51.71 15.87 -11.31
C LYS H 109 -51.56 14.87 -12.46
N ALA H 110 -50.53 14.02 -12.37
CA ALA H 110 -50.20 13.06 -13.41
C ALA H 110 -51.22 11.94 -13.42
N ARG H 111 -51.40 11.31 -14.60
CA ARG H 111 -52.29 10.16 -14.75
C ARG H 111 -51.72 8.98 -13.96
N VAL H 112 -52.56 8.41 -13.09
CA VAL H 112 -52.22 7.21 -12.36
C VAL H 112 -52.92 6.04 -13.04
N MET H 113 -52.14 5.00 -13.37
CA MET H 113 -52.67 3.82 -14.05
C MET H 113 -52.17 2.56 -13.34
N THR H 114 -53.00 1.52 -13.33
CA THR H 114 -52.71 0.33 -12.53
C THR H 114 -52.86 -0.94 -13.37
N VAL H 115 -52.07 -1.96 -12.99
CA VAL H 115 -52.20 -3.32 -13.48
C VAL H 115 -51.86 -4.26 -12.33
N ASP H 116 -52.43 -5.46 -12.35
CA ASP H 116 -52.20 -6.44 -11.30
C ASP H 116 -50.77 -6.95 -11.40
N ALA H 117 -50.33 -7.26 -12.63
CA ALA H 117 -48.94 -7.60 -12.96
C ALA H 117 -48.45 -8.83 -12.19
N THR H 118 -48.50 -8.76 -10.86
CA THR H 118 -48.14 -9.87 -9.99
C THR H 118 -48.99 -11.10 -10.32
N LYS H 119 -50.30 -10.88 -10.51
CA LYS H 119 -51.23 -11.95 -10.86
C LYS H 119 -50.92 -12.45 -12.26
N VAL H 120 -50.67 -11.51 -13.19
CA VAL H 120 -50.35 -11.82 -14.57
C VAL H 120 -49.11 -12.70 -14.62
N ALA H 121 -48.15 -12.41 -13.72
CA ALA H 121 -46.89 -13.14 -13.64
C ALA H 121 -47.11 -14.55 -13.13
N MET H 122 -47.91 -14.69 -12.06
CA MET H 122 -48.12 -15.99 -11.45
C MET H 122 -48.95 -16.89 -12.36
N ASP H 123 -49.80 -16.27 -13.19
CA ASP H 123 -50.73 -16.99 -14.05
C ASP H 123 -50.00 -17.57 -15.27
N ILE H 124 -49.12 -16.76 -15.89
CA ILE H 124 -48.56 -17.08 -17.18
C ILE H 124 -47.14 -17.60 -17.02
N ILE H 125 -46.33 -16.92 -16.20
CA ILE H 125 -44.95 -17.31 -16.00
C ILE H 125 -44.88 -18.38 -14.92
N GLY H 126 -45.53 -18.12 -13.78
CA GLY H 126 -45.49 -19.02 -12.64
C GLY H 126 -44.82 -18.37 -11.43
N LEU H 127 -43.74 -17.63 -11.70
CA LEU H 127 -43.02 -16.90 -10.68
C LEU H 127 -43.48 -15.44 -10.67
N PRO H 128 -43.38 -14.72 -9.53
CA PRO H 128 -43.80 -13.32 -9.46
C PRO H 128 -42.74 -12.33 -9.96
N ILE H 129 -42.24 -12.57 -11.17
CA ILE H 129 -41.25 -11.71 -11.81
C ILE H 129 -41.98 -10.61 -12.57
N VAL H 130 -42.01 -9.40 -11.99
CA VAL H 130 -42.87 -8.34 -12.48
C VAL H 130 -42.04 -7.26 -13.20
N ASN H 131 -40.71 -7.36 -13.14
CA ASN H 131 -39.86 -6.31 -13.66
C ASN H 131 -39.95 -6.23 -15.19
N THR H 132 -40.22 -7.37 -15.84
CA THR H 132 -40.32 -7.39 -17.29
C THR H 132 -41.77 -7.22 -17.75
N VAL H 133 -42.72 -7.75 -16.97
CA VAL H 133 -44.12 -7.74 -17.34
C VAL H 133 -44.66 -6.31 -17.31
N LEU H 134 -44.16 -5.50 -16.36
CA LEU H 134 -44.61 -4.13 -16.17
C LEU H 134 -44.19 -3.25 -17.35
N LEU H 135 -43.19 -3.71 -18.11
CA LEU H 135 -42.72 -2.98 -19.28
C LEU H 135 -43.79 -3.02 -20.37
N GLY H 136 -44.52 -4.15 -20.42
CA GLY H 136 -45.69 -4.27 -21.28
C GLY H 136 -46.73 -3.20 -20.93
N ALA H 137 -46.96 -3.00 -19.63
CA ALA H 137 -47.85 -1.97 -19.14
C ALA H 137 -47.33 -0.58 -19.50
N PHE H 138 -46.02 -0.39 -19.40
CA PHE H 138 -45.38 0.88 -19.72
C PHE H 138 -45.67 1.25 -21.17
N ALA H 139 -45.52 0.27 -22.07
CA ALA H 139 -45.71 0.48 -23.50
C ALA H 139 -47.16 0.84 -23.81
N GLY H 140 -48.08 0.11 -23.16
CA GLY H 140 -49.51 0.32 -23.34
C GLY H 140 -49.96 1.68 -22.82
N ALA H 141 -49.32 2.13 -21.72
CA ALA H 141 -49.73 3.34 -21.04
C ALA H 141 -49.18 4.58 -21.75
N THR H 142 -47.99 4.48 -22.35
CA THR H 142 -47.27 5.68 -22.75
C THR H 142 -47.16 5.77 -24.27
N GLY H 143 -47.04 4.61 -24.93
CA GLY H 143 -46.80 4.56 -26.37
C GLY H 143 -45.40 5.02 -26.76
N GLU H 144 -44.49 5.08 -25.77
CA GLU H 144 -43.14 5.59 -25.98
C GLU H 144 -42.26 4.54 -26.65
N ILE H 145 -42.51 3.27 -26.33
CA ILE H 145 -41.78 2.14 -26.90
C ILE H 145 -42.81 1.12 -27.40
N ASN H 146 -42.50 0.50 -28.54
CA ASN H 146 -43.32 -0.54 -29.13
C ASN H 146 -43.23 -1.79 -28.26
N VAL H 147 -44.39 -2.41 -27.98
CA VAL H 147 -44.45 -3.56 -27.09
C VAL H 147 -43.70 -4.74 -27.69
N GLU H 148 -43.62 -4.77 -29.03
CA GLU H 148 -42.95 -5.84 -29.75
C GLU H 148 -41.44 -5.75 -29.52
N SER H 149 -40.92 -4.52 -29.43
CA SER H 149 -39.51 -4.29 -29.18
C SER H 149 -39.13 -4.75 -27.77
N ILE H 150 -40.06 -4.59 -26.82
CA ILE H 150 -39.85 -4.99 -25.44
C ILE H 150 -39.83 -6.52 -25.35
N LYS H 151 -40.71 -7.17 -26.12
CA LYS H 151 -40.73 -8.62 -26.24
C LYS H 151 -39.39 -9.11 -26.82
N LYS H 152 -38.99 -8.49 -27.93
CA LYS H 152 -37.72 -8.75 -28.60
C LYS H 152 -36.58 -8.72 -27.59
N ALA H 153 -36.52 -7.67 -26.78
CA ALA H 153 -35.43 -7.45 -25.84
C ALA H 153 -35.37 -8.59 -24.81
N VAL H 154 -36.53 -8.95 -24.24
CA VAL H 154 -36.60 -9.91 -23.15
C VAL H 154 -36.24 -11.30 -23.66
N LYS H 155 -36.60 -11.60 -24.92
CA LYS H 155 -36.30 -12.89 -25.52
C LYS H 155 -34.82 -12.91 -25.93
N ASP H 156 -34.30 -11.75 -26.37
CA ASP H 156 -32.91 -11.62 -26.76
C ASP H 156 -32.00 -11.88 -25.57
N ARG H 157 -32.26 -11.17 -24.46
CA ARG H 157 -31.43 -11.25 -23.27
C ARG H 157 -31.58 -12.62 -22.62
N PHE H 158 -32.79 -13.19 -22.72
CA PHE H 158 -33.06 -14.53 -22.20
C PHE H 158 -33.43 -15.46 -23.36
N ASN H 166 -42.90 -15.33 -20.84
CA ASN H 166 -42.54 -13.93 -20.46
C ASN H 166 -43.19 -12.94 -21.42
N ALA H 167 -43.08 -13.23 -22.72
CA ALA H 167 -43.59 -12.38 -23.76
C ALA H 167 -45.12 -12.29 -23.69
N GLN H 168 -45.76 -13.43 -23.37
CA GLN H 168 -47.20 -13.50 -23.21
C GLN H 168 -47.62 -12.65 -22.01
N ALA H 169 -46.84 -12.73 -20.93
CA ALA H 169 -47.11 -11.98 -19.71
C ALA H 169 -46.98 -10.49 -19.98
N ILE H 170 -46.01 -10.12 -20.84
CA ILE H 170 -45.82 -8.76 -21.30
C ILE H 170 -47.04 -8.33 -22.12
N GLN H 171 -47.55 -9.24 -22.94
CA GLN H 171 -48.65 -8.98 -23.84
C GLN H 171 -49.94 -8.69 -23.07
N LYS H 172 -50.21 -9.50 -22.03
CA LYS H 172 -51.42 -9.38 -21.24
C LYS H 172 -51.41 -8.05 -20.48
N ALA H 173 -50.27 -7.74 -19.84
CA ALA H 173 -50.09 -6.51 -19.08
C ALA H 173 -50.32 -5.30 -19.99
N TYR H 174 -49.93 -5.43 -21.26
CA TYR H 174 -50.10 -4.38 -22.26
C TYR H 174 -51.59 -4.14 -22.53
N GLU H 175 -52.36 -5.23 -22.49
CA GLU H 175 -53.80 -5.17 -22.75
C GLU H 175 -54.53 -4.63 -21.52
N LEU H 176 -54.14 -5.12 -20.34
CA LEU H 176 -54.85 -4.84 -19.10
C LEU H 176 -54.69 -3.38 -18.69
N ILE H 177 -53.53 -2.77 -18.97
CA ILE H 177 -53.29 -1.39 -18.58
C ILE H 177 -54.31 -0.50 -19.31
FE1 SF4 I . 26.31 -9.57 5.58
FE2 SF4 I . 25.22 -11.67 4.27
FE3 SF4 I . 23.67 -9.49 4.92
FE4 SF4 I . 24.50 -11.22 6.88
S1 SF4 I . 23.09 -11.70 5.15
S2 SF4 I . 24.58 -8.92 6.91
S3 SF4 I . 26.54 -11.80 6.08
S4 SF4 I . 25.44 -9.53 3.47
N1' TPP J . 9.24 -1.54 3.93
C2' TPP J . 9.03 -1.64 2.62
CM2 TPP J . 7.61 -1.58 2.16
N3' TPP J . 9.98 -1.80 1.70
C4' TPP J . 11.25 -1.86 2.13
N4' TPP J . 12.20 -2.02 1.20
C5' TPP J . 11.58 -1.78 3.51
C6' TPP J . 10.51 -1.59 4.36
C7' TPP J . 13.00 -1.80 4.03
N3 TPP J . 13.71 -3.07 3.88
C2 TPP J . 14.30 -3.48 2.72
S1 TPP J . 15.08 -4.95 2.95
C5 TPP J . 14.69 -5.07 4.57
C4 TPP J . 13.96 -3.97 4.95
CM4 TPP J . 13.42 -3.71 6.33
C6 TPP J . 15.12 -6.19 5.45
C7 TPP J . 15.27 -7.49 4.73
O7 TPP J . 15.25 -8.50 5.76
PA TPP J . 15.08 -10.03 5.33
O1A TPP J . 13.90 -10.14 4.42
O2A TPP J . 15.20 -10.86 6.58
O3A TPP J . 16.40 -10.20 4.45
PB TPP J . 17.94 -10.14 4.93
O1B TPP J . 18.43 -8.75 4.56
O2B TPP J . 18.63 -11.22 4.13
O3B TPP J . 17.89 -10.43 6.43
MG MG K . 16.77 -11.70 7.54
FE1 SF4 L . -27.13 -8.89 2.55
FE2 SF4 L . -26.14 -9.40 5.01
FE3 SF4 L . -24.46 -8.51 3.01
FE4 SF4 L . -25.48 -11.08 2.95
S1 SF4 L . -24.04 -10.20 4.49
S2 SF4 L . -25.40 -9.55 1.22
S3 SF4 L . -27.53 -10.73 3.83
S4 SF4 L . -26.20 -7.36 3.97
N1' TPP M . -9.57 -3.38 -1.74
C2' TPP M . -9.31 -2.49 -0.77
CM2 TPP M . -7.88 -2.20 -0.46
N3' TPP M . -10.24 -1.85 -0.06
C4' TPP M . -11.53 -2.10 -0.36
N4' TPP M . -12.45 -1.43 0.37
C5' TPP M . -11.90 -3.04 -1.34
C6' TPP M . -10.86 -3.63 -2.02
C7' TPP M . -13.33 -3.34 -1.72
N3 TPP M . -14.12 -4.05 -0.71
C2 TPP M . -14.72 -3.43 0.33
S1 TPP M . -15.60 -4.54 1.23
C5 TPP M . -15.25 -5.85 0.24
C4 TPP M . -14.43 -5.43 -0.79
CM4 TPP M . -13.91 -6.31 -1.90
C6 TPP M . -15.78 -7.21 0.47
C7 TPP M . -15.91 -7.57 1.91
O7 TPP M . -16.01 -9.00 1.94
PA TPP M . -15.93 -9.75 3.35
O1A TPP M . -14.75 -9.21 4.09
O2A TPP M . -16.14 -11.22 3.14
O3A TPP M . -17.25 -9.14 4.04
PB TPP M . -18.78 -9.33 3.62
O1B TPP M . -19.13 -8.10 2.82
O2B TPP M . -19.51 -9.42 4.94
O3B TPP M . -18.80 -10.64 2.83
MG MG N . -17.79 -12.38 3.07
FE1 SF4 O . 35.79 -18.85 -0.36
FE2 SF4 O . 37.74 -19.89 1.26
FE3 SF4 O . 36.14 -17.77 2.09
FE4 SF4 O . 38.05 -17.41 0.16
S1 SF4 O . 38.45 -17.98 2.31
S2 SF4 O . 35.88 -16.63 0.18
S3 SF4 O . 37.93 -19.40 -0.94
S4 SF4 O . 35.48 -19.90 1.61
FE1 SF4 P . 41.03 -30.93 0.06
FE2 SF4 P . 38.55 -31.49 1.01
FE3 SF4 P . 39.09 -28.98 0.07
FE4 SF4 P . 40.18 -29.86 2.44
S1 SF4 P . 37.96 -29.48 1.98
S2 SF4 P . 41.25 -28.76 0.78
S3 SF4 P . 40.55 -32.08 1.96
S4 SF4 P . 39.08 -30.94 -1.11
FE1 SF4 Q . -37.00 -10.16 13.15
FE2 SF4 Q . -39.06 -11.93 12.73
FE3 SF4 Q . -37.34 -11.22 10.67
FE4 SF4 Q . -39.18 -9.44 11.67
S1 SF4 Q . -39.65 -11.37 10.59
S2 SF4 Q . -36.97 -9.04 11.16
S3 SF4 Q . -39.15 -9.99 13.88
S4 SF4 Q . -36.80 -12.34 12.57
FE1 SF4 R . -43.01 -18.27 21.57
FE2 SF4 R . -40.59 -19.52 21.43
FE3 SF4 R . -40.96 -17.10 20.20
FE4 SF4 R . -42.15 -19.36 19.21
S1 SF4 R . -39.91 -18.91 19.33
S2 SF4 R . -43.12 -17.34 19.49
S3 SF4 R . -42.65 -20.48 21.16
S4 SF4 R . -41.02 -17.55 22.45
#